data_2CQU
#
_entry.id   2CQU
#
_entity_poly.entity_id   1
_entity_poly.type   'polypeptide(L)'
_entity_poly.pdbx_seq_one_letter_code
;GSSGSSGMNRTAMRASQKDFENSMNQVKLLKKDPGNEVKLKLYALYKQATEGPCNMPKPGVFDLINKAKWDAWNALGSLP
KEAARQNYVDLVSSLSPSLESSSQVEPGTDSGPSSG
;
_entity_poly.pdbx_strand_id   A
#
# COMPACT_ATOMS: atom_id res chain seq x y z
N GLY A 1 0.74 -2.60 -25.92
CA GLY A 1 -0.28 -2.09 -25.01
C GLY A 1 -0.38 -2.92 -23.74
N SER A 2 -0.58 -2.24 -22.61
CA SER A 2 -0.70 -2.91 -21.33
C SER A 2 -2.14 -2.96 -20.86
N SER A 3 -2.52 -4.08 -20.22
CA SER A 3 -3.88 -4.26 -19.74
C SER A 3 -3.95 -5.41 -18.74
N GLY A 4 -5.12 -5.61 -18.16
CA GLY A 4 -5.29 -6.68 -17.19
C GLY A 4 -5.31 -8.05 -17.84
N SER A 5 -5.52 -9.09 -17.03
CA SER A 5 -5.55 -10.45 -17.53
C SER A 5 -6.85 -11.14 -17.15
N SER A 6 -7.25 -10.98 -15.89
CA SER A 6 -8.48 -11.60 -15.39
C SER A 6 -9.64 -10.60 -15.42
N GLY A 7 -9.39 -9.41 -14.88
CA GLY A 7 -10.41 -8.39 -14.85
C GLY A 7 -10.19 -7.38 -13.74
N MET A 8 -9.63 -6.22 -14.10
CA MET A 8 -9.37 -5.17 -13.12
C MET A 8 -10.66 -4.46 -12.72
N ASN A 9 -11.15 -4.75 -11.52
CA ASN A 9 -12.37 -4.14 -11.02
C ASN A 9 -12.08 -3.25 -9.81
N ARG A 10 -12.91 -2.22 -9.64
CA ARG A 10 -12.75 -1.29 -8.52
C ARG A 10 -14.00 -1.25 -7.66
N THR A 11 -15.13 -0.90 -8.27
CA THR A 11 -16.39 -0.82 -7.57
C THR A 11 -16.36 0.27 -6.49
N ALA A 12 -15.78 1.41 -6.85
CA ALA A 12 -15.68 2.53 -5.92
C ALA A 12 -15.08 2.10 -4.59
N MET A 13 -14.12 1.17 -4.66
CA MET A 13 -13.46 0.66 -3.46
C MET A 13 -12.17 1.42 -3.20
N ARG A 14 -12.04 1.96 -2.00
CA ARG A 14 -10.85 2.72 -1.62
C ARG A 14 -10.29 2.21 -0.29
N ALA A 15 -8.97 2.32 -0.13
CA ALA A 15 -8.31 1.88 1.09
C ALA A 15 -8.15 3.03 2.07
N SER A 16 -8.80 2.90 3.23
CA SER A 16 -8.74 3.94 4.25
C SER A 16 -7.53 3.72 5.17
N GLN A 17 -7.22 4.73 5.97
CA GLN A 17 -6.09 4.67 6.89
C GLN A 17 -6.14 3.38 7.71
N LYS A 18 -7.35 2.99 8.12
CA LYS A 18 -7.53 1.77 8.91
C LYS A 18 -6.97 0.56 8.18
N ASP A 19 -7.42 0.35 6.94
CA ASP A 19 -6.96 -0.78 6.14
C ASP A 19 -5.43 -0.83 6.10
N PHE A 20 -4.81 0.34 5.93
CA PHE A 20 -3.36 0.43 5.87
C PHE A 20 -2.73 -0.01 7.20
N GLU A 21 -3.09 0.68 8.28
CA GLU A 21 -2.56 0.36 9.59
C GLU A 21 -2.57 -1.15 9.84
N ASN A 22 -3.57 -1.82 9.29
CA ASN A 22 -3.70 -3.27 9.45
C ASN A 22 -2.74 -4.00 8.52
N SER A 23 -2.71 -3.58 7.26
CA SER A 23 -1.83 -4.20 6.27
C SER A 23 -0.38 -4.16 6.73
N MET A 24 0.11 -2.96 7.03
CA MET A 24 1.48 -2.79 7.48
C MET A 24 1.79 -3.70 8.66
N ASN A 25 0.78 -3.94 9.50
CA ASN A 25 0.95 -4.80 10.66
C ASN A 25 1.10 -6.26 10.24
N GLN A 26 0.23 -6.71 9.35
CA GLN A 26 0.28 -8.08 8.88
C GLN A 26 1.65 -8.42 8.30
N VAL A 27 2.30 -7.42 7.72
CA VAL A 27 3.62 -7.59 7.13
C VAL A 27 4.67 -7.87 8.20
N LYS A 28 4.29 -7.63 9.46
CA LYS A 28 5.20 -7.85 10.58
C LYS A 28 4.82 -9.11 11.35
N LEU A 29 3.55 -9.49 11.26
CA LEU A 29 3.06 -10.68 11.95
C LEU A 29 3.47 -11.94 11.21
N LEU A 30 3.86 -11.78 9.95
CA LEU A 30 4.29 -12.92 9.13
C LEU A 30 5.67 -13.41 9.55
N LYS A 31 5.80 -14.73 9.70
CA LYS A 31 7.07 -15.32 10.09
C LYS A 31 7.81 -15.89 8.89
N LYS A 32 7.28 -15.62 7.70
CA LYS A 32 7.89 -16.10 6.46
C LYS A 32 8.82 -15.04 5.87
N ASP A 33 9.74 -15.48 5.02
CA ASP A 33 10.69 -14.58 4.39
C ASP A 33 10.49 -14.55 2.88
N PRO A 34 9.67 -13.60 2.41
CA PRO A 34 9.38 -13.44 0.98
C PRO A 34 10.57 -12.94 0.19
N GLY A 35 11.41 -12.13 0.84
CA GLY A 35 12.59 -11.59 0.19
C GLY A 35 12.66 -10.08 0.27
N ASN A 36 13.87 -9.55 0.28
CA ASN A 36 14.07 -8.11 0.36
C ASN A 36 13.37 -7.38 -0.79
N GLU A 37 12.93 -8.15 -1.78
CA GLU A 37 12.24 -7.60 -2.93
C GLU A 37 10.94 -6.92 -2.51
N VAL A 38 10.16 -7.62 -1.68
CA VAL A 38 8.89 -7.09 -1.20
C VAL A 38 9.09 -6.11 -0.05
N LYS A 39 10.03 -6.44 0.84
CA LYS A 39 10.32 -5.59 1.99
C LYS A 39 10.54 -4.15 1.56
N LEU A 40 10.89 -3.96 0.28
CA LEU A 40 11.12 -2.62 -0.26
C LEU A 40 9.84 -2.04 -0.84
N LYS A 41 9.11 -2.86 -1.59
CA LYS A 41 7.86 -2.43 -2.20
C LYS A 41 6.89 -1.93 -1.15
N LEU A 42 7.00 -2.48 0.06
CA LEU A 42 6.12 -2.10 1.17
C LEU A 42 6.56 -0.76 1.76
N TYR A 43 7.85 -0.48 1.67
CA TYR A 43 8.39 0.78 2.20
C TYR A 43 8.23 1.91 1.20
N ALA A 44 8.26 1.57 -0.09
CA ALA A 44 8.12 2.56 -1.14
C ALA A 44 6.79 3.30 -1.03
N LEU A 45 5.72 2.56 -0.76
CA LEU A 45 4.39 3.13 -0.62
C LEU A 45 4.26 3.89 0.69
N TYR A 46 4.70 3.26 1.78
CA TYR A 46 4.63 3.88 3.10
C TYR A 46 5.09 5.33 3.04
N LYS A 47 6.30 5.54 2.56
CA LYS A 47 6.87 6.89 2.45
C LYS A 47 6.11 7.71 1.42
N GLN A 48 5.36 7.02 0.55
CA GLN A 48 4.58 7.70 -0.47
C GLN A 48 3.24 8.18 0.07
N ALA A 49 2.72 7.44 1.04
CA ALA A 49 1.44 7.79 1.65
C ALA A 49 1.64 8.57 2.94
N THR A 50 2.89 8.95 3.22
CA THR A 50 3.23 9.70 4.42
C THR A 50 4.00 10.96 4.08
N GLU A 51 4.94 10.84 3.13
CA GLU A 51 5.75 11.98 2.72
C GLU A 51 5.39 12.42 1.31
N GLY A 52 5.11 11.45 0.44
CA GLY A 52 4.75 11.76 -0.93
C GLY A 52 5.77 11.23 -1.92
N PRO A 53 5.99 11.98 -3.02
CA PRO A 53 6.93 11.60 -4.07
C PRO A 53 8.37 11.68 -3.61
N CYS A 54 9.18 10.70 -4.00
CA CYS A 54 10.59 10.67 -3.62
C CYS A 54 11.25 12.01 -3.88
N ASN A 55 11.51 12.76 -2.82
CA ASN A 55 12.14 14.07 -2.93
C ASN A 55 13.45 14.11 -2.15
N MET A 56 13.98 12.94 -1.84
CA MET A 56 15.23 12.84 -1.10
C MET A 56 16.42 12.69 -2.05
N PRO A 57 17.61 13.07 -1.58
CA PRO A 57 18.85 12.99 -2.38
C PRO A 57 19.29 11.55 -2.62
N LYS A 58 19.70 11.25 -3.85
CA LYS A 58 20.15 9.91 -4.20
C LYS A 58 21.36 9.52 -3.37
N PRO A 59 21.27 8.36 -2.71
CA PRO A 59 22.35 7.83 -1.87
C PRO A 59 23.56 7.38 -2.69
N GLY A 60 24.68 7.13 -2.01
CA GLY A 60 25.88 6.70 -2.70
C GLY A 60 25.92 5.20 -2.89
N VAL A 61 26.55 4.75 -3.97
CA VAL A 61 26.66 3.34 -4.27
C VAL A 61 27.00 2.54 -3.02
N PHE A 62 28.08 2.94 -2.35
CA PHE A 62 28.51 2.26 -1.13
C PHE A 62 27.34 2.03 -0.18
N ASP A 63 26.38 2.94 -0.21
CA ASP A 63 25.19 2.83 0.64
C ASP A 63 24.13 1.97 -0.02
N LEU A 64 24.42 0.68 -0.18
CA LEU A 64 23.48 -0.24 -0.80
C LEU A 64 22.14 -0.22 -0.08
N ILE A 65 22.20 -0.17 1.25
CA ILE A 65 20.98 -0.15 2.05
C ILE A 65 20.03 0.96 1.59
N ASN A 66 20.53 2.19 1.58
CA ASN A 66 19.74 3.33 1.16
C ASN A 66 19.35 3.22 -0.32
N LYS A 67 20.36 3.02 -1.16
CA LYS A 67 20.13 2.89 -2.59
C LYS A 67 18.99 1.92 -2.88
N ALA A 68 18.92 0.85 -2.10
CA ALA A 68 17.88 -0.15 -2.26
C ALA A 68 16.50 0.47 -2.10
N LYS A 69 16.34 1.28 -1.05
CA LYS A 69 15.06 1.93 -0.78
C LYS A 69 14.80 3.05 -1.78
N TRP A 70 15.79 3.92 -1.97
CA TRP A 70 15.66 5.03 -2.90
C TRP A 70 15.03 4.57 -4.20
N ASP A 71 15.51 3.46 -4.73
CA ASP A 71 14.99 2.92 -5.98
C ASP A 71 13.54 2.43 -5.81
N ALA A 72 13.20 2.06 -4.58
CA ALA A 72 11.86 1.59 -4.28
C ALA A 72 10.87 2.74 -4.17
N TRP A 73 11.24 3.74 -3.37
CA TRP A 73 10.38 4.92 -3.17
C TRP A 73 10.42 5.83 -4.40
N ASN A 74 11.55 5.83 -5.08
CA ASN A 74 11.71 6.67 -6.27
C ASN A 74 10.79 6.20 -7.40
N ALA A 75 10.81 4.91 -7.68
CA ALA A 75 9.97 4.33 -8.72
C ALA A 75 8.59 4.98 -8.73
N LEU A 76 7.96 5.04 -7.56
CA LEU A 76 6.63 5.63 -7.44
C LEU A 76 6.52 6.90 -8.28
N GLY A 77 7.46 7.82 -8.07
CA GLY A 77 7.45 9.06 -8.83
C GLY A 77 6.50 10.09 -8.24
N SER A 78 5.52 10.52 -9.03
CA SER A 78 4.56 11.52 -8.58
C SER A 78 3.28 10.84 -8.07
N LEU A 79 3.43 9.64 -7.52
CA LEU A 79 2.29 8.90 -7.00
C LEU A 79 1.69 9.59 -5.77
N PRO A 80 0.40 9.93 -5.87
CA PRO A 80 -0.32 10.60 -4.77
C PRO A 80 -0.54 9.68 -3.59
N LYS A 81 -0.49 10.26 -2.39
CA LYS A 81 -0.69 9.48 -1.16
C LYS A 81 -1.95 8.64 -1.25
N GLU A 82 -3.06 9.27 -1.62
CA GLU A 82 -4.33 8.58 -1.74
C GLU A 82 -4.16 7.23 -2.44
N ALA A 83 -3.31 7.21 -3.47
CA ALA A 83 -3.05 5.99 -4.23
C ALA A 83 -2.00 5.14 -3.54
N ALA A 84 -0.98 5.81 -2.98
CA ALA A 84 0.10 5.11 -2.28
C ALA A 84 -0.46 4.12 -1.26
N ARG A 85 -1.38 4.59 -0.42
CA ARG A 85 -1.98 3.74 0.60
C ARG A 85 -2.70 2.55 -0.04
N GLN A 86 -3.42 2.81 -1.13
CA GLN A 86 -4.16 1.76 -1.83
C GLN A 86 -3.21 0.69 -2.34
N ASN A 87 -2.04 1.10 -2.80
CA ASN A 87 -1.04 0.17 -3.33
C ASN A 87 -0.43 -0.65 -2.21
N TYR A 88 -0.13 0.01 -1.09
CA TYR A 88 0.47 -0.66 0.06
C TYR A 88 -0.42 -1.82 0.53
N VAL A 89 -1.68 -1.51 0.79
CA VAL A 89 -2.63 -2.52 1.25
C VAL A 89 -2.88 -3.58 0.18
N ASP A 90 -3.11 -3.12 -1.05
CA ASP A 90 -3.35 -4.02 -2.17
C ASP A 90 -2.30 -5.11 -2.23
N LEU A 91 -1.12 -4.83 -1.69
CA LEU A 91 -0.02 -5.79 -1.69
C LEU A 91 -0.18 -6.77 -0.52
N VAL A 92 -0.15 -6.25 0.69
CA VAL A 92 -0.28 -7.09 1.89
C VAL A 92 -1.43 -8.07 1.73
N SER A 93 -2.51 -7.64 1.08
CA SER A 93 -3.67 -8.49 0.87
C SER A 93 -3.35 -9.62 -0.10
N SER A 94 -2.45 -9.35 -1.04
CA SER A 94 -2.06 -10.35 -2.04
C SER A 94 -1.31 -11.50 -1.38
N LEU A 95 -0.49 -11.18 -0.39
CA LEU A 95 0.28 -12.20 0.33
C LEU A 95 -0.64 -13.11 1.13
N SER A 96 -1.55 -12.51 1.89
CA SER A 96 -2.48 -13.26 2.72
C SER A 96 -3.75 -13.59 1.93
N PRO A 97 -4.14 -14.87 1.94
CA PRO A 97 -5.34 -15.34 1.23
C PRO A 97 -6.62 -14.85 1.89
N SER A 98 -6.73 -15.06 3.20
CA SER A 98 -7.91 -14.65 3.95
C SER A 98 -7.72 -13.25 4.52
N LEU A 99 -8.77 -12.44 4.44
CA LEU A 99 -8.73 -11.07 4.96
C LEU A 99 -10.13 -10.46 4.99
N GLU A 100 -10.55 -10.02 6.17
CA GLU A 100 -11.87 -9.41 6.35
C GLU A 100 -11.79 -7.90 6.19
N SER A 101 -11.98 -7.43 4.96
CA SER A 101 -11.92 -6.00 4.67
C SER A 101 -13.02 -5.25 5.43
N SER A 102 -12.72 -4.90 6.69
CA SER A 102 -13.68 -4.18 7.52
C SER A 102 -13.54 -2.68 7.34
N SER A 103 -14.23 -2.14 6.33
CA SER A 103 -14.18 -0.72 6.04
C SER A 103 -15.35 0.01 6.70
N GLN A 104 -15.10 0.58 7.87
CA GLN A 104 -16.14 1.31 8.60
C GLN A 104 -15.64 2.70 9.01
N VAL A 105 -16.56 3.65 9.07
CA VAL A 105 -16.22 5.01 9.45
C VAL A 105 -17.44 5.75 9.99
N GLU A 106 -17.20 6.68 10.91
CA GLU A 106 -18.28 7.46 11.51
C GLU A 106 -18.42 8.81 10.83
N PRO A 107 -19.67 9.28 10.70
CA PRO A 107 -19.97 10.57 10.05
C PRO A 107 -19.52 11.75 10.89
N GLY A 108 -19.44 11.55 12.21
CA GLY A 108 -19.02 12.61 13.10
C GLY A 108 -19.90 13.84 13.00
N THR A 109 -19.52 14.91 13.70
CA THR A 109 -20.27 16.15 13.69
C THR A 109 -19.35 17.36 13.58
N ASP A 110 -19.41 18.04 12.45
CA ASP A 110 -18.58 19.22 12.24
C ASP A 110 -19.07 20.39 13.09
N SER A 111 -18.21 21.39 13.26
CA SER A 111 -18.55 22.57 14.05
C SER A 111 -18.86 23.76 13.15
N GLY A 112 -19.77 24.62 13.61
CA GLY A 112 -20.13 25.79 12.84
C GLY A 112 -19.25 26.99 13.14
N PRO A 113 -19.06 27.86 12.13
CA PRO A 113 -18.24 29.05 12.27
C PRO A 113 -18.88 30.09 13.18
N SER A 114 -18.52 30.06 14.46
CA SER A 114 -19.06 31.00 15.43
C SER A 114 -17.97 31.49 16.38
N SER A 115 -17.95 32.79 16.62
CA SER A 115 -16.96 33.40 17.51
C SER A 115 -17.63 34.13 18.67
N GLY A 116 -16.94 34.20 19.79
CA GLY A 116 -17.49 34.88 20.96
C GLY A 116 -17.57 36.38 20.76
N GLY A 1 -23.16 -20.28 -19.85
CA GLY A 1 -22.64 -20.32 -21.19
C GLY A 1 -22.24 -21.72 -21.63
N SER A 2 -20.93 -21.96 -21.68
CA SER A 2 -20.42 -23.26 -22.08
C SER A 2 -19.76 -23.98 -20.90
N SER A 3 -19.64 -25.30 -21.00
CA SER A 3 -19.04 -26.09 -19.95
C SER A 3 -17.52 -26.07 -20.06
N GLY A 4 -16.89 -25.08 -19.42
CA GLY A 4 -15.45 -24.97 -19.46
C GLY A 4 -14.89 -24.18 -18.28
N SER A 5 -13.67 -23.69 -18.44
CA SER A 5 -13.02 -22.92 -17.37
C SER A 5 -12.94 -21.45 -17.76
N SER A 6 -12.84 -20.58 -16.74
CA SER A 6 -12.76 -19.15 -16.97
C SER A 6 -11.54 -18.55 -16.28
N GLY A 7 -10.91 -17.59 -16.93
CA GLY A 7 -9.73 -16.94 -16.36
C GLY A 7 -10.09 -15.83 -15.40
N MET A 8 -9.53 -15.90 -14.19
CA MET A 8 -9.80 -14.89 -13.17
C MET A 8 -9.12 -13.57 -13.53
N ASN A 9 -9.50 -12.51 -12.83
CA ASN A 9 -8.94 -11.19 -13.07
C ASN A 9 -8.52 -10.53 -11.77
N ARG A 10 -8.01 -9.30 -11.87
CA ARG A 10 -7.56 -8.56 -10.70
C ARG A 10 -8.14 -7.15 -10.69
N THR A 11 -8.60 -6.71 -9.53
CA THR A 11 -9.18 -5.38 -9.38
C THR A 11 -8.72 -4.72 -8.09
N ALA A 12 -8.55 -3.40 -8.13
CA ALA A 12 -8.13 -2.64 -6.96
C ALA A 12 -9.32 -2.14 -6.16
N MET A 13 -9.36 -2.52 -4.88
CA MET A 13 -10.46 -2.10 -4.01
C MET A 13 -10.04 -0.94 -3.12
N ARG A 14 -10.62 0.23 -3.37
CA ARG A 14 -10.30 1.43 -2.59
C ARG A 14 -10.00 1.07 -1.14
N ALA A 15 -8.90 1.58 -0.62
CA ALA A 15 -8.50 1.32 0.76
C ALA A 15 -8.46 2.61 1.57
N SER A 16 -8.69 2.48 2.87
CA SER A 16 -8.68 3.64 3.77
C SER A 16 -7.54 3.54 4.77
N GLN A 17 -7.30 4.63 5.49
CA GLN A 17 -6.24 4.67 6.49
C GLN A 17 -6.27 3.43 7.38
N LYS A 18 -7.38 3.26 8.09
CA LYS A 18 -7.54 2.11 8.98
C LYS A 18 -7.08 0.83 8.30
N ASP A 19 -7.54 0.62 7.07
CA ASP A 19 -7.19 -0.56 6.31
C ASP A 19 -5.67 -0.68 6.17
N PHE A 20 -5.01 0.46 6.02
CA PHE A 20 -3.55 0.49 5.87
C PHE A 20 -2.87 -0.06 7.13
N GLU A 21 -3.11 0.61 8.25
CA GLU A 21 -2.51 0.20 9.51
C GLU A 21 -2.71 -1.29 9.75
N ASN A 22 -3.77 -1.84 9.17
CA ASN A 22 -4.07 -3.27 9.32
C ASN A 22 -3.16 -4.11 8.41
N SER A 23 -3.06 -3.70 7.15
CA SER A 23 -2.23 -4.41 6.19
C SER A 23 -0.77 -4.46 6.64
N MET A 24 -0.20 -3.28 6.87
CA MET A 24 1.19 -3.19 7.30
C MET A 24 1.46 -4.12 8.48
N ASN A 25 0.46 -4.25 9.36
CA ASN A 25 0.59 -5.11 10.53
C ASN A 25 0.74 -6.56 10.11
N GLN A 26 -0.12 -7.02 9.20
CA GLN A 26 -0.07 -8.40 8.72
C GLN A 26 1.33 -8.77 8.27
N VAL A 27 1.99 -7.84 7.58
CA VAL A 27 3.35 -8.08 7.08
C VAL A 27 4.32 -8.31 8.23
N LYS A 28 3.98 -7.77 9.40
CA LYS A 28 4.83 -7.92 10.58
C LYS A 28 4.44 -9.18 11.36
N LEU A 29 3.25 -9.68 11.11
CA LEU A 29 2.76 -10.88 11.79
C LEU A 29 3.48 -12.12 11.29
N LEU A 30 3.62 -12.22 9.97
CA LEU A 30 4.29 -13.37 9.36
C LEU A 30 5.75 -13.42 9.79
N LYS A 31 6.19 -14.59 10.24
CA LYS A 31 7.57 -14.79 10.67
C LYS A 31 8.38 -15.50 9.59
N LYS A 32 7.86 -15.49 8.36
CA LYS A 32 8.53 -16.14 7.24
C LYS A 32 9.04 -15.09 6.25
N ASP A 33 10.21 -14.53 6.53
CA ASP A 33 10.80 -13.52 5.66
C ASP A 33 10.60 -13.89 4.19
N PRO A 34 9.78 -13.12 3.48
CA PRO A 34 9.49 -13.36 2.06
C PRO A 34 10.70 -13.06 1.17
N GLY A 35 11.28 -11.87 1.35
CA GLY A 35 12.43 -11.49 0.56
C GLY A 35 12.63 -9.98 0.52
N ASN A 36 13.88 -9.55 0.47
CA ASN A 36 14.21 -8.14 0.44
C ASN A 36 13.50 -7.44 -0.73
N GLU A 37 13.05 -8.23 -1.69
CA GLU A 37 12.35 -7.70 -2.86
C GLU A 37 11.04 -7.03 -2.44
N VAL A 38 10.28 -7.69 -1.58
CA VAL A 38 9.01 -7.17 -1.10
C VAL A 38 9.22 -6.15 0.02
N LYS A 39 10.17 -6.45 0.90
CA LYS A 39 10.47 -5.56 2.03
C LYS A 39 10.70 -4.13 1.54
N LEU A 40 11.04 -3.99 0.27
CA LEU A 40 11.29 -2.68 -0.32
C LEU A 40 10.01 -2.09 -0.91
N LYS A 41 9.26 -2.92 -1.62
CA LYS A 41 8.01 -2.49 -2.23
C LYS A 41 7.03 -1.98 -1.17
N LEU A 42 7.10 -2.58 0.02
CA LEU A 42 6.23 -2.18 1.12
C LEU A 42 6.67 -0.86 1.72
N TYR A 43 7.96 -0.55 1.58
CA TYR A 43 8.51 0.69 2.12
C TYR A 43 8.34 1.83 1.12
N ALA A 44 8.36 1.50 -0.16
CA ALA A 44 8.21 2.51 -1.22
C ALA A 44 6.89 3.25 -1.08
N LEU A 45 5.81 2.49 -0.86
CA LEU A 45 4.49 3.08 -0.71
C LEU A 45 4.37 3.82 0.62
N TYR A 46 4.85 3.20 1.69
CA TYR A 46 4.80 3.79 3.01
C TYR A 46 5.28 5.24 2.98
N LYS A 47 6.49 5.45 2.46
CA LYS A 47 7.06 6.79 2.38
C LYS A 47 6.30 7.63 1.37
N GLN A 48 5.47 6.98 0.56
CA GLN A 48 4.67 7.68 -0.44
C GLN A 48 3.33 8.13 0.14
N ALA A 49 2.81 7.35 1.08
CA ALA A 49 1.54 7.66 1.71
C ALA A 49 1.74 8.41 3.03
N THR A 50 2.99 8.82 3.29
CA THR A 50 3.31 9.54 4.50
C THR A 50 4.07 10.82 4.20
N GLU A 51 4.98 10.76 3.23
CA GLU A 51 5.77 11.92 2.84
C GLU A 51 5.39 12.39 1.44
N GLY A 52 5.15 11.44 0.54
CA GLY A 52 4.79 11.77 -0.82
C GLY A 52 5.79 11.26 -1.83
N PRO A 53 6.01 12.05 -2.89
CA PRO A 53 6.95 11.70 -3.97
C PRO A 53 8.41 11.76 -3.49
N CYS A 54 9.20 10.78 -3.91
CA CYS A 54 10.61 10.73 -3.54
C CYS A 54 11.29 12.08 -3.78
N ASN A 55 11.55 12.81 -2.70
CA ASN A 55 12.19 14.11 -2.79
C ASN A 55 13.51 14.12 -2.03
N MET A 56 14.05 12.93 -1.77
CA MET A 56 15.31 12.81 -1.04
C MET A 56 16.49 12.71 -2.02
N PRO A 57 17.68 13.11 -1.55
CA PRO A 57 18.89 13.07 -2.36
C PRO A 57 19.38 11.65 -2.63
N LYS A 58 19.69 11.36 -3.88
CA LYS A 58 20.15 10.03 -4.27
C LYS A 58 21.42 9.66 -3.51
N PRO A 59 21.35 8.54 -2.77
CA PRO A 59 22.49 8.05 -1.98
C PRO A 59 23.63 7.54 -2.85
N GLY A 60 24.78 7.29 -2.23
CA GLY A 60 25.92 6.79 -2.97
C GLY A 60 25.84 5.29 -3.24
N VAL A 61 26.56 4.84 -4.25
CA VAL A 61 26.56 3.42 -4.60
C VAL A 61 26.93 2.56 -3.40
N PHE A 62 28.05 2.88 -2.76
CA PHE A 62 28.50 2.13 -1.60
C PHE A 62 27.39 1.99 -0.57
N ASP A 63 26.39 2.88 -0.65
CA ASP A 63 25.27 2.85 0.28
C ASP A 63 24.14 1.98 -0.27
N LEU A 64 24.50 0.84 -0.84
CA LEU A 64 23.52 -0.08 -1.40
C LEU A 64 22.26 -0.14 -0.54
N ILE A 65 22.45 -0.02 0.77
CA ILE A 65 21.34 -0.05 1.71
C ILE A 65 20.33 1.06 1.40
N ASN A 66 20.82 2.28 1.31
CA ASN A 66 19.97 3.43 1.03
C ASN A 66 19.59 3.47 -0.46
N LYS A 67 20.52 3.03 -1.30
CA LYS A 67 20.29 3.02 -2.74
C LYS A 67 19.14 2.09 -3.11
N ALA A 68 19.03 0.99 -2.37
CA ALA A 68 17.97 0.01 -2.62
C ALA A 68 16.59 0.63 -2.39
N LYS A 69 16.43 1.31 -1.25
CA LYS A 69 15.17 1.95 -0.93
C LYS A 69 14.87 3.11 -1.87
N TRP A 70 15.87 3.97 -2.08
CA TRP A 70 15.71 5.11 -2.96
C TRP A 70 15.08 4.70 -4.28
N ASP A 71 15.52 3.57 -4.82
CA ASP A 71 15.00 3.05 -6.08
C ASP A 71 13.58 2.54 -5.91
N ALA A 72 13.24 2.12 -4.69
CA ALA A 72 11.91 1.61 -4.40
C ALA A 72 10.91 2.75 -4.25
N TRP A 73 11.31 3.78 -3.52
CA TRP A 73 10.45 4.94 -3.30
C TRP A 73 10.48 5.89 -4.49
N ASN A 74 11.63 5.94 -5.16
CA ASN A 74 11.80 6.81 -6.32
C ASN A 74 10.86 6.40 -7.44
N ALA A 75 10.80 5.10 -7.70
CA ALA A 75 9.94 4.57 -8.76
C ALA A 75 8.54 5.16 -8.68
N LEU A 76 8.01 5.26 -7.47
CA LEU A 76 6.67 5.82 -7.26
C LEU A 76 6.50 7.10 -8.06
N GLY A 77 7.44 8.03 -7.90
CA GLY A 77 7.37 9.29 -8.61
C GLY A 77 6.38 10.25 -7.99
N SER A 78 5.53 10.87 -8.81
CA SER A 78 4.55 11.82 -8.33
C SER A 78 3.30 11.10 -7.84
N LEU A 79 3.48 9.92 -7.27
CA LEU A 79 2.36 9.13 -6.77
C LEU A 79 1.77 9.76 -5.51
N PRO A 80 0.46 10.07 -5.56
CA PRO A 80 -0.25 10.68 -4.44
C PRO A 80 -0.42 9.72 -3.27
N LYS A 81 -0.57 10.27 -2.07
CA LYS A 81 -0.74 9.47 -0.86
C LYS A 81 -1.97 8.58 -0.98
N GLU A 82 -3.10 9.18 -1.35
CA GLU A 82 -4.34 8.44 -1.49
C GLU A 82 -4.13 7.14 -2.27
N ALA A 83 -3.29 7.22 -3.31
CA ALA A 83 -2.99 6.06 -4.12
C ALA A 83 -1.89 5.21 -3.50
N ALA A 84 -0.90 5.87 -2.92
CA ALA A 84 0.21 5.16 -2.29
C ALA A 84 -0.30 4.11 -1.30
N ARG A 85 -1.23 4.51 -0.46
CA ARG A 85 -1.81 3.61 0.54
C ARG A 85 -2.54 2.45 -0.14
N GLN A 86 -3.32 2.76 -1.16
CA GLN A 86 -4.07 1.75 -1.89
C GLN A 86 -3.14 0.68 -2.46
N ASN A 87 -1.94 1.09 -2.86
CA ASN A 87 -0.96 0.18 -3.42
C ASN A 87 -0.31 -0.67 -2.32
N TYR A 88 -0.07 -0.05 -1.17
CA TYR A 88 0.53 -0.74 -0.04
C TYR A 88 -0.35 -1.89 0.43
N VAL A 89 -1.64 -1.62 0.58
CA VAL A 89 -2.59 -2.63 1.02
C VAL A 89 -2.83 -3.67 -0.06
N ASP A 90 -2.79 -3.24 -1.31
CA ASP A 90 -3.00 -4.14 -2.45
C ASP A 90 -2.05 -5.32 -2.37
N LEU A 91 -0.83 -5.07 -1.90
CA LEU A 91 0.18 -6.12 -1.80
C LEU A 91 -0.13 -7.05 -0.62
N VAL A 92 -0.15 -6.48 0.58
CA VAL A 92 -0.43 -7.25 1.79
C VAL A 92 -1.66 -8.15 1.59
N SER A 93 -2.62 -7.66 0.82
CA SER A 93 -3.84 -8.41 0.55
C SER A 93 -3.55 -9.61 -0.34
N SER A 94 -2.56 -9.47 -1.22
CA SER A 94 -2.20 -10.53 -2.14
C SER A 94 -1.58 -11.71 -1.38
N LEU A 95 -0.85 -11.41 -0.33
CA LEU A 95 -0.21 -12.44 0.49
C LEU A 95 -1.23 -13.23 1.28
N SER A 96 -2.15 -12.53 1.94
CA SER A 96 -3.19 -13.16 2.73
C SER A 96 -4.16 -13.93 1.84
N PRO A 97 -4.68 -15.05 2.36
CA PRO A 97 -5.62 -15.89 1.63
C PRO A 97 -6.98 -15.23 1.46
N SER A 98 -7.49 -14.63 2.52
CA SER A 98 -8.77 -13.96 2.50
C SER A 98 -8.90 -12.98 3.66
N LEU A 99 -9.71 -11.94 3.45
CA LEU A 99 -9.92 -10.92 4.48
C LEU A 99 -11.40 -10.61 4.64
N GLU A 100 -12.23 -11.27 3.83
CA GLU A 100 -13.67 -11.06 3.89
C GLU A 100 -14.37 -12.20 4.64
N SER A 101 -14.96 -11.88 5.78
CA SER A 101 -15.65 -12.86 6.60
C SER A 101 -17.15 -12.81 6.35
N SER A 102 -17.70 -11.61 6.33
CA SER A 102 -19.13 -11.42 6.12
C SER A 102 -19.39 -10.56 4.89
N SER A 103 -20.64 -10.53 4.44
CA SER A 103 -21.01 -9.74 3.27
C SER A 103 -20.93 -8.25 3.56
N GLN A 104 -20.26 -7.52 2.68
CA GLN A 104 -20.10 -6.07 2.85
C GLN A 104 -21.45 -5.37 2.75
N VAL A 105 -21.49 -4.11 3.17
CA VAL A 105 -22.72 -3.33 3.13
C VAL A 105 -22.95 -2.74 1.74
N GLU A 106 -24.16 -2.91 1.23
CA GLU A 106 -24.51 -2.40 -0.09
C GLU A 106 -23.88 -1.02 -0.32
N PRO A 107 -23.43 -0.78 -1.55
CA PRO A 107 -22.80 0.49 -1.93
C PRO A 107 -23.82 1.64 -1.97
N GLY A 108 -23.30 2.87 -2.02
CA GLY A 108 -24.17 4.02 -2.06
C GLY A 108 -24.77 4.36 -0.70
N THR A 109 -25.36 5.55 -0.59
CA THR A 109 -25.95 5.98 0.66
C THR A 109 -26.99 7.08 0.42
N ASP A 110 -28.08 7.03 1.18
CA ASP A 110 -29.15 8.02 1.06
C ASP A 110 -29.81 7.92 -0.31
N SER A 111 -30.08 6.69 -0.75
CA SER A 111 -30.71 6.45 -2.03
C SER A 111 -31.08 4.98 -2.19
N GLY A 112 -31.88 4.68 -3.22
CA GLY A 112 -32.29 3.32 -3.47
C GLY A 112 -33.77 3.22 -3.81
N PRO A 113 -34.60 2.95 -2.79
CA PRO A 113 -36.04 2.82 -2.95
C PRO A 113 -36.72 4.15 -3.28
N SER A 114 -37.09 4.32 -4.55
CA SER A 114 -37.74 5.55 -4.99
C SER A 114 -39.24 5.34 -5.18
N SER A 115 -40.03 6.30 -4.73
CA SER A 115 -41.49 6.22 -4.84
C SER A 115 -41.91 6.19 -6.31
N GLY A 116 -42.71 5.19 -6.67
CA GLY A 116 -43.17 5.07 -8.04
C GLY A 116 -42.05 4.76 -9.01
N GLY A 1 -21.40 -23.33 -11.13
CA GLY A 1 -21.73 -22.04 -10.56
C GLY A 1 -23.23 -21.76 -10.60
N SER A 2 -23.69 -20.88 -9.72
CA SER A 2 -25.10 -20.53 -9.66
C SER A 2 -25.57 -19.92 -10.97
N SER A 3 -24.91 -18.85 -11.39
CA SER A 3 -25.26 -18.16 -12.63
C SER A 3 -24.28 -18.53 -13.74
N GLY A 4 -23.95 -19.81 -13.82
CA GLY A 4 -23.03 -20.27 -14.85
C GLY A 4 -21.81 -19.38 -14.98
N SER A 5 -21.28 -18.94 -13.85
CA SER A 5 -20.11 -18.06 -13.86
C SER A 5 -19.34 -18.18 -12.54
N SER A 6 -18.02 -18.11 -12.63
CA SER A 6 -17.16 -18.22 -11.45
C SER A 6 -17.76 -17.44 -10.28
N GLY A 7 -18.04 -16.16 -10.50
CA GLY A 7 -18.60 -15.33 -9.46
C GLY A 7 -17.69 -14.19 -9.06
N MET A 8 -17.85 -13.05 -9.73
CA MET A 8 -17.03 -11.88 -9.44
C MET A 8 -17.62 -10.63 -10.09
N ASN A 9 -18.09 -9.70 -9.26
CA ASN A 9 -18.68 -8.46 -9.76
C ASN A 9 -17.63 -7.36 -9.86
N ARG A 10 -17.71 -6.57 -10.92
CA ARG A 10 -16.77 -5.48 -11.14
C ARG A 10 -17.22 -4.21 -10.43
N THR A 11 -16.31 -3.61 -9.66
CA THR A 11 -16.62 -2.40 -8.92
C THR A 11 -15.35 -1.75 -8.37
N ALA A 12 -15.29 -0.42 -8.45
CA ALA A 12 -14.14 0.31 -7.96
C ALA A 12 -13.93 0.10 -6.47
N MET A 13 -12.72 -0.29 -6.09
CA MET A 13 -12.39 -0.53 -4.69
C MET A 13 -11.38 0.50 -4.18
N ARG A 14 -11.72 1.18 -3.09
CA ARG A 14 -10.85 2.19 -2.51
C ARG A 14 -10.47 1.82 -1.09
N ALA A 15 -9.22 2.07 -0.73
CA ALA A 15 -8.73 1.77 0.60
C ALA A 15 -8.55 3.04 1.43
N SER A 16 -8.75 2.92 2.74
CA SER A 16 -8.60 4.06 3.64
C SER A 16 -7.40 3.88 4.56
N GLN A 17 -7.13 4.90 5.38
CA GLN A 17 -6.01 4.86 6.30
C GLN A 17 -6.08 3.63 7.19
N LYS A 18 -7.22 3.47 7.88
CA LYS A 18 -7.41 2.33 8.77
C LYS A 18 -6.97 1.03 8.10
N ASP A 19 -7.42 0.83 6.86
CA ASP A 19 -7.07 -0.37 6.10
C ASP A 19 -5.56 -0.50 5.96
N PHE A 20 -4.87 0.64 5.87
CA PHE A 20 -3.42 0.64 5.72
C PHE A 20 -2.75 0.12 7.00
N GLU A 21 -3.00 0.80 8.11
CA GLU A 21 -2.41 0.42 9.39
C GLU A 21 -2.61 -1.08 9.64
N ASN A 22 -3.68 -1.63 9.08
CA ASN A 22 -3.97 -3.05 9.24
C ASN A 22 -3.12 -3.90 8.31
N SER A 23 -3.00 -3.46 7.06
CA SER A 23 -2.21 -4.18 6.07
C SER A 23 -0.75 -4.26 6.50
N MET A 24 -0.17 -3.11 6.83
CA MET A 24 1.22 -3.05 7.26
C MET A 24 1.47 -3.98 8.44
N ASN A 25 0.49 -4.08 9.33
CA ASN A 25 0.60 -4.94 10.51
C ASN A 25 0.76 -6.40 10.10
N GLN A 26 -0.12 -6.86 9.21
CA GLN A 26 -0.07 -8.24 8.74
C GLN A 26 1.35 -8.61 8.28
N VAL A 27 1.98 -7.70 7.54
CA VAL A 27 3.33 -7.93 7.05
C VAL A 27 4.31 -8.14 8.19
N LYS A 28 4.05 -7.48 9.31
CA LYS A 28 4.91 -7.59 10.48
C LYS A 28 4.55 -8.82 11.31
N LEU A 29 3.35 -9.35 11.09
CA LEU A 29 2.89 -10.52 11.81
C LEU A 29 3.62 -11.78 11.33
N LEU A 30 3.71 -11.93 10.02
CA LEU A 30 4.39 -13.09 9.44
C LEU A 30 5.85 -13.14 9.87
N LYS A 31 6.37 -14.35 10.06
CA LYS A 31 7.76 -14.53 10.46
C LYS A 31 8.56 -15.25 9.38
N LYS A 32 7.94 -15.41 8.21
CA LYS A 32 8.59 -16.08 7.09
C LYS A 32 9.19 -15.06 6.12
N ASP A 33 10.35 -14.52 6.48
CA ASP A 33 11.02 -13.54 5.64
C ASP A 33 10.83 -13.86 4.16
N PRO A 34 9.99 -13.05 3.49
CA PRO A 34 9.69 -13.23 2.05
C PRO A 34 10.88 -12.89 1.18
N GLY A 35 11.52 -11.76 1.46
CA GLY A 35 12.67 -11.35 0.68
C GLY A 35 12.77 -9.84 0.55
N ASN A 36 13.99 -9.33 0.48
CA ASN A 36 14.21 -7.89 0.35
C ASN A 36 13.43 -7.33 -0.83
N GLU A 37 12.97 -8.20 -1.71
CA GLU A 37 12.21 -7.79 -2.88
C GLU A 37 10.91 -7.09 -2.48
N VAL A 38 10.18 -7.72 -1.56
CA VAL A 38 8.92 -7.17 -1.08
C VAL A 38 9.15 -6.10 -0.02
N LYS A 39 10.07 -6.39 0.90
CA LYS A 39 10.39 -5.45 1.97
C LYS A 39 10.57 -4.03 1.43
N LEU A 40 10.88 -3.93 0.13
CA LEU A 40 11.07 -2.63 -0.51
C LEU A 40 9.75 -2.10 -1.06
N LYS A 41 9.02 -2.95 -1.75
CA LYS A 41 7.73 -2.57 -2.33
C LYS A 41 6.77 -2.08 -1.24
N LEU A 42 6.99 -2.55 -0.01
CA LEU A 42 6.15 -2.15 1.11
C LEU A 42 6.62 -0.82 1.70
N TYR A 43 7.92 -0.55 1.58
CA TYR A 43 8.49 0.68 2.10
C TYR A 43 8.31 1.83 1.11
N ALA A 44 8.31 1.50 -0.18
CA ALA A 44 8.15 2.50 -1.22
C ALA A 44 6.82 3.24 -1.06
N LEU A 45 5.75 2.48 -0.84
CA LEU A 45 4.42 3.08 -0.68
C LEU A 45 4.31 3.79 0.66
N TYR A 46 4.77 3.14 1.71
CA TYR A 46 4.73 3.71 3.06
C TYR A 46 5.19 5.16 3.05
N LYS A 47 6.36 5.40 2.47
CA LYS A 47 6.92 6.74 2.38
C LYS A 47 6.18 7.58 1.35
N GLN A 48 5.36 6.92 0.54
CA GLN A 48 4.59 7.60 -0.50
C GLN A 48 3.26 8.08 0.06
N ALA A 49 2.72 7.34 1.02
CA ALA A 49 1.44 7.69 1.62
C ALA A 49 1.65 8.47 2.92
N THR A 50 2.88 8.91 3.14
CA THR A 50 3.21 9.67 4.35
C THR A 50 4.07 10.88 4.01
N GLU A 51 5.10 10.68 3.19
CA GLU A 51 5.98 11.75 2.79
C GLU A 51 5.68 12.22 1.36
N GLY A 52 5.08 11.34 0.57
CA GLY A 52 4.74 11.67 -0.79
C GLY A 52 5.78 11.19 -1.79
N PRO A 53 6.04 12.00 -2.82
CA PRO A 53 7.01 11.67 -3.87
C PRO A 53 8.45 11.72 -3.36
N CYS A 54 9.27 10.79 -3.82
CA CYS A 54 10.67 10.73 -3.40
C CYS A 54 11.30 12.11 -3.41
N ASN A 55 11.47 12.69 -2.22
CA ASN A 55 12.06 14.02 -2.09
C ASN A 55 13.36 13.95 -1.29
N MET A 56 13.93 12.76 -1.21
CA MET A 56 15.19 12.57 -0.47
C MET A 56 16.37 12.52 -1.44
N PRO A 57 17.56 12.85 -0.91
CA PRO A 57 18.79 12.85 -1.71
C PRO A 57 19.24 11.44 -2.11
N LYS A 58 19.67 11.29 -3.35
CA LYS A 58 20.13 10.00 -3.85
C LYS A 58 21.38 9.54 -3.11
N PRO A 59 21.30 8.33 -2.52
CA PRO A 59 22.41 7.74 -1.78
C PRO A 59 23.58 7.35 -2.68
N GLY A 60 24.69 6.96 -2.07
CA GLY A 60 25.86 6.56 -2.84
C GLY A 60 25.89 5.07 -3.12
N VAL A 61 26.42 4.70 -4.28
CA VAL A 61 26.50 3.30 -4.66
C VAL A 61 26.96 2.43 -3.50
N PHE A 62 28.06 2.83 -2.87
CA PHE A 62 28.60 2.08 -1.74
C PHE A 62 27.48 1.67 -0.78
N ASP A 63 26.48 2.53 -0.64
CA ASP A 63 25.36 2.26 0.24
C ASP A 63 24.22 1.55 -0.51
N LEU A 64 24.39 0.25 -0.71
CA LEU A 64 23.38 -0.55 -1.41
C LEU A 64 22.09 -0.64 -0.60
N ILE A 65 22.21 -0.49 0.71
CA ILE A 65 21.04 -0.53 1.59
C ILE A 65 20.11 0.65 1.34
N ASN A 66 20.68 1.83 1.25
CA ASN A 66 19.91 3.05 1.01
C ASN A 66 19.48 3.14 -0.46
N LYS A 67 20.38 2.74 -1.35
CA LYS A 67 20.09 2.77 -2.79
C LYS A 67 18.92 1.86 -3.13
N ALA A 68 18.86 0.71 -2.48
CA ALA A 68 17.79 -0.25 -2.71
C ALA A 68 16.42 0.39 -2.47
N LYS A 69 16.32 1.17 -1.40
CA LYS A 69 15.07 1.84 -1.06
C LYS A 69 14.79 3.00 -2.00
N TRP A 70 15.78 3.89 -2.15
CA TRP A 70 15.63 5.05 -3.02
C TRP A 70 14.96 4.65 -4.34
N ASP A 71 15.42 3.55 -4.93
CA ASP A 71 14.85 3.08 -6.18
C ASP A 71 13.42 2.57 -5.98
N ALA A 72 13.14 2.09 -4.77
CA ALA A 72 11.81 1.57 -4.45
C ALA A 72 10.81 2.72 -4.26
N TRP A 73 11.23 3.74 -3.52
CA TRP A 73 10.37 4.89 -3.26
C TRP A 73 10.35 5.84 -4.45
N ASN A 74 11.48 5.91 -5.16
CA ASN A 74 11.60 6.77 -6.33
C ASN A 74 10.66 6.33 -7.44
N ALA A 75 10.70 5.03 -7.76
CA ALA A 75 9.85 4.47 -8.81
C ALA A 75 8.44 5.06 -8.73
N LEU A 76 7.93 5.21 -7.51
CA LEU A 76 6.59 5.74 -7.30
C LEU A 76 6.41 7.06 -8.06
N GLY A 77 7.41 7.93 -7.98
CA GLY A 77 7.34 9.21 -8.66
C GLY A 77 6.40 10.18 -7.98
N SER A 78 5.57 10.86 -8.76
CA SER A 78 4.62 11.83 -8.24
C SER A 78 3.35 11.13 -7.75
N LEU A 79 3.52 9.94 -7.17
CA LEU A 79 2.38 9.17 -6.66
C LEU A 79 1.81 9.83 -5.42
N PRO A 80 0.51 10.17 -5.47
CA PRO A 80 -0.19 10.79 -4.35
C PRO A 80 -0.40 9.84 -3.18
N LYS A 81 -0.94 10.36 -2.09
CA LYS A 81 -1.20 9.56 -0.90
C LYS A 81 -2.42 8.66 -1.10
N GLU A 82 -3.45 9.21 -1.73
CA GLU A 82 -4.68 8.46 -1.97
C GLU A 82 -4.38 7.16 -2.72
N ALA A 83 -3.38 7.20 -3.61
CA ALA A 83 -3.00 6.04 -4.38
C ALA A 83 -1.95 5.21 -3.65
N ALA A 84 -1.00 5.90 -3.02
CA ALA A 84 0.07 5.23 -2.29
C ALA A 84 -0.50 4.35 -1.17
N ARG A 85 -1.63 4.78 -0.60
CA ARG A 85 -2.27 4.03 0.47
C ARG A 85 -3.03 2.83 -0.09
N GLN A 86 -3.45 2.93 -1.36
CA GLN A 86 -4.18 1.85 -2.01
C GLN A 86 -3.24 0.76 -2.49
N ASN A 87 -2.04 1.15 -2.90
CA ASN A 87 -1.05 0.21 -3.38
C ASN A 87 -0.51 -0.65 -2.25
N TYR A 88 -0.04 0.00 -1.19
CA TYR A 88 0.50 -0.71 -0.04
C TYR A 88 -0.44 -1.85 0.40
N VAL A 89 -1.68 -1.50 0.72
CA VAL A 89 -2.66 -2.49 1.13
C VAL A 89 -2.89 -3.54 0.05
N ASP A 90 -3.02 -3.08 -1.19
CA ASP A 90 -3.24 -3.98 -2.31
C ASP A 90 -2.20 -5.10 -2.33
N LEU A 91 -1.02 -4.80 -1.79
CA LEU A 91 0.06 -5.78 -1.75
C LEU A 91 -0.15 -6.77 -0.61
N VAL A 92 -0.21 -6.26 0.62
CA VAL A 92 -0.41 -7.10 1.79
C VAL A 92 -1.53 -8.11 1.55
N SER A 93 -2.53 -7.71 0.77
CA SER A 93 -3.66 -8.58 0.46
C SER A 93 -3.23 -9.72 -0.46
N SER A 94 -2.28 -9.45 -1.35
CA SER A 94 -1.79 -10.45 -2.28
C SER A 94 -1.15 -11.62 -1.53
N LEU A 95 -0.37 -11.30 -0.50
CA LEU A 95 0.31 -12.32 0.29
C LEU A 95 -0.70 -13.15 1.08
N SER A 96 -1.46 -12.47 1.94
CA SER A 96 -2.46 -13.15 2.77
C SER A 96 -3.49 -13.85 1.90
N PRO A 97 -3.81 -15.10 2.26
CA PRO A 97 -4.79 -15.91 1.53
C PRO A 97 -6.21 -15.39 1.69
N SER A 98 -6.60 -15.10 2.92
CA SER A 98 -7.93 -14.59 3.22
C SER A 98 -7.87 -13.32 4.05
N LEU A 99 -8.52 -12.26 3.57
CA LEU A 99 -8.53 -10.99 4.28
C LEU A 99 -9.96 -10.52 4.51
N GLU A 100 -10.23 -10.03 5.72
CA GLU A 100 -11.56 -9.54 6.07
C GLU A 100 -11.85 -8.22 5.38
N SER A 101 -12.76 -8.25 4.41
CA SER A 101 -13.12 -7.05 3.66
C SER A 101 -14.46 -6.49 4.16
N SER A 102 -14.74 -5.25 3.79
CA SER A 102 -15.97 -4.58 4.20
C SER A 102 -16.75 -4.08 2.99
N SER A 103 -18.04 -4.38 2.96
CA SER A 103 -18.90 -3.96 1.85
C SER A 103 -19.62 -2.67 2.19
N GLN A 104 -20.18 -2.02 1.16
CA GLN A 104 -20.91 -0.77 1.35
C GLN A 104 -20.02 0.27 2.03
N VAL A 105 -18.78 0.36 1.59
CA VAL A 105 -17.83 1.31 2.14
C VAL A 105 -17.47 2.39 1.13
N GLU A 106 -18.30 3.43 1.07
CA GLU A 106 -18.07 4.53 0.13
C GLU A 106 -17.79 5.83 0.88
N PRO A 107 -16.54 6.00 1.32
CA PRO A 107 -16.12 7.20 2.06
C PRO A 107 -16.08 8.44 1.19
N GLY A 108 -16.61 9.54 1.70
CA GLY A 108 -16.62 10.78 0.94
C GLY A 108 -15.27 11.46 0.92
N THR A 109 -14.82 11.83 -0.27
CA THR A 109 -13.53 12.49 -0.44
C THR A 109 -13.67 13.78 -1.24
N ASP A 110 -13.67 14.91 -0.55
CA ASP A 110 -13.79 16.21 -1.20
C ASP A 110 -12.42 16.73 -1.64
N SER A 111 -12.05 16.43 -2.89
CA SER A 111 -10.77 16.87 -3.42
C SER A 111 -10.81 16.92 -4.94
N GLY A 112 -9.80 17.55 -5.53
CA GLY A 112 -9.74 17.66 -6.98
C GLY A 112 -10.13 19.04 -7.47
N PRO A 113 -9.18 19.98 -7.45
CA PRO A 113 -9.42 21.35 -7.90
C PRO A 113 -9.62 21.45 -9.41
N SER A 114 -10.25 22.54 -9.85
CA SER A 114 -10.52 22.74 -11.27
C SER A 114 -9.51 23.70 -11.87
N SER A 115 -8.73 23.21 -12.83
CA SER A 115 -7.72 24.03 -13.49
C SER A 115 -7.32 23.42 -14.84
N GLY A 116 -7.65 24.13 -15.91
CA GLY A 116 -7.33 23.65 -17.24
C GLY A 116 -8.44 23.89 -18.23
N GLY A 1 -23.07 -13.89 -9.35
CA GLY A 1 -23.50 -13.06 -10.47
C GLY A 1 -22.37 -12.20 -11.01
N SER A 2 -22.15 -12.27 -12.31
CA SER A 2 -21.10 -11.49 -12.96
C SER A 2 -21.40 -9.99 -12.87
N SER A 3 -22.59 -9.61 -13.32
CA SER A 3 -22.99 -8.21 -13.30
C SER A 3 -23.92 -7.94 -12.12
N GLY A 4 -24.16 -6.65 -11.85
CA GLY A 4 -25.03 -6.27 -10.75
C GLY A 4 -25.57 -4.87 -10.89
N SER A 5 -26.82 -4.67 -10.50
CA SER A 5 -27.46 -3.37 -10.59
C SER A 5 -27.43 -2.65 -9.25
N SER A 6 -27.02 -1.38 -9.27
CA SER A 6 -26.94 -0.59 -8.05
C SER A 6 -25.95 -1.20 -7.06
N GLY A 7 -24.80 -1.63 -7.59
CA GLY A 7 -23.78 -2.23 -6.73
C GLY A 7 -22.38 -1.95 -7.24
N MET A 8 -21.47 -1.66 -6.32
CA MET A 8 -20.08 -1.37 -6.67
C MET A 8 -19.31 -2.66 -6.90
N ASN A 9 -18.45 -2.66 -7.93
CA ASN A 9 -17.66 -3.83 -8.26
C ASN A 9 -16.56 -4.06 -7.21
N ARG A 10 -16.59 -5.23 -6.58
CA ARG A 10 -15.62 -5.57 -5.56
C ARG A 10 -14.20 -5.51 -6.13
N THR A 11 -14.02 -6.07 -7.32
CA THR A 11 -12.71 -6.08 -7.96
C THR A 11 -12.04 -4.72 -7.88
N ALA A 12 -12.84 -3.66 -7.97
CA ALA A 12 -12.32 -2.30 -7.90
C ALA A 12 -12.71 -1.64 -6.57
N MET A 13 -11.92 -1.91 -5.53
CA MET A 13 -12.18 -1.34 -4.22
C MET A 13 -10.97 -0.56 -3.71
N ARG A 14 -11.22 0.59 -3.09
CA ARG A 14 -10.15 1.42 -2.56
C ARG A 14 -9.97 1.19 -1.07
N ALA A 15 -8.91 1.78 -0.51
CA ALA A 15 -8.62 1.63 0.92
C ALA A 15 -8.49 3.00 1.58
N SER A 16 -8.33 2.99 2.91
CA SER A 16 -8.19 4.23 3.66
C SER A 16 -7.06 4.11 4.68
N GLN A 17 -6.88 5.15 5.50
CA GLN A 17 -5.85 5.17 6.52
C GLN A 17 -5.99 3.99 7.46
N LYS A 18 -7.21 3.73 7.89
CA LYS A 18 -7.49 2.62 8.80
C LYS A 18 -7.00 1.29 8.22
N ASP A 19 -7.54 0.93 7.05
CA ASP A 19 -7.16 -0.30 6.39
C ASP A 19 -5.64 -0.44 6.33
N PHE A 20 -4.97 0.65 6.02
CA PHE A 20 -3.50 0.65 5.94
C PHE A 20 -2.88 0.18 7.25
N GLU A 21 -3.18 0.90 8.32
CA GLU A 21 -2.64 0.55 9.64
C GLU A 21 -2.76 -0.94 9.90
N ASN A 22 -3.77 -1.56 9.28
CA ASN A 22 -4.00 -2.99 9.45
C ASN A 22 -3.12 -3.80 8.49
N SER A 23 -3.04 -3.34 7.25
CA SER A 23 -2.24 -4.02 6.24
C SER A 23 -0.77 -4.07 6.65
N MET A 24 -0.23 -2.92 7.03
CA MET A 24 1.17 -2.82 7.45
C MET A 24 1.45 -3.78 8.61
N ASN A 25 0.47 -3.93 9.49
CA ASN A 25 0.62 -4.82 10.64
C ASN A 25 0.83 -6.26 10.20
N GLN A 26 -0.04 -6.74 9.31
CA GLN A 26 0.04 -8.10 8.80
C GLN A 26 1.46 -8.40 8.30
N VAL A 27 2.07 -7.43 7.63
CA VAL A 27 3.42 -7.61 7.11
C VAL A 27 4.41 -7.85 8.24
N LYS A 28 4.12 -7.31 9.41
CA LYS A 28 4.99 -7.47 10.57
C LYS A 28 4.62 -8.71 11.36
N LEU A 29 3.39 -9.19 11.17
CA LEU A 29 2.92 -10.38 11.86
C LEU A 29 3.57 -11.64 11.30
N LEU A 30 3.74 -11.68 9.99
CA LEU A 30 4.35 -12.82 9.33
C LEU A 30 5.85 -12.87 9.59
N LYS A 31 6.35 -14.04 9.95
CA LYS A 31 7.77 -14.21 10.23
C LYS A 31 8.49 -14.87 9.05
N LYS A 32 7.75 -15.07 7.96
CA LYS A 32 8.31 -15.69 6.76
C LYS A 32 9.08 -14.67 5.94
N ASP A 33 10.14 -15.13 5.28
CA ASP A 33 10.97 -14.26 4.45
C ASP A 33 10.66 -14.46 2.97
N PRO A 34 9.77 -13.60 2.42
CA PRO A 34 9.38 -13.68 1.02
C PRO A 34 10.50 -13.26 0.07
N GLY A 35 11.16 -12.15 0.39
CA GLY A 35 12.25 -11.66 -0.44
C GLY A 35 12.42 -10.16 -0.36
N ASN A 36 13.66 -9.71 -0.26
CA ASN A 36 13.96 -8.29 -0.17
C ASN A 36 13.21 -7.51 -1.25
N GLU A 37 12.78 -8.21 -2.29
CA GLU A 37 12.05 -7.59 -3.39
C GLU A 37 10.76 -6.94 -2.88
N VAL A 38 10.05 -7.64 -2.00
CA VAL A 38 8.81 -7.13 -1.45
C VAL A 38 9.07 -6.20 -0.27
N LYS A 39 10.04 -6.58 0.56
CA LYS A 39 10.40 -5.78 1.72
C LYS A 39 10.62 -4.32 1.35
N LEU A 40 10.90 -4.08 0.06
CA LEU A 40 11.12 -2.73 -0.43
C LEU A 40 9.82 -2.09 -0.91
N LYS A 41 9.07 -2.84 -1.71
CA LYS A 41 7.80 -2.35 -2.23
C LYS A 41 6.89 -1.87 -1.11
N LEU A 42 6.97 -2.55 0.03
CA LEU A 42 6.16 -2.18 1.19
C LEU A 42 6.63 -0.87 1.80
N TYR A 43 7.91 -0.57 1.62
CA TYR A 43 8.49 0.66 2.16
C TYR A 43 8.30 1.81 1.18
N ALA A 44 8.30 1.50 -0.10
CA ALA A 44 8.13 2.50 -1.15
C ALA A 44 6.80 3.23 -0.99
N LEU A 45 5.74 2.48 -0.70
CA LEU A 45 4.41 3.05 -0.54
C LEU A 45 4.32 3.82 0.78
N TYR A 46 4.78 3.19 1.86
CA TYR A 46 4.75 3.81 3.18
C TYR A 46 5.21 5.27 3.10
N LYS A 47 6.41 5.47 2.58
CA LYS A 47 6.97 6.82 2.45
C LYS A 47 6.21 7.62 1.39
N GLN A 48 5.40 6.93 0.60
CA GLN A 48 4.62 7.59 -0.44
C GLN A 48 3.26 8.04 0.09
N ALA A 49 2.76 7.33 1.08
CA ALA A 49 1.47 7.67 1.69
C ALA A 49 1.66 8.41 3.01
N THR A 50 2.91 8.74 3.32
CA THR A 50 3.22 9.44 4.55
C THR A 50 4.00 10.73 4.27
N GLU A 51 4.93 10.65 3.32
CA GLU A 51 5.73 11.82 2.95
C GLU A 51 5.41 12.28 1.54
N GLY A 52 5.13 11.33 0.65
CA GLY A 52 4.79 11.66 -0.72
C GLY A 52 5.83 11.16 -1.71
N PRO A 53 6.05 11.92 -2.78
CA PRO A 53 7.01 11.57 -3.83
C PRO A 53 8.45 11.66 -3.34
N CYS A 54 9.28 10.70 -3.76
CA CYS A 54 10.68 10.68 -3.36
C CYS A 54 11.32 12.06 -3.52
N ASN A 55 11.53 12.74 -2.40
CA ASN A 55 12.13 14.07 -2.41
C ASN A 55 13.45 14.07 -1.65
N MET A 56 14.00 12.89 -1.41
CA MET A 56 15.26 12.76 -0.70
C MET A 56 16.43 12.67 -1.68
N PRO A 57 17.63 13.06 -1.22
CA PRO A 57 18.84 13.03 -2.04
C PRO A 57 19.32 11.61 -2.32
N LYS A 58 19.62 11.33 -3.58
CA LYS A 58 20.08 10.01 -3.98
C LYS A 58 21.32 9.61 -3.19
N PRO A 59 21.27 8.43 -2.57
CA PRO A 59 22.38 7.89 -1.77
C PRO A 59 23.58 7.49 -2.63
N GLY A 60 24.68 7.17 -1.97
CA GLY A 60 25.88 6.77 -2.70
C GLY A 60 25.92 5.27 -2.97
N VAL A 61 26.62 4.89 -4.03
CA VAL A 61 26.73 3.47 -4.39
C VAL A 61 27.19 2.63 -3.20
N PHE A 62 28.26 3.08 -2.53
CA PHE A 62 28.79 2.37 -1.38
C PHE A 62 27.66 1.95 -0.44
N ASP A 63 26.62 2.78 -0.36
CA ASP A 63 25.48 2.49 0.51
C ASP A 63 24.39 1.75 -0.26
N LEU A 64 24.54 0.44 -0.36
CA LEU A 64 23.56 -0.39 -1.07
C LEU A 64 22.26 -0.50 -0.28
N ILE A 65 22.32 -0.14 0.99
CA ILE A 65 21.15 -0.20 1.86
C ILE A 65 20.17 0.92 1.53
N ASN A 66 20.69 2.15 1.47
CA ASN A 66 19.85 3.31 1.16
C ASN A 66 19.45 3.31 -0.31
N LYS A 67 20.40 2.98 -1.18
CA LYS A 67 20.14 2.94 -2.62
C LYS A 67 18.97 2.03 -2.93
N ALA A 68 18.93 0.88 -2.27
CA ALA A 68 17.86 -0.10 -2.48
C ALA A 68 16.49 0.54 -2.26
N LYS A 69 16.33 1.23 -1.14
CA LYS A 69 15.08 1.88 -0.81
C LYS A 69 14.80 3.04 -1.77
N TRP A 70 15.80 3.88 -1.96
CA TRP A 70 15.67 5.03 -2.85
C TRP A 70 15.06 4.63 -4.18
N ASP A 71 15.47 3.47 -4.69
CA ASP A 71 14.95 2.96 -5.95
C ASP A 71 13.51 2.46 -5.80
N ALA A 72 13.18 2.02 -4.58
CA ALA A 72 11.84 1.53 -4.29
C ALA A 72 10.84 2.67 -4.13
N TRP A 73 11.26 3.71 -3.44
CA TRP A 73 10.40 4.88 -3.21
C TRP A 73 10.44 5.82 -4.41
N ASN A 74 11.59 5.90 -5.06
CA ASN A 74 11.76 6.77 -6.22
C ASN A 74 10.88 6.30 -7.38
N ALA A 75 10.97 5.02 -7.70
CA ALA A 75 10.18 4.44 -8.79
C ALA A 75 8.79 5.04 -8.84
N LEU A 76 8.11 5.05 -7.68
CA LEU A 76 6.77 5.61 -7.61
C LEU A 76 6.67 6.92 -8.35
N GLY A 77 7.52 7.87 -7.98
CA GLY A 77 7.52 9.17 -8.64
C GLY A 77 6.56 10.14 -7.98
N SER A 78 5.71 10.77 -8.80
CA SER A 78 4.74 11.73 -8.30
C SER A 78 3.46 11.03 -7.87
N LEU A 79 3.60 9.80 -7.38
CA LEU A 79 2.44 9.03 -6.94
C LEU A 79 1.78 9.67 -5.73
N PRO A 80 0.49 9.98 -5.85
CA PRO A 80 -0.28 10.61 -4.77
C PRO A 80 -0.53 9.66 -3.61
N LYS A 81 -0.62 10.22 -2.41
CA LYS A 81 -0.86 9.42 -1.21
C LYS A 81 -2.11 8.56 -1.37
N GLU A 82 -3.17 9.15 -1.93
CA GLU A 82 -4.42 8.43 -2.14
C GLU A 82 -4.17 7.07 -2.78
N ALA A 83 -3.37 7.06 -3.84
CA ALA A 83 -3.05 5.82 -4.54
C ALA A 83 -2.00 5.02 -3.78
N ALA A 84 -0.99 5.71 -3.27
CA ALA A 84 0.08 5.05 -2.52
C ALA A 84 -0.49 4.16 -1.44
N ARG A 85 -1.51 4.64 -0.74
CA ARG A 85 -2.15 3.88 0.32
C ARG A 85 -2.77 2.60 -0.21
N GLN A 86 -3.44 2.71 -1.36
CA GLN A 86 -4.09 1.56 -1.99
C GLN A 86 -3.06 0.52 -2.41
N ASN A 87 -1.95 0.99 -2.97
CA ASN A 87 -0.89 0.09 -3.43
C ASN A 87 -0.36 -0.75 -2.28
N TYR A 88 -0.02 -0.09 -1.17
CA TYR A 88 0.50 -0.78 0.01
C TYR A 88 -0.43 -1.91 0.43
N VAL A 89 -1.66 -1.56 0.77
CA VAL A 89 -2.64 -2.55 1.19
C VAL A 89 -2.84 -3.61 0.11
N ASP A 90 -3.07 -3.18 -1.12
CA ASP A 90 -3.28 -4.09 -2.23
C ASP A 90 -2.28 -5.25 -2.18
N LEU A 91 -1.07 -4.95 -1.70
CA LEU A 91 -0.02 -5.97 -1.60
C LEU A 91 -0.29 -6.91 -0.43
N VAL A 92 -0.27 -6.36 0.78
CA VAL A 92 -0.51 -7.15 1.98
C VAL A 92 -1.68 -8.11 1.79
N SER A 93 -2.66 -7.69 1.00
CA SER A 93 -3.83 -8.51 0.72
C SER A 93 -3.47 -9.72 -0.14
N SER A 94 -2.55 -9.49 -1.09
CA SER A 94 -2.12 -10.56 -1.99
C SER A 94 -1.47 -11.70 -1.21
N LEU A 95 -0.64 -11.35 -0.24
CA LEU A 95 0.05 -12.33 0.59
C LEU A 95 -0.95 -13.13 1.42
N SER A 96 -1.77 -12.41 2.19
CA SER A 96 -2.77 -13.04 3.05
C SER A 96 -3.79 -13.82 2.21
N PRO A 97 -3.91 -15.12 2.52
CA PRO A 97 -4.84 -16.01 1.80
C PRO A 97 -6.29 -15.70 2.12
N SER A 98 -6.60 -15.53 3.41
CA SER A 98 -7.96 -15.23 3.84
C SER A 98 -8.02 -13.86 4.51
N LEU A 99 -8.92 -13.01 4.02
CA LEU A 99 -9.08 -11.66 4.58
C LEU A 99 -10.54 -11.24 4.54
N GLU A 100 -11.10 -10.98 5.72
CA GLU A 100 -12.49 -10.56 5.83
C GLU A 100 -12.63 -9.06 5.61
N SER A 101 -13.80 -8.63 5.15
CA SER A 101 -14.06 -7.23 4.89
C SER A 101 -13.20 -6.73 3.73
N SER A 102 -13.11 -7.53 2.67
CA SER A 102 -12.31 -7.17 1.51
C SER A 102 -12.76 -7.96 0.28
N SER A 103 -12.26 -7.57 -0.89
CA SER A 103 -12.60 -8.23 -2.13
C SER A 103 -12.34 -9.73 -2.03
N GLN A 104 -13.31 -10.53 -2.49
CA GLN A 104 -13.20 -11.98 -2.45
C GLN A 104 -12.37 -12.49 -3.62
N VAL A 105 -11.12 -12.83 -3.36
CA VAL A 105 -10.22 -13.33 -4.40
C VAL A 105 -10.10 -14.85 -4.33
N GLU A 106 -10.18 -15.49 -5.49
CA GLU A 106 -10.08 -16.94 -5.56
C GLU A 106 -8.62 -17.40 -5.40
N PRO A 107 -8.42 -18.41 -4.53
CA PRO A 107 -7.09 -18.96 -4.26
C PRO A 107 -6.52 -19.72 -5.44
N GLY A 108 -5.20 -19.69 -5.60
CA GLY A 108 -4.55 -20.38 -6.69
C GLY A 108 -3.08 -20.61 -6.45
N THR A 109 -2.75 -21.13 -5.27
CA THR A 109 -1.36 -21.39 -4.91
C THR A 109 -1.25 -22.62 -4.02
N ASP A 110 -0.27 -23.48 -4.31
CA ASP A 110 -0.05 -24.68 -3.52
C ASP A 110 0.67 -24.37 -2.22
N SER A 111 -0.11 -24.09 -1.17
CA SER A 111 0.46 -23.75 0.13
C SER A 111 -0.49 -24.16 1.25
N GLY A 112 0.08 -24.58 2.38
CA GLY A 112 -0.73 -24.99 3.51
C GLY A 112 0.09 -25.51 4.66
N PRO A 113 -0.57 -26.21 5.60
CA PRO A 113 0.10 -26.78 6.78
C PRO A 113 1.02 -27.94 6.41
N SER A 114 2.15 -28.04 7.12
CA SER A 114 3.11 -29.11 6.87
C SER A 114 3.20 -30.05 8.06
N SER A 115 2.04 -30.39 8.63
CA SER A 115 1.98 -31.28 9.78
C SER A 115 2.62 -32.63 9.45
N GLY A 116 3.53 -33.07 10.31
CA GLY A 116 4.20 -34.35 10.10
C GLY A 116 5.50 -34.19 9.35
N GLY A 1 -22.13 -20.45 -25.42
CA GLY A 1 -23.52 -20.74 -25.14
C GLY A 1 -24.11 -19.80 -24.11
N SER A 2 -23.85 -20.07 -22.83
CA SER A 2 -24.37 -19.25 -21.76
C SER A 2 -23.40 -18.12 -21.42
N SER A 3 -23.80 -16.88 -21.71
CA SER A 3 -22.97 -15.72 -21.45
C SER A 3 -23.58 -14.86 -20.34
N GLY A 4 -23.03 -14.97 -19.14
CA GLY A 4 -23.53 -14.20 -18.02
C GLY A 4 -23.07 -12.75 -18.07
N SER A 5 -23.92 -11.85 -17.58
CA SER A 5 -23.61 -10.43 -17.58
C SER A 5 -23.55 -9.88 -16.15
N SER A 6 -24.51 -10.31 -15.33
CA SER A 6 -24.58 -9.86 -13.95
C SER A 6 -23.45 -10.47 -13.12
N GLY A 7 -22.65 -9.62 -12.50
CA GLY A 7 -21.54 -10.09 -11.69
C GLY A 7 -21.52 -9.47 -10.30
N MET A 8 -20.33 -9.13 -9.83
CA MET A 8 -20.17 -8.53 -8.51
C MET A 8 -19.20 -7.36 -8.56
N ASN A 9 -19.61 -6.23 -8.01
CA ASN A 9 -18.75 -5.03 -7.99
C ASN A 9 -18.34 -4.69 -6.57
N ARG A 10 -17.11 -4.22 -6.41
CA ARG A 10 -16.58 -3.84 -5.11
C ARG A 10 -16.86 -2.38 -4.80
N THR A 11 -18.07 -2.11 -4.31
CA THR A 11 -18.48 -0.75 -3.97
C THR A 11 -17.31 0.05 -3.41
N ALA A 12 -16.43 -0.63 -2.67
CA ALA A 12 -15.27 0.01 -2.08
C ALA A 12 -14.03 -0.20 -2.94
N MET A 13 -13.72 0.77 -3.79
CA MET A 13 -12.55 0.69 -4.66
C MET A 13 -11.40 1.51 -4.10
N ARG A 14 -11.53 1.94 -2.85
CA ARG A 14 -10.50 2.74 -2.19
C ARG A 14 -10.16 2.15 -0.83
N ALA A 15 -8.96 2.46 -0.33
CA ALA A 15 -8.52 1.97 0.97
C ALA A 15 -8.64 3.06 2.03
N SER A 16 -8.99 2.64 3.25
CA SER A 16 -9.14 3.59 4.35
C SER A 16 -8.00 3.43 5.36
N GLN A 17 -7.93 4.37 6.30
CA GLN A 17 -6.89 4.33 7.33
C GLN A 17 -6.88 2.99 8.05
N LYS A 18 -7.99 2.66 8.69
CA LYS A 18 -8.11 1.40 9.42
C LYS A 18 -7.61 0.23 8.58
N ASP A 19 -8.01 0.19 7.32
CA ASP A 19 -7.60 -0.87 6.42
C ASP A 19 -6.08 -0.91 6.29
N PHE A 20 -5.46 0.25 6.29
CA PHE A 20 -4.01 0.36 6.18
C PHE A 20 -3.32 -0.25 7.40
N GLU A 21 -3.64 0.29 8.57
CA GLU A 21 -3.05 -0.19 9.82
C GLU A 21 -3.14 -1.71 9.91
N ASN A 22 -4.16 -2.28 9.27
CA ASN A 22 -4.34 -3.72 9.26
C ASN A 22 -3.35 -4.41 8.33
N SER A 23 -3.29 -3.94 7.09
CA SER A 23 -2.38 -4.51 6.11
C SER A 23 -0.94 -4.53 6.63
N MET A 24 -0.47 -3.37 7.06
CA MET A 24 0.88 -3.25 7.59
C MET A 24 1.11 -4.23 8.74
N ASN A 25 0.07 -4.44 9.55
CA ASN A 25 0.15 -5.35 10.68
C ASN A 25 0.41 -6.78 10.21
N GLN A 26 -0.39 -7.23 9.24
CA GLN A 26 -0.24 -8.58 8.71
C GLN A 26 1.21 -8.86 8.32
N VAL A 27 1.82 -7.90 7.63
CA VAL A 27 3.20 -8.05 7.19
C VAL A 27 4.15 -8.15 8.38
N LYS A 28 3.72 -7.62 9.53
CA LYS A 28 4.52 -7.66 10.74
C LYS A 28 4.25 -8.92 11.53
N LEU A 29 3.13 -9.58 11.24
CA LEU A 29 2.76 -10.81 11.92
C LEU A 29 3.64 -11.97 11.48
N LEU A 30 3.97 -12.02 10.20
CA LEU A 30 4.81 -13.07 9.64
C LEU A 30 6.26 -12.91 10.10
N LYS A 31 6.81 -13.95 10.69
CA LYS A 31 8.19 -13.92 11.18
C LYS A 31 9.13 -14.56 10.15
N LYS A 32 8.63 -14.74 8.94
CA LYS A 32 9.44 -15.33 7.87
C LYS A 32 9.64 -14.35 6.72
N ASP A 33 10.73 -13.59 6.79
CA ASP A 33 11.05 -12.61 5.76
C ASP A 33 10.73 -13.16 4.37
N PRO A 34 9.86 -12.46 3.64
CA PRO A 34 9.45 -12.87 2.29
C PRO A 34 10.57 -12.69 1.27
N GLY A 35 11.17 -11.51 1.26
CA GLY A 35 12.25 -11.24 0.33
C GLY A 35 12.50 -9.75 0.13
N ASN A 36 13.76 -9.36 0.04
CA ASN A 36 14.12 -7.97 -0.16
C ASN A 36 13.32 -7.35 -1.29
N GLU A 37 12.75 -8.20 -2.14
CA GLU A 37 11.96 -7.74 -3.27
C GLU A 37 10.70 -7.01 -2.79
N VAL A 38 9.97 -7.65 -1.89
CA VAL A 38 8.74 -7.07 -1.35
C VAL A 38 9.05 -6.05 -0.26
N LYS A 39 10.00 -6.39 0.61
CA LYS A 39 10.39 -5.52 1.71
C LYS A 39 10.60 -4.09 1.20
N LEU A 40 10.84 -3.95 -0.09
CA LEU A 40 11.05 -2.64 -0.71
C LEU A 40 9.74 -2.04 -1.19
N LYS A 41 8.92 -2.87 -1.85
CA LYS A 41 7.63 -2.43 -2.37
C LYS A 41 6.74 -1.94 -1.24
N LEU A 42 6.94 -2.50 -0.05
CA LEU A 42 6.13 -2.12 1.11
C LEU A 42 6.63 -0.81 1.72
N TYR A 43 7.90 -0.50 1.48
CA TYR A 43 8.50 0.72 2.00
C TYR A 43 8.32 1.87 1.01
N ALA A 44 8.37 1.56 -0.28
CA ALA A 44 8.20 2.56 -1.32
C ALA A 44 6.88 3.31 -1.16
N LEU A 45 5.82 2.55 -0.90
CA LEU A 45 4.50 3.14 -0.73
C LEU A 45 4.38 3.85 0.62
N TYR A 46 4.86 3.19 1.67
CA TYR A 46 4.81 3.76 3.01
C TYR A 46 5.28 5.21 3.01
N LYS A 47 6.52 5.42 2.55
CA LYS A 47 7.09 6.76 2.50
C LYS A 47 6.33 7.63 1.50
N GLN A 48 5.51 7.00 0.67
CA GLN A 48 4.73 7.72 -0.33
C GLN A 48 3.39 8.17 0.25
N ALA A 49 2.86 7.38 1.17
CA ALA A 49 1.58 7.69 1.80
C ALA A 49 1.78 8.34 3.16
N THR A 50 3.02 8.75 3.45
CA THR A 50 3.35 9.38 4.71
C THR A 50 4.24 10.61 4.51
N GLU A 51 5.19 10.49 3.59
CA GLU A 51 6.10 11.60 3.29
C GLU A 51 5.79 12.21 1.94
N GLY A 52 5.44 11.35 0.98
CA GLY A 52 5.13 11.82 -0.36
C GLY A 52 6.08 11.27 -1.41
N PRO A 53 6.23 12.00 -2.53
CA PRO A 53 7.10 11.59 -3.62
C PRO A 53 8.59 11.67 -3.25
N CYS A 54 9.37 10.72 -3.75
CA CYS A 54 10.80 10.67 -3.46
C CYS A 54 11.41 12.07 -3.56
N ASN A 55 11.71 12.65 -2.40
CA ASN A 55 12.30 13.99 -2.36
C ASN A 55 13.68 13.96 -1.69
N MET A 56 14.19 12.75 -1.50
CA MET A 56 15.50 12.57 -0.87
C MET A 56 16.60 12.49 -1.93
N PRO A 57 17.82 12.89 -1.55
CA PRO A 57 18.98 12.87 -2.45
C PRO A 57 19.43 11.45 -2.77
N LYS A 58 19.76 11.21 -4.04
CA LYS A 58 20.22 9.90 -4.48
C LYS A 58 21.42 9.43 -3.66
N PRO A 59 21.29 8.28 -3.01
CA PRO A 59 22.36 7.69 -2.19
C PRO A 59 23.54 7.21 -3.03
N GLY A 60 24.67 7.01 -2.38
CA GLY A 60 25.86 6.55 -3.08
C GLY A 60 25.93 5.04 -3.15
N VAL A 61 26.62 4.53 -4.18
CA VAL A 61 26.76 3.09 -4.36
C VAL A 61 27.08 2.39 -3.05
N PHE A 62 28.19 2.80 -2.44
CA PHE A 62 28.62 2.21 -1.16
C PHE A 62 27.44 2.07 -0.21
N ASP A 63 26.44 2.91 -0.40
CA ASP A 63 25.25 2.88 0.45
C ASP A 63 24.17 1.98 -0.16
N LEU A 64 24.57 0.81 -0.62
CA LEU A 64 23.63 -0.13 -1.23
C LEU A 64 22.30 -0.14 -0.49
N ILE A 65 22.36 -0.36 0.82
CA ILE A 65 21.16 -0.39 1.65
C ILE A 65 20.18 0.70 1.22
N ASN A 66 20.65 1.95 1.21
CA ASN A 66 19.81 3.07 0.83
C ASN A 66 19.44 3.00 -0.65
N LYS A 67 20.44 2.80 -1.49
CA LYS A 67 20.23 2.70 -2.93
C LYS A 67 19.07 1.75 -3.25
N ALA A 68 18.95 0.69 -2.46
CA ALA A 68 17.89 -0.28 -2.65
C ALA A 68 16.51 0.35 -2.46
N LYS A 69 16.40 1.19 -1.43
CA LYS A 69 15.15 1.87 -1.13
C LYS A 69 14.89 3.00 -2.11
N TRP A 70 15.89 3.85 -2.30
CA TRP A 70 15.77 4.98 -3.23
C TRP A 70 15.09 4.55 -4.52
N ASP A 71 15.57 3.48 -5.12
CA ASP A 71 15.01 2.97 -6.36
C ASP A 71 13.56 2.53 -6.16
N ALA A 72 13.23 2.13 -4.94
CA ALA A 72 11.88 1.69 -4.61
C ALA A 72 10.93 2.88 -4.44
N TRP A 73 11.30 3.78 -3.53
CA TRP A 73 10.48 4.96 -3.27
C TRP A 73 10.50 5.90 -4.46
N ASN A 74 11.60 5.89 -5.21
CA ASN A 74 11.75 6.75 -6.38
C ASN A 74 10.82 6.31 -7.50
N ALA A 75 10.79 5.00 -7.76
CA ALA A 75 9.94 4.45 -8.80
C ALA A 75 8.56 5.07 -8.77
N LEU A 76 8.04 5.29 -7.56
CA LEU A 76 6.71 5.87 -7.39
C LEU A 76 6.61 7.20 -8.14
N GLY A 77 7.60 8.05 -7.99
CA GLY A 77 7.60 9.33 -8.66
C GLY A 77 6.64 10.32 -8.03
N SER A 78 5.68 10.79 -8.80
CA SER A 78 4.68 11.74 -8.32
C SER A 78 3.42 11.04 -7.84
N LEU A 79 3.59 9.82 -7.34
CA LEU A 79 2.47 9.04 -6.85
C LEU A 79 1.84 9.69 -5.62
N PRO A 80 0.55 10.07 -5.74
CA PRO A 80 -0.19 10.70 -4.65
C PRO A 80 -0.50 9.73 -3.52
N LYS A 81 -0.44 10.24 -2.28
CA LYS A 81 -0.70 9.42 -1.11
C LYS A 81 -1.97 8.58 -1.30
N GLU A 82 -3.06 9.25 -1.69
CA GLU A 82 -4.33 8.57 -1.91
C GLU A 82 -4.12 7.22 -2.58
N ALA A 83 -3.28 7.20 -3.61
CA ALA A 83 -2.99 5.97 -4.34
C ALA A 83 -1.96 5.13 -3.60
N ALA A 84 -0.97 5.79 -3.00
CA ALA A 84 0.08 5.11 -2.25
C ALA A 84 -0.52 4.17 -1.21
N ARG A 85 -1.40 4.71 -0.36
CA ARG A 85 -2.04 3.93 0.69
C ARG A 85 -2.81 2.76 0.09
N GLN A 86 -3.41 2.97 -1.07
CA GLN A 86 -4.18 1.93 -1.74
C GLN A 86 -3.27 0.83 -2.26
N ASN A 87 -2.13 1.23 -2.82
CA ASN A 87 -1.16 0.27 -3.35
C ASN A 87 -0.58 -0.59 -2.25
N TYR A 88 -0.14 0.06 -1.17
CA TYR A 88 0.45 -0.66 -0.04
C TYR A 88 -0.48 -1.75 0.46
N VAL A 89 -1.74 -1.38 0.69
CA VAL A 89 -2.74 -2.34 1.17
C VAL A 89 -3.07 -3.38 0.10
N ASP A 90 -3.23 -2.91 -1.14
CA ASP A 90 -3.54 -3.81 -2.24
C ASP A 90 -2.51 -4.92 -2.36
N LEU A 91 -1.33 -4.69 -1.79
CA LEU A 91 -0.26 -5.68 -1.83
C LEU A 91 -0.42 -6.69 -0.70
N VAL A 92 -0.39 -6.21 0.53
CA VAL A 92 -0.53 -7.08 1.69
C VAL A 92 -1.62 -8.12 1.47
N SER A 93 -2.67 -7.73 0.75
CA SER A 93 -3.78 -8.63 0.46
C SER A 93 -3.35 -9.75 -0.47
N SER A 94 -2.50 -9.41 -1.44
CA SER A 94 -2.01 -10.39 -2.41
C SER A 94 -1.23 -11.50 -1.71
N LEU A 95 -0.60 -11.16 -0.59
CA LEU A 95 0.17 -12.13 0.17
C LEU A 95 -0.74 -13.07 0.96
N SER A 96 -1.69 -12.50 1.70
CA SER A 96 -2.62 -13.27 2.50
C SER A 96 -3.60 -14.02 1.59
N PRO A 97 -3.97 -15.24 2.00
CA PRO A 97 -4.90 -16.09 1.25
C PRO A 97 -6.32 -15.55 1.28
N SER A 98 -6.77 -15.15 2.47
CA SER A 98 -8.11 -14.63 2.65
C SER A 98 -8.09 -13.36 3.48
N LEU A 99 -8.80 -12.33 3.02
CA LEU A 99 -8.86 -11.05 3.72
C LEU A 99 -10.30 -10.57 3.82
N GLU A 100 -10.76 -10.30 5.05
CA GLU A 100 -12.10 -9.82 5.27
C GLU A 100 -12.46 -8.70 4.30
N SER A 101 -13.74 -8.35 4.26
CA SER A 101 -14.21 -7.30 3.36
C SER A 101 -15.52 -6.70 3.88
N SER A 102 -15.55 -5.37 3.98
CA SER A 102 -16.74 -4.67 4.46
C SER A 102 -17.56 -4.14 3.29
N SER A 103 -18.38 -5.00 2.71
CA SER A 103 -19.22 -4.60 1.58
C SER A 103 -20.01 -3.33 1.90
N GLN A 104 -20.95 -3.45 2.82
CA GLN A 104 -21.77 -2.31 3.21
C GLN A 104 -20.91 -1.15 3.68
N VAL A 105 -21.13 0.03 3.09
CA VAL A 105 -20.37 1.22 3.45
C VAL A 105 -21.24 2.23 4.17
N GLU A 106 -20.61 3.06 5.01
CA GLU A 106 -21.34 4.07 5.76
C GLU A 106 -21.14 5.45 5.13
N PRO A 107 -22.18 6.30 5.23
CA PRO A 107 -22.16 7.65 4.68
C PRO A 107 -21.22 8.57 5.46
N GLY A 108 -20.92 8.19 6.69
CA GLY A 108 -20.03 9.00 7.52
C GLY A 108 -20.75 10.16 8.18
N THR A 109 -21.63 10.81 7.43
CA THR A 109 -22.38 11.95 7.94
C THR A 109 -21.55 12.75 8.94
N ASP A 110 -20.25 12.84 8.67
CA ASP A 110 -19.34 13.58 9.55
C ASP A 110 -19.14 15.00 9.02
N SER A 111 -18.89 15.93 9.95
CA SER A 111 -18.68 17.33 9.58
C SER A 111 -19.61 17.74 8.44
N GLY A 112 -20.90 17.42 8.59
CA GLY A 112 -21.87 17.76 7.58
C GLY A 112 -22.60 19.06 7.89
N PRO A 113 -23.82 18.94 8.43
CA PRO A 113 -24.64 20.09 8.79
C PRO A 113 -24.08 20.87 9.99
N SER A 114 -24.51 22.11 10.12
CA SER A 114 -24.04 22.96 11.21
C SER A 114 -25.19 23.35 12.13
N SER A 115 -24.92 23.44 13.43
CA SER A 115 -25.93 23.79 14.41
C SER A 115 -25.32 24.57 15.57
N GLY A 116 -26.00 25.65 15.98
CA GLY A 116 -25.51 26.45 17.08
C GLY A 116 -25.88 27.92 16.92
N GLY A 1 -22.87 -24.73 -12.85
CA GLY A 1 -22.13 -23.48 -12.75
C GLY A 1 -22.87 -22.42 -11.98
N SER A 2 -22.37 -21.20 -12.02
CA SER A 2 -22.99 -20.08 -11.31
C SER A 2 -23.37 -18.96 -12.27
N SER A 3 -24.36 -18.16 -11.89
CA SER A 3 -24.82 -17.05 -12.73
C SER A 3 -25.31 -15.90 -11.86
N GLY A 4 -24.81 -14.70 -12.15
CA GLY A 4 -25.22 -13.53 -11.39
C GLY A 4 -24.23 -13.18 -10.29
N SER A 5 -23.46 -12.12 -10.52
CA SER A 5 -22.46 -11.69 -9.54
C SER A 5 -22.07 -10.23 -9.77
N SER A 6 -21.27 -9.69 -8.87
CA SER A 6 -20.81 -8.31 -8.97
C SER A 6 -19.80 -8.15 -10.09
N GLY A 7 -20.25 -7.61 -11.23
CA GLY A 7 -19.36 -7.42 -12.36
C GLY A 7 -18.79 -6.01 -12.41
N MET A 8 -19.67 -5.03 -12.54
CA MET A 8 -19.26 -3.64 -12.60
C MET A 8 -20.11 -2.77 -11.68
N ASN A 9 -20.38 -3.27 -10.49
CA ASN A 9 -21.19 -2.55 -9.51
C ASN A 9 -20.42 -1.33 -8.98
N ARG A 10 -19.16 -1.53 -8.66
CA ARG A 10 -18.32 -0.44 -8.15
C ARG A 10 -17.07 -0.27 -9.01
N THR A 11 -16.79 0.98 -9.38
CA THR A 11 -15.63 1.29 -10.20
C THR A 11 -14.61 2.14 -9.43
N ALA A 12 -14.58 1.96 -8.12
CA ALA A 12 -13.66 2.71 -7.27
C ALA A 12 -13.04 1.80 -6.20
N MET A 13 -11.77 2.01 -5.91
CA MET A 13 -11.06 1.22 -4.91
C MET A 13 -10.07 2.09 -4.14
N ARG A 14 -10.36 2.31 -2.86
CA ARG A 14 -9.50 3.12 -2.01
C ARG A 14 -9.47 2.58 -0.58
N ALA A 15 -8.33 2.71 0.08
CA ALA A 15 -8.17 2.24 1.44
C ALA A 15 -8.00 3.39 2.41
N SER A 16 -8.69 3.32 3.55
CA SER A 16 -8.62 4.37 4.56
C SER A 16 -7.52 4.07 5.58
N GLN A 17 -7.15 5.09 6.35
CA GLN A 17 -6.11 4.94 7.35
C GLN A 17 -6.22 3.58 8.06
N LYS A 18 -7.42 3.24 8.49
CA LYS A 18 -7.66 1.97 9.17
C LYS A 18 -7.18 0.80 8.32
N ASP A 19 -7.77 0.65 7.14
CA ASP A 19 -7.41 -0.42 6.23
C ASP A 19 -5.89 -0.59 6.17
N PHE A 20 -5.18 0.53 6.00
CA PHE A 20 -3.74 0.51 5.92
C PHE A 20 -3.12 -0.02 7.21
N GLU A 21 -3.41 0.66 8.32
CA GLU A 21 -2.89 0.25 9.61
C GLU A 21 -3.02 -1.25 9.82
N ASN A 22 -4.04 -1.84 9.19
CA ASN A 22 -4.27 -3.27 9.30
C ASN A 22 -3.35 -4.05 8.36
N SER A 23 -3.21 -3.55 7.13
CA SER A 23 -2.36 -4.20 6.14
C SER A 23 -0.91 -4.22 6.60
N MET A 24 -0.42 -3.07 7.04
CA MET A 24 0.95 -2.96 7.51
C MET A 24 1.21 -3.91 8.67
N ASN A 25 0.20 -4.09 9.53
CA ASN A 25 0.32 -4.97 10.68
C ASN A 25 0.52 -6.42 10.23
N GLN A 26 -0.35 -6.89 9.35
CA GLN A 26 -0.27 -8.25 8.85
C GLN A 26 1.15 -8.58 8.39
N VAL A 27 1.78 -7.63 7.71
CA VAL A 27 3.14 -7.82 7.21
C VAL A 27 4.13 -7.96 8.36
N LYS A 28 3.76 -7.44 9.52
CA LYS A 28 4.60 -7.52 10.70
C LYS A 28 4.36 -8.81 11.47
N LEU A 29 3.21 -9.43 11.23
CA LEU A 29 2.85 -10.67 11.90
C LEU A 29 3.72 -11.83 11.40
N LEU A 30 3.92 -11.88 10.09
CA LEU A 30 4.73 -12.93 9.50
C LEU A 30 6.18 -12.86 9.97
N LYS A 31 6.68 -13.96 10.50
CA LYS A 31 8.05 -14.03 11.00
C LYS A 31 8.98 -14.63 9.95
N LYS A 32 8.47 -14.82 8.74
CA LYS A 32 9.26 -15.39 7.66
C LYS A 32 9.54 -14.33 6.59
N ASP A 33 10.82 -14.03 6.40
CA ASP A 33 11.22 -13.03 5.40
C ASP A 33 10.90 -13.52 4.00
N PRO A 34 10.00 -12.80 3.31
CA PRO A 34 9.59 -13.14 1.94
C PRO A 34 10.70 -12.91 0.93
N GLY A 35 11.28 -11.71 0.96
CA GLY A 35 12.35 -11.38 0.04
C GLY A 35 12.57 -9.89 -0.09
N ASN A 36 13.83 -9.47 -0.12
CA ASN A 36 14.17 -8.06 -0.23
C ASN A 36 13.36 -7.39 -1.35
N GLU A 37 12.84 -8.21 -2.26
CA GLU A 37 12.04 -7.70 -3.37
C GLU A 37 10.77 -7.02 -2.87
N VAL A 38 10.06 -7.70 -1.96
CA VAL A 38 8.83 -7.17 -1.41
C VAL A 38 9.12 -6.18 -0.28
N LYS A 39 10.11 -6.50 0.54
CA LYS A 39 10.50 -5.63 1.65
C LYS A 39 10.71 -4.21 1.18
N LEU A 40 10.92 -4.05 -0.12
CA LEU A 40 11.13 -2.72 -0.70
C LEU A 40 9.83 -2.11 -1.18
N LYS A 41 8.99 -2.93 -1.81
CA LYS A 41 7.71 -2.48 -2.31
C LYS A 41 6.81 -2.01 -1.17
N LEU A 42 6.97 -2.63 -0.01
CA LEU A 42 6.17 -2.28 1.17
C LEU A 42 6.66 -0.96 1.77
N TYR A 43 7.94 -0.68 1.62
CA TYR A 43 8.53 0.54 2.16
C TYR A 43 8.34 1.70 1.19
N ALA A 44 8.42 1.40 -0.10
CA ALA A 44 8.25 2.42 -1.14
C ALA A 44 6.94 3.18 -0.97
N LEU A 45 5.86 2.43 -0.77
CA LEU A 45 4.54 3.02 -0.59
C LEU A 45 4.45 3.74 0.75
N TYR A 46 4.89 3.07 1.81
CA TYR A 46 4.85 3.66 3.15
C TYR A 46 5.34 5.10 3.13
N LYS A 47 6.55 5.30 2.59
CA LYS A 47 7.14 6.63 2.52
C LYS A 47 6.40 7.49 1.51
N GLN A 48 5.61 6.86 0.65
CA GLN A 48 4.84 7.57 -0.37
C GLN A 48 3.48 7.98 0.18
N ALA A 49 3.00 7.25 1.19
CA ALA A 49 1.70 7.55 1.79
C ALA A 49 1.88 8.31 3.10
N THR A 50 3.12 8.66 3.41
CA THR A 50 3.42 9.40 4.64
C THR A 50 4.19 10.69 4.33
N GLU A 51 5.14 10.60 3.42
CA GLU A 51 5.94 11.75 3.04
C GLU A 51 5.56 12.25 1.66
N GLY A 52 5.32 11.30 0.75
CA GLY A 52 4.96 11.67 -0.61
C GLY A 52 5.96 11.17 -1.63
N PRO A 53 6.16 11.97 -2.70
CA PRO A 53 7.10 11.63 -3.78
C PRO A 53 8.55 11.70 -3.32
N CYS A 54 9.35 10.75 -3.77
CA CYS A 54 10.77 10.71 -3.41
C CYS A 54 11.42 12.08 -3.61
N ASN A 55 11.65 12.78 -2.50
CA ASN A 55 12.28 14.10 -2.55
C ASN A 55 13.62 14.10 -1.84
N MET A 56 14.12 12.91 -1.52
CA MET A 56 15.40 12.78 -0.84
C MET A 56 16.54 12.68 -1.85
N PRO A 57 17.75 13.05 -1.40
CA PRO A 57 18.95 13.02 -2.24
C PRO A 57 19.40 11.59 -2.56
N LYS A 58 19.67 11.34 -3.84
CA LYS A 58 20.11 10.02 -4.28
C LYS A 58 21.39 9.60 -3.57
N PRO A 59 21.34 8.43 -2.91
CA PRO A 59 22.49 7.89 -2.18
C PRO A 59 23.61 7.44 -3.11
N GLY A 60 24.74 7.06 -2.52
CA GLY A 60 25.87 6.60 -3.31
C GLY A 60 25.96 5.10 -3.40
N VAL A 61 26.68 4.61 -4.40
CA VAL A 61 26.84 3.16 -4.58
C VAL A 61 27.17 2.47 -3.26
N PHE A 62 28.26 2.88 -2.64
CA PHE A 62 28.69 2.31 -1.37
C PHE A 62 27.48 2.05 -0.45
N ASP A 63 26.55 3.01 -0.44
CA ASP A 63 25.35 2.89 0.37
C ASP A 63 24.29 2.06 -0.33
N LEU A 64 24.57 0.77 -0.51
CA LEU A 64 23.64 -0.14 -1.17
C LEU A 64 22.33 -0.22 -0.39
N ILE A 65 22.40 0.01 0.91
CA ILE A 65 21.22 -0.06 1.77
C ILE A 65 20.23 1.04 1.39
N ASN A 66 20.70 2.27 1.31
CA ASN A 66 19.85 3.41 0.96
C ASN A 66 19.52 3.39 -0.53
N LYS A 67 20.48 2.95 -1.35
CA LYS A 67 20.29 2.88 -2.79
C LYS A 67 19.16 1.93 -3.14
N ALA A 68 19.05 0.84 -2.40
CA ALA A 68 18.00 -0.15 -2.64
C ALA A 68 16.63 0.43 -2.40
N LYS A 69 16.48 1.18 -1.31
CA LYS A 69 15.21 1.79 -0.96
C LYS A 69 14.91 2.97 -1.89
N TRP A 70 15.91 3.82 -2.12
CA TRP A 70 15.74 4.97 -2.99
C TRP A 70 15.09 4.57 -4.31
N ASP A 71 15.51 3.42 -4.84
CA ASP A 71 14.98 2.93 -6.10
C ASP A 71 13.55 2.42 -5.92
N ALA A 72 13.21 2.02 -4.70
CA ALA A 72 11.88 1.51 -4.40
C ALA A 72 10.89 2.66 -4.21
N TRP A 73 11.30 3.66 -3.43
CA TRP A 73 10.45 4.81 -3.17
C TRP A 73 10.44 5.77 -4.36
N ASN A 74 11.57 5.85 -5.05
CA ASN A 74 11.69 6.72 -6.21
C ASN A 74 10.77 6.25 -7.35
N ALA A 75 10.87 4.97 -7.68
CA ALA A 75 10.05 4.41 -8.75
C ALA A 75 8.64 4.99 -8.73
N LEU A 76 8.09 5.17 -7.53
CA LEU A 76 6.75 5.72 -7.37
C LEU A 76 6.60 7.02 -8.17
N GLY A 77 7.51 7.97 -7.90
CA GLY A 77 7.45 9.24 -8.60
C GLY A 77 6.50 10.22 -7.94
N SER A 78 5.65 10.84 -8.74
CA SER A 78 4.68 11.81 -8.23
C SER A 78 3.41 11.11 -7.77
N LEU A 79 3.55 9.89 -7.27
CA LEU A 79 2.40 9.12 -6.81
C LEU A 79 1.82 9.74 -5.53
N PRO A 80 0.53 10.11 -5.59
CA PRO A 80 -0.18 10.71 -4.45
C PRO A 80 -0.41 9.71 -3.32
N LYS A 81 -0.64 10.23 -2.12
CA LYS A 81 -0.88 9.40 -0.95
C LYS A 81 -2.17 8.58 -1.13
N GLU A 82 -3.21 9.22 -1.60
CA GLU A 82 -4.49 8.56 -1.81
C GLU A 82 -4.31 7.25 -2.58
N ALA A 83 -3.31 7.23 -3.46
CA ALA A 83 -3.02 6.04 -4.26
C ALA A 83 -1.92 5.20 -3.61
N ALA A 84 -0.93 5.88 -3.03
CA ALA A 84 0.17 5.20 -2.37
C ALA A 84 -0.31 4.34 -1.21
N ARG A 85 -1.41 4.75 -0.59
CA ARG A 85 -1.98 4.02 0.52
C ARG A 85 -2.78 2.80 0.04
N GLN A 86 -3.37 2.93 -1.13
CA GLN A 86 -4.16 1.85 -1.71
C GLN A 86 -3.26 0.73 -2.22
N ASN A 87 -2.12 1.11 -2.79
CA ASN A 87 -1.18 0.14 -3.31
C ASN A 87 -0.60 -0.72 -2.20
N TYR A 88 -0.12 -0.06 -1.14
CA TYR A 88 0.47 -0.77 -0.01
C TYR A 88 -0.45 -1.89 0.47
N VAL A 89 -1.71 -1.56 0.70
CA VAL A 89 -2.68 -2.55 1.14
C VAL A 89 -2.92 -3.62 0.09
N ASP A 90 -3.01 -3.20 -1.16
CA ASP A 90 -3.24 -4.12 -2.27
C ASP A 90 -2.26 -5.30 -2.20
N LEU A 91 -1.05 -5.01 -1.73
CA LEU A 91 -0.02 -6.04 -1.62
C LEU A 91 -0.30 -6.97 -0.45
N VAL A 92 -0.35 -6.41 0.76
CA VAL A 92 -0.62 -7.20 1.96
C VAL A 92 -1.81 -8.13 1.75
N SER A 93 -2.76 -7.68 0.94
CA SER A 93 -3.95 -8.49 0.66
C SER A 93 -3.62 -9.65 -0.25
N SER A 94 -2.63 -9.46 -1.12
CA SER A 94 -2.22 -10.50 -2.06
C SER A 94 -1.62 -11.69 -1.32
N LEU A 95 -0.80 -11.40 -0.31
CA LEU A 95 -0.16 -12.45 0.48
C LEU A 95 -1.20 -13.30 1.19
N SER A 96 -2.20 -12.65 1.78
CA SER A 96 -3.26 -13.35 2.49
C SER A 96 -4.01 -14.29 1.55
N PRO A 97 -4.43 -15.45 2.10
CA PRO A 97 -5.17 -16.46 1.33
C PRO A 97 -6.58 -16.00 0.97
N SER A 98 -7.31 -15.51 1.97
CA SER A 98 -8.67 -15.05 1.75
C SER A 98 -9.13 -14.16 2.91
N LEU A 99 -9.76 -13.04 2.57
CA LEU A 99 -10.24 -12.10 3.57
C LEU A 99 -11.42 -11.28 3.03
N GLU A 100 -11.99 -10.43 3.89
CA GLU A 100 -13.11 -9.60 3.50
C GLU A 100 -12.63 -8.24 3.01
N SER A 101 -12.96 -7.93 1.75
CA SER A 101 -12.56 -6.65 1.16
C SER A 101 -12.76 -5.51 2.14
N SER A 102 -13.99 -5.36 2.63
CA SER A 102 -14.32 -4.29 3.57
C SER A 102 -14.65 -4.87 4.94
N SER A 103 -14.62 -4.02 5.96
CA SER A 103 -14.91 -4.44 7.33
C SER A 103 -15.95 -3.53 7.97
N GLN A 104 -15.63 -2.24 8.01
CA GLN A 104 -16.54 -1.25 8.60
C GLN A 104 -16.95 -0.20 7.57
N VAL A 105 -18.22 -0.19 7.22
CA VAL A 105 -18.74 0.78 6.25
C VAL A 105 -18.65 2.19 6.79
N GLU A 106 -17.79 3.01 6.18
CA GLU A 106 -17.61 4.38 6.60
C GLU A 106 -18.27 5.34 5.60
N PRO A 107 -18.80 6.46 6.13
CA PRO A 107 -19.47 7.47 5.30
C PRO A 107 -18.48 8.24 4.42
N GLY A 108 -18.99 8.77 3.30
CA GLY A 108 -18.14 9.51 2.39
C GLY A 108 -18.81 9.75 1.04
N THR A 109 -18.92 11.02 0.65
CA THR A 109 -19.54 11.37 -0.61
C THR A 109 -18.61 11.09 -1.79
N ASP A 110 -19.11 10.33 -2.75
CA ASP A 110 -18.32 9.98 -3.93
C ASP A 110 -18.15 11.20 -4.85
N SER A 111 -17.08 11.95 -4.64
CA SER A 111 -16.81 13.14 -5.43
C SER A 111 -15.36 13.59 -5.26
N GLY A 112 -14.84 14.28 -6.27
CA GLY A 112 -13.47 14.76 -6.21
C GLY A 112 -12.58 14.09 -7.23
N PRO A 113 -12.00 14.89 -8.14
CA PRO A 113 -11.11 14.40 -9.20
C PRO A 113 -9.78 13.90 -8.64
N SER A 114 -9.46 12.64 -8.91
CA SER A 114 -8.23 12.04 -8.44
C SER A 114 -7.52 11.28 -9.57
N SER A 115 -6.20 11.24 -9.51
CA SER A 115 -5.41 10.55 -10.53
C SER A 115 -6.09 9.25 -10.95
N GLY A 116 -6.58 8.49 -9.97
CA GLY A 116 -7.25 7.24 -10.26
C GLY A 116 -7.41 6.37 -9.03
N GLY A 1 -24.64 -14.73 -26.90
CA GLY A 1 -24.63 -14.02 -25.63
C GLY A 1 -23.85 -12.73 -25.69
N SER A 2 -22.60 -12.77 -25.21
CA SER A 2 -21.75 -11.59 -25.19
C SER A 2 -22.53 -10.36 -24.77
N SER A 3 -23.38 -10.52 -23.76
CA SER A 3 -24.19 -9.42 -23.26
C SER A 3 -23.31 -8.27 -22.79
N GLY A 4 -23.84 -7.04 -22.90
CA GLY A 4 -23.09 -5.88 -22.48
C GLY A 4 -23.53 -5.36 -21.13
N SER A 5 -22.76 -4.42 -20.57
CA SER A 5 -23.07 -3.85 -19.27
C SER A 5 -23.56 -4.93 -18.31
N SER A 6 -22.90 -6.09 -18.33
CA SER A 6 -23.27 -7.19 -17.47
C SER A 6 -22.03 -7.87 -16.89
N GLY A 7 -22.19 -8.52 -15.75
CA GLY A 7 -21.07 -9.20 -15.12
C GLY A 7 -20.37 -8.33 -14.10
N MET A 8 -19.67 -7.30 -14.58
CA MET A 8 -18.94 -6.40 -13.71
C MET A 8 -19.90 -5.64 -12.79
N ASN A 9 -20.18 -6.22 -11.63
CA ASN A 9 -21.09 -5.59 -10.66
C ASN A 9 -20.32 -5.10 -9.44
N ARG A 10 -20.34 -3.78 -9.24
CA ARG A 10 -19.64 -3.18 -8.10
C ARG A 10 -18.24 -3.77 -7.94
N THR A 11 -17.46 -3.74 -9.02
CA THR A 11 -16.11 -4.28 -8.99
C THR A 11 -15.09 -3.18 -8.71
N ALA A 12 -15.49 -2.19 -7.92
CA ALA A 12 -14.61 -1.08 -7.58
C ALA A 12 -14.33 -1.05 -6.08
N MET A 13 -13.06 -1.17 -5.72
CA MET A 13 -12.65 -1.16 -4.32
C MET A 13 -11.59 -0.09 -4.07
N ARG A 14 -11.56 0.43 -2.84
CA ARG A 14 -10.59 1.46 -2.48
C ARG A 14 -10.11 1.27 -1.04
N ALA A 15 -8.86 1.62 -0.78
CA ALA A 15 -8.29 1.49 0.55
C ALA A 15 -8.51 2.75 1.37
N SER A 16 -8.25 2.67 2.67
CA SER A 16 -8.44 3.80 3.57
C SER A 16 -7.39 3.79 4.68
N GLN A 17 -7.48 4.76 5.58
CA GLN A 17 -6.55 4.86 6.69
C GLN A 17 -6.53 3.57 7.50
N LYS A 18 -7.71 3.13 7.94
CA LYS A 18 -7.82 1.91 8.73
C LYS A 18 -7.24 0.72 7.98
N ASP A 19 -7.84 0.38 6.84
CA ASP A 19 -7.37 -0.74 6.04
C ASP A 19 -5.85 -0.76 5.96
N PHE A 20 -5.27 0.39 5.66
CA PHE A 20 -3.81 0.51 5.56
C PHE A 20 -3.14 0.11 6.86
N GLU A 21 -3.44 0.84 7.93
CA GLU A 21 -2.86 0.56 9.24
C GLU A 21 -2.94 -0.94 9.56
N ASN A 22 -3.97 -1.60 9.02
CA ASN A 22 -4.15 -3.02 9.25
C ASN A 22 -3.21 -3.84 8.37
N SER A 23 -3.14 -3.47 7.10
CA SER A 23 -2.28 -4.18 6.15
C SER A 23 -0.83 -4.16 6.61
N MET A 24 -0.30 -2.97 6.86
CA MET A 24 1.07 -2.81 7.31
C MET A 24 1.35 -3.69 8.53
N ASN A 25 0.35 -3.81 9.40
CA ASN A 25 0.49 -4.62 10.62
C ASN A 25 0.71 -6.09 10.25
N GLN A 26 -0.14 -6.61 9.36
CA GLN A 26 -0.03 -8.00 8.94
C GLN A 26 1.38 -8.34 8.49
N VAL A 27 1.96 -7.45 7.67
CA VAL A 27 3.31 -7.65 7.16
C VAL A 27 4.31 -7.75 8.31
N LYS A 28 3.99 -7.14 9.43
CA LYS A 28 4.85 -7.15 10.61
C LYS A 28 4.59 -8.39 11.46
N LEU A 29 3.42 -9.00 11.26
CA LEU A 29 3.06 -10.19 12.01
C LEU A 29 3.85 -11.41 11.54
N LEU A 30 3.88 -11.61 10.23
CA LEU A 30 4.61 -12.73 9.65
C LEU A 30 6.08 -12.70 10.06
N LYS A 31 6.57 -13.83 10.56
CA LYS A 31 7.96 -13.94 10.98
C LYS A 31 8.80 -14.65 9.93
N LYS A 32 8.22 -14.85 8.75
CA LYS A 32 8.92 -15.51 7.65
C LYS A 32 9.32 -14.51 6.57
N ASP A 33 10.51 -13.97 6.69
CA ASP A 33 11.02 -12.99 5.73
C ASP A 33 10.76 -13.46 4.30
N PRO A 34 9.90 -12.73 3.58
CA PRO A 34 9.55 -13.05 2.19
C PRO A 34 10.71 -12.82 1.24
N GLY A 35 11.30 -11.64 1.31
CA GLY A 35 12.42 -11.31 0.44
C GLY A 35 12.65 -9.80 0.34
N ASN A 36 13.91 -9.41 0.25
CA ASN A 36 14.27 -8.00 0.16
C ASN A 36 13.47 -7.31 -0.95
N GLU A 37 12.96 -8.11 -1.88
CA GLU A 37 12.17 -7.58 -2.99
C GLU A 37 10.91 -6.88 -2.47
N VAL A 38 10.07 -7.63 -1.79
CA VAL A 38 8.82 -7.08 -1.24
C VAL A 38 9.11 -6.08 -0.12
N LYS A 39 10.00 -6.46 0.78
CA LYS A 39 10.37 -5.60 1.90
C LYS A 39 10.60 -4.16 1.43
N LEU A 40 10.95 -4.01 0.16
CA LEU A 40 11.18 -2.69 -0.42
C LEU A 40 9.89 -2.08 -0.93
N LYS A 41 9.16 -2.84 -1.74
CA LYS A 41 7.91 -2.38 -2.31
C LYS A 41 6.96 -1.89 -1.21
N LEU A 42 7.04 -2.52 -0.05
CA LEU A 42 6.20 -2.15 1.08
C LEU A 42 6.65 -0.84 1.69
N TYR A 43 7.94 -0.53 1.54
CA TYR A 43 8.50 0.70 2.08
C TYR A 43 8.31 1.85 1.10
N ALA A 44 8.37 1.54 -0.19
CA ALA A 44 8.20 2.55 -1.23
C ALA A 44 6.86 3.27 -1.08
N LEU A 45 5.81 2.50 -0.82
CA LEU A 45 4.48 3.07 -0.66
C LEU A 45 4.33 3.74 0.70
N TYR A 46 4.76 3.05 1.74
CA TYR A 46 4.67 3.57 3.10
C TYR A 46 5.12 5.03 3.16
N LYS A 47 6.31 5.29 2.62
CA LYS A 47 6.85 6.65 2.60
C LYS A 47 6.10 7.52 1.60
N GLN A 48 5.35 6.88 0.72
CA GLN A 48 4.57 7.60 -0.29
C GLN A 48 3.23 8.05 0.27
N ALA A 49 2.67 7.24 1.16
CA ALA A 49 1.39 7.56 1.77
C ALA A 49 1.58 8.25 3.12
N THR A 50 2.79 8.70 3.39
CA THR A 50 3.10 9.37 4.64
C THR A 50 3.93 10.62 4.40
N GLU A 51 4.97 10.49 3.58
CA GLU A 51 5.84 11.61 3.26
C GLU A 51 5.54 12.17 1.87
N GLY A 52 5.17 11.28 0.96
CA GLY A 52 4.86 11.69 -0.40
C GLY A 52 5.88 11.19 -1.40
N PRO A 53 6.12 11.99 -2.45
CA PRO A 53 7.08 11.64 -3.51
C PRO A 53 8.52 11.69 -3.01
N CYS A 54 9.32 10.72 -3.47
CA CYS A 54 10.73 10.65 -3.07
C CYS A 54 11.40 12.02 -3.18
N ASN A 55 11.64 12.65 -2.05
CA ASN A 55 12.26 13.96 -2.01
C ASN A 55 13.59 13.91 -1.27
N MET A 56 14.10 12.70 -1.07
CA MET A 56 15.37 12.51 -0.37
C MET A 56 16.54 12.48 -1.36
N PRO A 57 17.73 12.81 -0.86
CA PRO A 57 18.95 12.84 -1.68
C PRO A 57 19.40 11.43 -2.10
N LYS A 58 19.68 11.27 -3.39
CA LYS A 58 20.12 9.98 -3.91
C LYS A 58 21.35 9.47 -3.16
N PRO A 59 21.27 8.23 -2.66
CA PRO A 59 22.37 7.61 -1.91
C PRO A 59 23.56 7.28 -2.81
N GLY A 60 24.66 6.88 -2.19
CA GLY A 60 25.85 6.53 -2.94
C GLY A 60 25.88 5.07 -3.36
N VAL A 61 26.61 4.77 -4.42
CA VAL A 61 26.72 3.41 -4.92
C VAL A 61 27.20 2.46 -3.83
N PHE A 62 28.12 2.95 -3.00
CA PHE A 62 28.66 2.14 -1.91
C PHE A 62 27.57 1.79 -0.89
N ASP A 63 26.45 2.50 -0.98
CA ASP A 63 25.34 2.26 -0.06
C ASP A 63 24.21 1.52 -0.77
N LEU A 64 24.41 0.23 -1.01
CA LEU A 64 23.41 -0.59 -1.68
C LEU A 64 22.10 -0.61 -0.90
N ILE A 65 22.20 -0.76 0.42
CA ILE A 65 21.03 -0.78 1.29
C ILE A 65 20.11 0.39 0.98
N ASN A 66 20.62 1.60 1.10
CA ASN A 66 19.84 2.81 0.83
C ASN A 66 19.46 2.89 -0.64
N LYS A 67 20.43 2.66 -1.51
CA LYS A 67 20.19 2.70 -2.95
C LYS A 67 19.02 1.82 -3.34
N ALA A 68 18.89 0.69 -2.67
CA ALA A 68 17.79 -0.24 -2.94
C ALA A 68 16.44 0.40 -2.67
N LYS A 69 16.34 1.07 -1.52
CA LYS A 69 15.10 1.73 -1.13
C LYS A 69 14.84 2.97 -2.00
N TRP A 70 15.88 3.77 -2.20
CA TRP A 70 15.77 4.98 -3.01
C TRP A 70 15.10 4.67 -4.35
N ASP A 71 15.43 3.51 -4.91
CA ASP A 71 14.86 3.10 -6.18
C ASP A 71 13.42 2.62 -6.02
N ALA A 72 13.11 2.14 -4.82
CA ALA A 72 11.76 1.65 -4.53
C ALA A 72 10.79 2.80 -4.29
N TRP A 73 11.25 3.83 -3.59
CA TRP A 73 10.43 5.00 -3.31
C TRP A 73 10.46 5.99 -4.47
N ASN A 74 11.60 6.05 -5.16
CA ASN A 74 11.76 6.96 -6.28
C ASN A 74 10.80 6.59 -7.42
N ALA A 75 10.77 5.30 -7.76
CA ALA A 75 9.90 4.82 -8.83
C ALA A 75 8.52 5.46 -8.74
N LEU A 76 7.93 5.42 -7.55
CA LEU A 76 6.60 5.99 -7.33
C LEU A 76 6.46 7.32 -8.06
N GLY A 77 7.45 8.20 -7.89
CA GLY A 77 7.41 9.49 -8.55
C GLY A 77 6.46 10.46 -7.87
N SER A 78 5.58 11.07 -8.65
CA SER A 78 4.61 12.01 -8.11
C SER A 78 3.33 11.31 -7.67
N LEU A 79 3.47 10.07 -7.21
CA LEU A 79 2.34 9.29 -6.77
C LEU A 79 1.73 9.88 -5.49
N PRO A 80 0.43 10.19 -5.55
CA PRO A 80 -0.30 10.77 -4.41
C PRO A 80 -0.48 9.76 -3.28
N LYS A 81 -0.58 10.27 -2.05
CA LYS A 81 -0.77 9.42 -0.88
C LYS A 81 -1.96 8.49 -1.08
N GLU A 82 -3.07 9.05 -1.54
CA GLU A 82 -4.28 8.27 -1.76
C GLU A 82 -3.95 6.94 -2.46
N ALA A 83 -3.40 7.04 -3.67
CA ALA A 83 -3.04 5.86 -4.43
C ALA A 83 -1.98 5.03 -3.70
N ALA A 84 -1.02 5.72 -3.10
CA ALA A 84 0.06 5.04 -2.37
C ALA A 84 -0.51 4.00 -1.41
N ARG A 85 -1.44 4.42 -0.56
CA ARG A 85 -2.06 3.53 0.41
C ARG A 85 -2.73 2.35 -0.30
N GLN A 86 -3.36 2.63 -1.43
CA GLN A 86 -4.06 1.61 -2.20
C GLN A 86 -3.08 0.54 -2.67
N ASN A 87 -1.92 0.97 -3.13
CA ASN A 87 -0.90 0.04 -3.62
C ASN A 87 -0.30 -0.77 -2.47
N TYR A 88 -0.04 -0.10 -1.35
CA TYR A 88 0.52 -0.77 -0.19
C TYR A 88 -0.37 -1.91 0.28
N VAL A 89 -1.65 -1.61 0.48
CA VAL A 89 -2.61 -2.62 0.92
C VAL A 89 -2.77 -3.72 -0.12
N ASP A 90 -2.92 -3.32 -1.37
CA ASP A 90 -3.07 -4.27 -2.47
C ASP A 90 -2.07 -5.42 -2.34
N LEU A 91 -0.88 -5.10 -1.85
CA LEU A 91 0.16 -6.09 -1.67
C LEU A 91 -0.14 -7.02 -0.50
N VAL A 92 -0.21 -6.44 0.69
CA VAL A 92 -0.51 -7.21 1.90
C VAL A 92 -1.63 -8.21 1.65
N SER A 93 -2.62 -7.79 0.87
CA SER A 93 -3.76 -8.65 0.54
C SER A 93 -3.32 -9.84 -0.31
N SER A 94 -2.36 -9.59 -1.19
CA SER A 94 -1.86 -10.63 -2.09
C SER A 94 -1.21 -11.77 -1.28
N LEU A 95 -0.46 -11.39 -0.26
CA LEU A 95 0.22 -12.37 0.59
C LEU A 95 -0.79 -13.29 1.26
N SER A 96 -1.84 -12.71 1.82
CA SER A 96 -2.88 -13.49 2.50
C SER A 96 -3.85 -14.10 1.48
N PRO A 97 -4.24 -15.36 1.73
CA PRO A 97 -5.18 -16.07 0.84
C PRO A 97 -6.59 -15.51 0.92
N SER A 98 -7.11 -15.37 2.14
CA SER A 98 -8.45 -14.84 2.34
C SER A 98 -8.60 -14.27 3.75
N LEU A 99 -9.06 -13.02 3.83
CA LEU A 99 -9.24 -12.35 5.11
C LEU A 99 -10.33 -11.28 5.02
N GLU A 100 -11.11 -11.15 6.07
CA GLU A 100 -12.19 -10.16 6.10
C GLU A 100 -11.62 -8.74 6.02
N SER A 101 -11.60 -8.20 4.81
CA SER A 101 -11.08 -6.86 4.59
C SER A 101 -11.76 -5.86 5.52
N SER A 102 -13.08 -5.94 5.62
CA SER A 102 -13.85 -5.05 6.47
C SER A 102 -13.53 -5.29 7.95
N SER A 103 -13.62 -4.23 8.75
CA SER A 103 -13.34 -4.33 10.17
C SER A 103 -14.58 -4.01 11.00
N GLN A 104 -15.24 -2.90 10.67
CA GLN A 104 -16.44 -2.48 11.38
C GLN A 104 -17.65 -2.48 10.44
N VAL A 105 -18.82 -2.79 11.00
CA VAL A 105 -20.05 -2.82 10.22
C VAL A 105 -20.74 -1.46 10.21
N GLU A 106 -20.78 -0.84 9.03
CA GLU A 106 -21.40 0.47 8.88
C GLU A 106 -22.51 0.43 7.83
N PRO A 107 -23.45 1.39 7.91
CA PRO A 107 -24.56 1.49 6.98
C PRO A 107 -24.12 1.91 5.59
N GLY A 108 -23.13 2.79 5.52
CA GLY A 108 -22.63 3.26 4.24
C GLY A 108 -22.10 4.69 4.31
N THR A 109 -20.80 4.84 4.14
CA THR A 109 -20.17 6.14 4.18
C THR A 109 -19.61 6.54 2.81
N ASP A 110 -20.31 7.44 2.13
CA ASP A 110 -19.89 7.90 0.82
C ASP A 110 -20.12 9.40 0.66
N SER A 111 -19.06 10.13 0.33
CA SER A 111 -19.15 11.58 0.15
C SER A 111 -18.10 12.07 -0.84
N GLY A 112 -18.55 12.67 -1.92
CA GLY A 112 -17.64 13.18 -2.93
C GLY A 112 -17.72 12.42 -4.23
N PRO A 113 -16.63 12.45 -5.01
CA PRO A 113 -16.56 11.77 -6.31
C PRO A 113 -16.51 10.25 -6.15
N SER A 114 -17.65 9.59 -6.39
CA SER A 114 -17.74 8.14 -6.29
C SER A 114 -16.71 7.47 -7.17
N SER A 115 -16.68 7.85 -8.44
CA SER A 115 -15.74 7.28 -9.40
C SER A 115 -14.36 7.93 -9.27
N GLY A 116 -14.34 9.26 -9.36
CA GLY A 116 -13.09 9.99 -9.26
C GLY A 116 -13.11 11.29 -10.04
N GLY A 1 -38.48 -26.59 5.34
CA GLY A 1 -38.29 -25.22 5.76
C GLY A 1 -36.82 -24.89 5.98
N SER A 2 -36.09 -24.67 4.89
CA SER A 2 -34.67 -24.35 4.97
C SER A 2 -34.29 -23.29 3.94
N SER A 3 -33.05 -22.83 4.01
CA SER A 3 -32.56 -21.81 3.08
C SER A 3 -31.04 -21.87 2.96
N GLY A 4 -30.54 -21.66 1.75
CA GLY A 4 -29.10 -21.70 1.52
C GLY A 4 -28.72 -21.13 0.17
N SER A 5 -28.24 -19.89 0.17
CA SER A 5 -27.84 -19.23 -1.07
C SER A 5 -26.46 -18.59 -0.92
N SER A 6 -25.88 -18.20 -2.05
CA SER A 6 -24.55 -17.59 -2.05
C SER A 6 -24.67 -16.07 -1.97
N GLY A 7 -25.48 -15.50 -2.86
CA GLY A 7 -25.66 -14.05 -2.87
C GLY A 7 -24.34 -13.31 -3.01
N MET A 8 -23.60 -13.61 -4.07
CA MET A 8 -22.31 -12.96 -4.31
C MET A 8 -22.51 -11.45 -4.53
N ASN A 9 -22.01 -10.66 -3.58
CA ASN A 9 -22.12 -9.21 -3.66
C ASN A 9 -20.74 -8.56 -3.60
N ARG A 10 -20.43 -7.75 -4.60
CA ARG A 10 -19.14 -7.06 -4.67
C ARG A 10 -19.24 -5.68 -4.02
N THR A 11 -18.12 -5.19 -3.51
CA THR A 11 -18.07 -3.88 -2.87
C THR A 11 -16.80 -3.13 -3.25
N ALA A 12 -16.87 -1.80 -3.21
CA ALA A 12 -15.73 -0.96 -3.54
C ALA A 12 -15.10 -0.36 -2.29
N MET A 13 -14.25 -1.13 -1.63
CA MET A 13 -13.59 -0.67 -0.41
C MET A 13 -12.29 0.06 -0.76
N ARG A 14 -12.06 1.17 -0.06
CA ARG A 14 -10.85 1.98 -0.30
C ARG A 14 -10.00 2.03 0.96
N ALA A 15 -8.68 2.12 0.77
CA ALA A 15 -7.75 2.18 1.89
C ALA A 15 -7.44 3.64 2.26
N SER A 16 -7.72 4.00 3.51
CA SER A 16 -7.47 5.35 3.98
C SER A 16 -6.58 5.34 5.21
N GLN A 17 -7.11 4.81 6.32
CA GLN A 17 -6.36 4.74 7.56
C GLN A 17 -6.45 3.34 8.17
N LYS A 18 -7.67 2.80 8.23
CA LYS A 18 -7.88 1.48 8.79
C LYS A 18 -7.24 0.41 7.92
N ASP A 19 -7.79 0.20 6.73
CA ASP A 19 -7.27 -0.79 5.79
C ASP A 19 -5.74 -0.85 5.86
N PHE A 20 -5.11 0.32 5.73
CA PHE A 20 -3.66 0.40 5.77
C PHE A 20 -3.11 -0.17 7.07
N GLU A 21 -3.51 0.43 8.19
CA GLU A 21 -3.06 -0.03 9.50
C GLU A 21 -3.17 -1.54 9.62
N ASN A 22 -4.21 -2.10 9.01
CA ASN A 22 -4.43 -3.54 9.05
C ASN A 22 -3.44 -4.26 8.14
N SER A 23 -3.25 -3.74 6.94
CA SER A 23 -2.33 -4.34 5.98
C SER A 23 -0.90 -4.36 6.53
N MET A 24 -0.39 -3.18 6.85
CA MET A 24 0.96 -3.06 7.40
C MET A 24 1.17 -4.04 8.55
N ASN A 25 0.13 -4.24 9.35
CA ASN A 25 0.20 -5.14 10.49
C ASN A 25 0.44 -6.57 10.03
N GLN A 26 -0.35 -7.02 9.06
CA GLN A 26 -0.21 -8.37 8.53
C GLN A 26 1.23 -8.67 8.16
N VAL A 27 1.91 -7.69 7.56
CA VAL A 27 3.30 -7.85 7.15
C VAL A 27 4.19 -8.09 8.35
N LYS A 28 3.78 -7.57 9.51
CA LYS A 28 4.56 -7.71 10.74
C LYS A 28 4.19 -9.01 11.45
N LEU A 29 3.07 -9.62 11.05
CA LEU A 29 2.61 -10.87 11.64
C LEU A 29 3.45 -12.04 11.16
N LEU A 30 3.73 -12.07 9.86
CA LEU A 30 4.52 -13.14 9.27
C LEU A 30 5.93 -13.16 9.85
N LYS A 31 6.33 -14.31 10.39
CA LYS A 31 7.65 -14.47 10.97
C LYS A 31 8.62 -15.09 9.98
N LYS A 32 8.20 -15.18 8.73
CA LYS A 32 9.03 -15.75 7.68
C LYS A 32 9.78 -14.66 6.92
N ASP A 33 10.61 -15.06 5.97
CA ASP A 33 11.38 -14.12 5.17
C ASP A 33 11.13 -14.33 3.68
N PRO A 34 10.25 -13.49 3.10
CA PRO A 34 9.90 -13.58 1.68
C PRO A 34 11.05 -13.14 0.78
N GLY A 35 11.66 -12.01 1.10
CA GLY A 35 12.76 -11.51 0.31
C GLY A 35 12.84 -9.99 0.31
N ASN A 36 14.06 -9.47 0.33
CA ASN A 36 14.28 -8.03 0.35
C ASN A 36 13.49 -7.36 -0.78
N GLU A 37 13.06 -8.15 -1.75
CA GLU A 37 12.30 -7.64 -2.88
C GLU A 37 11.00 -6.96 -2.41
N VAL A 38 10.22 -7.71 -1.64
CA VAL A 38 8.96 -7.19 -1.12
C VAL A 38 9.19 -6.15 -0.02
N LYS A 39 10.15 -6.44 0.86
CA LYS A 39 10.48 -5.54 1.95
C LYS A 39 10.66 -4.11 1.44
N LEU A 40 11.01 -3.98 0.17
CA LEU A 40 11.21 -2.67 -0.44
C LEU A 40 9.89 -2.11 -0.97
N LYS A 41 9.17 -2.94 -1.73
CA LYS A 41 7.89 -2.54 -2.30
C LYS A 41 6.94 -2.05 -1.21
N LEU A 42 7.03 -2.66 -0.03
CA LEU A 42 6.18 -2.29 1.09
C LEU A 42 6.62 -0.96 1.70
N TYR A 43 7.91 -0.66 1.58
CA TYR A 43 8.46 0.57 2.12
C TYR A 43 8.26 1.73 1.14
N ALA A 44 8.30 1.41 -0.16
CA ALA A 44 8.12 2.41 -1.19
C ALA A 44 6.80 3.15 -1.02
N LEU A 45 5.73 2.39 -0.80
CA LEU A 45 4.40 2.97 -0.63
C LEU A 45 4.31 3.71 0.70
N TYR A 46 4.80 3.07 1.77
CA TYR A 46 4.77 3.66 3.09
C TYR A 46 5.24 5.11 3.06
N LYS A 47 6.45 5.32 2.57
CA LYS A 47 7.02 6.66 2.47
C LYS A 47 6.24 7.52 1.47
N GLN A 48 5.50 6.85 0.58
CA GLN A 48 4.71 7.55 -0.43
C GLN A 48 3.35 7.96 0.14
N ALA A 49 2.88 7.23 1.15
CA ALA A 49 1.60 7.52 1.77
C ALA A 49 1.78 8.32 3.06
N THR A 50 3.00 8.79 3.29
CA THR A 50 3.32 9.56 4.49
C THR A 50 4.07 10.84 4.14
N GLU A 51 5.08 10.71 3.27
CA GLU A 51 5.88 11.85 2.87
C GLU A 51 5.51 12.30 1.45
N GLY A 52 5.13 11.33 0.61
CA GLY A 52 4.75 11.64 -0.75
C GLY A 52 5.78 11.16 -1.77
N PRO A 53 6.03 11.98 -2.80
CA PRO A 53 6.98 11.65 -3.86
C PRO A 53 8.42 11.69 -3.36
N CYS A 54 9.24 10.74 -3.82
CA CYS A 54 10.63 10.67 -3.42
C CYS A 54 11.27 12.05 -3.40
N ASN A 55 11.47 12.59 -2.20
CA ASN A 55 12.07 13.91 -2.05
C ASN A 55 13.38 13.84 -1.28
N MET A 56 13.96 12.64 -1.24
CA MET A 56 15.22 12.42 -0.54
C MET A 56 16.40 12.48 -1.51
N PRO A 57 17.58 12.86 -1.01
CA PRO A 57 18.79 12.95 -1.81
C PRO A 57 19.32 11.59 -2.24
N LYS A 58 19.80 11.51 -3.48
CA LYS A 58 20.33 10.26 -4.02
C LYS A 58 21.62 9.87 -3.31
N PRO A 59 21.60 8.71 -2.63
CA PRO A 59 22.75 8.19 -1.91
C PRO A 59 23.88 7.74 -2.84
N GLY A 60 24.95 7.23 -2.25
CA GLY A 60 26.08 6.77 -3.05
C GLY A 60 25.98 5.29 -3.39
N VAL A 61 26.65 4.89 -4.46
CA VAL A 61 26.64 3.50 -4.90
C VAL A 61 27.15 2.57 -3.80
N PHE A 62 28.26 2.97 -3.18
CA PHE A 62 28.85 2.19 -2.11
C PHE A 62 27.81 1.75 -1.10
N ASP A 63 26.77 2.56 -0.94
CA ASP A 63 25.68 2.26 0.00
C ASP A 63 24.52 1.58 -0.72
N LEU A 64 24.58 0.25 -0.80
CA LEU A 64 23.52 -0.52 -1.46
C LEU A 64 22.28 -0.59 -0.58
N ILE A 65 22.43 -0.21 0.68
CA ILE A 65 21.31 -0.24 1.61
C ILE A 65 20.29 0.85 1.29
N ASN A 66 20.65 2.09 1.56
CA ASN A 66 19.77 3.22 1.29
C ASN A 66 19.40 3.28 -0.19
N LYS A 67 20.39 3.10 -1.05
CA LYS A 67 20.17 3.12 -2.49
C LYS A 67 19.06 2.16 -2.89
N ALA A 68 18.99 1.02 -2.20
CA ALA A 68 17.97 0.01 -2.48
C ALA A 68 16.57 0.57 -2.26
N LYS A 69 16.41 1.37 -1.21
CA LYS A 69 15.12 1.97 -0.89
C LYS A 69 14.83 3.15 -1.82
N TRP A 70 15.84 3.95 -2.09
CA TRP A 70 15.68 5.10 -2.98
C TRP A 70 15.06 4.70 -4.30
N ASP A 71 15.48 3.55 -4.83
CA ASP A 71 14.96 3.04 -6.09
C ASP A 71 13.52 2.54 -5.93
N ALA A 72 13.20 2.09 -4.72
CA ALA A 72 11.86 1.59 -4.42
C ALA A 72 10.86 2.72 -4.27
N TRP A 73 11.19 3.68 -3.40
CA TRP A 73 10.32 4.82 -3.16
C TRP A 73 10.27 5.74 -4.37
N ASN A 74 11.38 5.80 -5.11
CA ASN A 74 11.47 6.64 -6.30
C ASN A 74 10.61 6.07 -7.43
N ALA A 75 10.69 4.76 -7.62
CA ALA A 75 9.92 4.10 -8.67
C ALA A 75 8.47 4.58 -8.68
N LEU A 76 8.03 5.11 -7.54
CA LEU A 76 6.66 5.60 -7.42
C LEU A 76 6.49 6.91 -8.17
N GLY A 77 7.42 7.84 -7.98
CA GLY A 77 7.35 9.12 -8.66
C GLY A 77 6.38 10.08 -8.00
N SER A 78 5.60 10.78 -8.82
CA SER A 78 4.62 11.73 -8.31
C SER A 78 3.33 11.03 -7.90
N LEU A 79 3.48 9.85 -7.29
CA LEU A 79 2.32 9.07 -6.84
C LEU A 79 1.67 9.71 -5.62
N PRO A 80 0.38 10.03 -5.73
CA PRO A 80 -0.38 10.63 -4.64
C PRO A 80 -0.62 9.67 -3.48
N LYS A 81 -0.61 10.20 -2.27
CA LYS A 81 -0.83 9.40 -1.08
C LYS A 81 -2.10 8.55 -1.20
N GLU A 82 -3.17 9.19 -1.66
CA GLU A 82 -4.46 8.52 -1.84
C GLU A 82 -4.26 7.14 -2.47
N ALA A 83 -3.55 7.12 -3.60
CA ALA A 83 -3.28 5.87 -4.31
C ALA A 83 -2.18 5.07 -3.63
N ALA A 84 -1.17 5.77 -3.12
CA ALA A 84 -0.06 5.12 -2.44
C ALA A 84 -0.55 4.19 -1.34
N ARG A 85 -1.49 4.67 -0.53
CA ARG A 85 -2.04 3.88 0.55
C ARG A 85 -2.78 2.66 0.01
N GLN A 86 -3.52 2.85 -1.07
CA GLN A 86 -4.28 1.77 -1.68
C GLN A 86 -3.35 0.70 -2.25
N ASN A 87 -2.18 1.13 -2.72
CA ASN A 87 -1.20 0.22 -3.29
C ASN A 87 -0.60 -0.67 -2.22
N TYR A 88 -0.22 -0.07 -1.09
CA TYR A 88 0.37 -0.81 0.02
C TYR A 88 -0.56 -1.92 0.49
N VAL A 89 -1.85 -1.59 0.63
CA VAL A 89 -2.85 -2.56 1.07
C VAL A 89 -3.09 -3.61 0.00
N ASP A 90 -3.16 -3.18 -1.25
CA ASP A 90 -3.40 -4.09 -2.37
C ASP A 90 -2.34 -5.19 -2.39
N LEU A 91 -1.10 -4.83 -2.07
CA LEU A 91 0.00 -5.78 -2.06
C LEU A 91 -0.13 -6.75 -0.88
N VAL A 92 -0.16 -6.20 0.33
CA VAL A 92 -0.28 -7.01 1.53
C VAL A 92 -1.43 -8.00 1.41
N SER A 93 -2.44 -7.65 0.61
CA SER A 93 -3.59 -8.52 0.42
C SER A 93 -3.24 -9.69 -0.48
N SER A 94 -2.29 -9.48 -1.38
CA SER A 94 -1.85 -10.53 -2.30
C SER A 94 -1.21 -11.68 -1.55
N LEU A 95 -0.38 -11.35 -0.57
CA LEU A 95 0.31 -12.36 0.23
C LEU A 95 -0.67 -13.08 1.14
N SER A 96 -1.56 -12.31 1.77
CA SER A 96 -2.54 -12.88 2.69
C SER A 96 -3.93 -12.30 2.41
N PRO A 97 -4.67 -12.94 1.50
CA PRO A 97 -6.01 -12.51 1.13
C PRO A 97 -7.03 -12.73 2.25
N SER A 98 -6.64 -13.53 3.23
CA SER A 98 -7.52 -13.84 4.36
C SER A 98 -6.70 -14.30 5.57
N LEU A 99 -6.79 -13.55 6.65
CA LEU A 99 -6.07 -13.88 7.88
C LEU A 99 -6.89 -13.55 9.11
N GLU A 100 -6.89 -14.45 10.09
CA GLU A 100 -7.64 -14.25 11.32
C GLU A 100 -7.41 -12.85 11.88
N SER A 101 -8.37 -11.96 11.64
CA SER A 101 -8.27 -10.58 12.12
C SER A 101 -9.59 -10.12 12.73
N SER A 102 -9.54 -9.67 13.98
CA SER A 102 -10.72 -9.20 14.67
C SER A 102 -10.59 -7.73 15.06
N SER A 103 -11.72 -7.08 15.30
CA SER A 103 -11.72 -5.67 15.67
C SER A 103 -12.48 -5.45 16.98
N GLN A 104 -11.74 -5.13 18.03
CA GLN A 104 -12.33 -4.91 19.35
C GLN A 104 -12.90 -3.49 19.45
N VAL A 105 -14.16 -3.40 19.86
CA VAL A 105 -14.83 -2.10 19.99
C VAL A 105 -14.19 -1.28 21.11
N GLU A 106 -13.21 -0.46 20.75
CA GLU A 106 -12.52 0.38 21.73
C GLU A 106 -13.42 1.54 22.17
N PRO A 107 -13.32 1.91 23.46
CA PRO A 107 -14.10 3.01 24.03
C PRO A 107 -13.67 4.36 23.50
N GLY A 108 -14.43 5.40 23.87
CA GLY A 108 -14.10 6.74 23.42
C GLY A 108 -14.88 7.81 24.16
N THR A 109 -14.33 9.02 24.22
CA THR A 109 -14.98 10.13 24.91
C THR A 109 -14.69 11.46 24.23
N ASP A 110 -15.70 12.29 24.11
CA ASP A 110 -15.55 13.60 23.48
C ASP A 110 -16.73 14.51 23.80
N SER A 111 -16.44 15.67 24.38
CA SER A 111 -17.49 16.62 24.74
C SER A 111 -17.44 17.85 23.84
N GLY A 112 -18.53 18.60 23.81
CA GLY A 112 -18.60 19.79 22.99
C GLY A 112 -19.65 20.77 23.46
N PRO A 113 -19.24 21.73 24.30
CA PRO A 113 -20.15 22.75 24.85
C PRO A 113 -20.61 23.74 23.79
N SER A 114 -21.89 23.67 23.44
CA SER A 114 -22.45 24.57 22.43
C SER A 114 -22.30 26.02 22.85
N SER A 115 -22.68 26.32 24.09
CA SER A 115 -22.59 27.68 24.62
C SER A 115 -21.87 27.69 25.96
N GLY A 116 -21.57 28.89 26.45
CA GLY A 116 -20.88 29.03 27.72
C GLY A 116 -20.23 30.38 27.88
N GLY A 1 -26.96 -27.75 -19.07
CA GLY A 1 -28.22 -28.15 -18.48
C GLY A 1 -29.34 -27.16 -18.74
N SER A 2 -29.63 -26.32 -17.76
CA SER A 2 -30.68 -25.32 -17.90
C SER A 2 -30.13 -23.91 -17.70
N SER A 3 -29.41 -23.71 -16.61
CA SER A 3 -28.82 -22.41 -16.30
C SER A 3 -27.55 -22.18 -17.12
N GLY A 4 -27.13 -20.93 -17.21
CA GLY A 4 -25.94 -20.60 -17.96
C GLY A 4 -25.34 -19.26 -17.55
N SER A 5 -24.19 -18.92 -18.12
CA SER A 5 -23.51 -17.68 -17.79
C SER A 5 -24.46 -16.50 -17.95
N SER A 6 -24.87 -15.91 -16.82
CA SER A 6 -25.78 -14.77 -16.83
C SER A 6 -25.70 -14.01 -15.52
N GLY A 7 -25.43 -12.71 -15.61
CA GLY A 7 -25.34 -11.89 -14.42
C GLY A 7 -23.93 -11.39 -14.17
N MET A 8 -23.68 -10.13 -14.55
CA MET A 8 -22.36 -9.53 -14.36
C MET A 8 -22.46 -8.22 -13.59
N ASN A 9 -21.40 -7.88 -12.86
CA ASN A 9 -21.38 -6.66 -12.07
C ASN A 9 -19.94 -6.29 -11.68
N ARG A 10 -19.49 -5.13 -12.13
CA ARG A 10 -18.14 -4.68 -11.83
C ARG A 10 -18.17 -3.56 -10.79
N THR A 11 -17.35 -3.70 -9.76
CA THR A 11 -17.28 -2.71 -8.69
C THR A 11 -15.96 -2.79 -7.94
N ALA A 12 -15.32 -1.65 -7.73
CA ALA A 12 -14.05 -1.59 -7.02
C ALA A 12 -14.21 -0.98 -5.64
N MET A 13 -13.15 -1.02 -4.85
CA MET A 13 -13.18 -0.46 -3.50
C MET A 13 -11.97 0.44 -3.26
N ARG A 14 -11.99 1.16 -2.14
CA ARG A 14 -10.91 2.07 -1.80
C ARG A 14 -10.31 1.72 -0.44
N ALA A 15 -9.10 2.20 -0.18
CA ALA A 15 -8.43 1.93 1.09
C ALA A 15 -8.29 3.21 1.92
N SER A 16 -8.40 3.07 3.23
CA SER A 16 -8.30 4.21 4.13
C SER A 16 -7.23 3.96 5.20
N GLN A 17 -6.90 5.00 5.95
CA GLN A 17 -5.90 4.90 7.00
C GLN A 17 -6.07 3.61 7.79
N LYS A 18 -7.27 3.39 8.31
CA LYS A 18 -7.56 2.18 9.09
C LYS A 18 -7.11 0.93 8.34
N ASP A 19 -7.52 0.81 7.08
CA ASP A 19 -7.15 -0.33 6.26
C ASP A 19 -5.64 -0.46 6.16
N PHE A 20 -4.95 0.67 6.06
CA PHE A 20 -3.50 0.69 5.95
C PHE A 20 -2.86 0.16 7.23
N GLU A 21 -3.25 0.73 8.36
CA GLU A 21 -2.71 0.32 9.66
C GLU A 21 -2.89 -1.18 9.87
N ASN A 22 -3.80 -1.78 9.10
CA ASN A 22 -4.06 -3.20 9.20
C ASN A 22 -3.10 -4.00 8.32
N SER A 23 -2.92 -3.54 7.09
CA SER A 23 -2.03 -4.20 6.14
C SER A 23 -0.61 -4.28 6.69
N MET A 24 -0.08 -3.13 7.11
CA MET A 24 1.27 -3.07 7.65
C MET A 24 1.43 -4.07 8.79
N ASN A 25 0.39 -4.24 9.58
CA ASN A 25 0.42 -5.18 10.70
C ASN A 25 0.63 -6.60 10.22
N GLN A 26 -0.16 -7.02 9.24
CA GLN A 26 -0.06 -8.36 8.69
C GLN A 26 1.37 -8.68 8.29
N VAL A 27 2.00 -7.76 7.57
CA VAL A 27 3.38 -7.94 7.12
C VAL A 27 4.31 -8.22 8.29
N LYS A 28 3.88 -7.81 9.49
CA LYS A 28 4.67 -8.02 10.69
C LYS A 28 4.30 -9.34 11.36
N LEU A 29 3.11 -9.83 11.05
CA LEU A 29 2.63 -11.09 11.63
C LEU A 29 3.39 -12.27 11.05
N LEU A 30 3.51 -12.31 9.73
CA LEU A 30 4.22 -13.40 9.06
C LEU A 30 5.47 -13.81 9.84
N LYS A 31 5.80 -15.08 9.80
CA LYS A 31 6.97 -15.60 10.50
C LYS A 31 8.00 -16.15 9.51
N LYS A 32 7.86 -15.76 8.25
CA LYS A 32 8.78 -16.20 7.21
C LYS A 32 9.42 -15.01 6.50
N ASP A 33 10.44 -15.28 5.70
CA ASP A 33 11.14 -14.23 4.97
C ASP A 33 10.87 -14.34 3.47
N PRO A 34 9.97 -13.50 2.96
CA PRO A 34 9.60 -13.49 1.53
C PRO A 34 10.74 -12.98 0.65
N GLY A 35 11.55 -12.08 1.20
CA GLY A 35 12.66 -11.52 0.45
C GLY A 35 12.72 -10.01 0.53
N ASN A 36 13.94 -9.47 0.44
CA ASN A 36 14.13 -8.02 0.51
C ASN A 36 13.38 -7.31 -0.62
N GLU A 37 12.99 -8.08 -1.63
CA GLU A 37 12.26 -7.53 -2.76
C GLU A 37 10.94 -6.90 -2.32
N VAL A 38 10.22 -7.61 -1.45
CA VAL A 38 8.95 -7.12 -0.94
C VAL A 38 9.14 -6.14 0.21
N LYS A 39 10.10 -6.44 1.07
CA LYS A 39 10.39 -5.58 2.22
C LYS A 39 10.62 -4.14 1.76
N LEU A 40 10.92 -3.96 0.48
CA LEU A 40 11.15 -2.64 -0.08
C LEU A 40 9.87 -2.05 -0.65
N LYS A 41 9.15 -2.86 -1.41
CA LYS A 41 7.89 -2.43 -2.03
C LYS A 41 6.91 -1.92 -0.96
N LEU A 42 7.07 -2.43 0.25
CA LEU A 42 6.20 -2.03 1.36
C LEU A 42 6.62 -0.68 1.93
N TYR A 43 7.91 -0.39 1.84
CA TYR A 43 8.46 0.86 2.34
C TYR A 43 8.27 1.99 1.32
N ALA A 44 8.35 1.64 0.05
CA ALA A 44 8.19 2.62 -1.03
C ALA A 44 6.86 3.36 -0.88
N LEU A 45 5.79 2.61 -0.68
CA LEU A 45 4.46 3.19 -0.53
C LEU A 45 4.34 3.95 0.79
N TYR A 46 4.80 3.33 1.86
CA TYR A 46 4.74 3.94 3.19
C TYR A 46 5.18 5.41 3.12
N LYS A 47 6.38 5.64 2.61
CA LYS A 47 6.92 6.99 2.50
C LYS A 47 6.17 7.78 1.43
N GLN A 48 5.39 7.07 0.61
CA GLN A 48 4.63 7.71 -0.45
C GLN A 48 3.27 8.17 0.07
N ALA A 49 2.75 7.48 1.08
CA ALA A 49 1.47 7.82 1.67
C ALA A 49 1.64 8.58 2.97
N THR A 50 2.88 8.97 3.27
CA THR A 50 3.19 9.70 4.49
C THR A 50 4.03 10.93 4.20
N GLU A 51 4.98 10.78 3.29
CA GLU A 51 5.87 11.88 2.92
C GLU A 51 5.55 12.38 1.52
N GLY A 52 5.23 11.45 0.62
CA GLY A 52 4.93 11.81 -0.74
C GLY A 52 5.91 11.22 -1.74
N PRO A 53 6.09 11.90 -2.88
CA PRO A 53 7.00 11.46 -3.94
C PRO A 53 8.46 11.58 -3.52
N CYS A 54 9.27 10.61 -3.92
CA CYS A 54 10.69 10.61 -3.60
C CYS A 54 11.31 11.98 -3.86
N ASN A 55 11.56 12.72 -2.78
CA ASN A 55 12.14 14.05 -2.89
C ASN A 55 13.51 14.11 -2.20
N MET A 56 14.09 12.94 -1.96
CA MET A 56 15.39 12.86 -1.30
C MET A 56 16.50 12.70 -2.33
N PRO A 57 17.72 13.10 -1.95
CA PRO A 57 18.90 13.02 -2.82
C PRO A 57 19.34 11.58 -3.06
N LYS A 58 19.64 11.26 -4.31
CA LYS A 58 20.07 9.92 -4.68
C LYS A 58 21.32 9.51 -3.90
N PRO A 59 21.22 8.40 -3.15
CA PRO A 59 22.34 7.88 -2.35
C PRO A 59 23.47 7.34 -3.21
N GLY A 60 24.65 7.22 -2.61
CA GLY A 60 25.80 6.71 -3.34
C GLY A 60 25.79 5.20 -3.45
N VAL A 61 26.55 4.67 -4.40
CA VAL A 61 26.64 3.24 -4.61
C VAL A 61 26.99 2.51 -3.31
N PHE A 62 28.06 2.96 -2.66
CA PHE A 62 28.51 2.37 -1.42
C PHE A 62 27.35 2.20 -0.44
N ASP A 63 26.31 3.01 -0.63
CA ASP A 63 25.13 2.96 0.23
C ASP A 63 24.06 2.05 -0.36
N LEU A 64 24.29 0.74 -0.30
CA LEU A 64 23.34 -0.22 -0.84
C LEU A 64 22.03 -0.19 -0.08
N ILE A 65 22.13 0.04 1.23
CA ILE A 65 20.94 0.10 2.09
C ILE A 65 20.00 1.23 1.65
N ASN A 66 20.57 2.42 1.48
CA ASN A 66 19.79 3.58 1.06
C ASN A 66 19.41 3.48 -0.42
N LYS A 67 20.35 3.01 -1.23
CA LYS A 67 20.12 2.86 -2.67
C LYS A 67 18.96 1.90 -2.93
N ALA A 68 18.93 0.81 -2.19
CA ALA A 68 17.87 -0.19 -2.34
C ALA A 68 16.49 0.43 -2.14
N LYS A 69 16.36 1.26 -1.11
CA LYS A 69 15.11 1.94 -0.81
C LYS A 69 14.81 3.03 -1.84
N TRP A 70 15.77 3.91 -2.05
CA TRP A 70 15.63 5.01 -3.00
C TRP A 70 14.95 4.52 -4.27
N ASP A 71 15.40 3.38 -4.78
CA ASP A 71 14.84 2.80 -6.00
C ASP A 71 13.40 2.34 -5.77
N ALA A 72 13.11 1.92 -4.54
CA ALA A 72 11.77 1.46 -4.19
C ALA A 72 10.80 2.63 -4.07
N TRP A 73 11.21 3.67 -3.37
CA TRP A 73 10.38 4.85 -3.18
C TRP A 73 10.35 5.70 -4.44
N ASN A 74 11.44 5.69 -5.20
CA ASN A 74 11.53 6.46 -6.42
C ASN A 74 10.63 5.88 -7.51
N ALA A 75 10.64 4.55 -7.62
CA ALA A 75 9.82 3.86 -8.61
C ALA A 75 8.39 4.40 -8.60
N LEU A 76 7.99 4.97 -7.48
CA LEU A 76 6.65 5.53 -7.35
C LEU A 76 6.49 6.80 -8.17
N GLY A 77 7.48 7.69 -8.08
CA GLY A 77 7.43 8.92 -8.83
C GLY A 77 6.55 9.96 -8.17
N SER A 78 5.56 10.46 -8.90
CA SER A 78 4.65 11.47 -8.38
C SER A 78 3.39 10.83 -7.82
N LEU A 79 3.52 9.60 -7.34
CA LEU A 79 2.39 8.87 -6.78
C LEU A 79 1.78 9.64 -5.61
N PRO A 80 0.48 9.93 -5.71
CA PRO A 80 -0.24 10.66 -4.67
C PRO A 80 -0.43 9.84 -3.40
N LYS A 81 -0.67 10.52 -2.28
CA LYS A 81 -0.87 9.85 -1.01
C LYS A 81 -2.03 8.84 -1.09
N GLU A 82 -3.14 9.29 -1.66
CA GLU A 82 -4.32 8.44 -1.81
C GLU A 82 -3.92 7.07 -2.37
N ALA A 83 -3.43 7.07 -3.60
CA ALA A 83 -3.03 5.83 -4.26
C ALA A 83 -1.93 5.12 -3.47
N ALA A 84 -0.99 5.89 -2.95
CA ALA A 84 0.10 5.34 -2.17
C ALA A 84 -0.41 4.36 -1.11
N ARG A 85 -1.37 4.82 -0.30
CA ARG A 85 -1.94 4.00 0.74
C ARG A 85 -2.64 2.77 0.15
N GLN A 86 -3.37 2.98 -0.95
CA GLN A 86 -4.07 1.89 -1.61
C GLN A 86 -3.10 0.83 -2.11
N ASN A 87 -1.96 1.28 -2.60
CA ASN A 87 -0.94 0.37 -3.12
C ASN A 87 -0.36 -0.48 -2.00
N TYR A 88 0.00 0.16 -0.89
CA TYR A 88 0.56 -0.54 0.25
C TYR A 88 -0.34 -1.68 0.70
N VAL A 89 -1.63 -1.37 0.86
CA VAL A 89 -2.61 -2.37 1.28
C VAL A 89 -2.82 -3.42 0.21
N ASP A 90 -3.00 -2.97 -1.03
CA ASP A 90 -3.22 -3.88 -2.15
C ASP A 90 -2.17 -4.98 -2.17
N LEU A 91 -0.96 -4.65 -1.69
CA LEU A 91 0.13 -5.62 -1.66
C LEU A 91 -0.08 -6.64 -0.54
N VAL A 92 -0.11 -6.15 0.69
CA VAL A 92 -0.29 -7.01 1.85
C VAL A 92 -1.45 -7.97 1.63
N SER A 93 -2.47 -7.52 0.89
CA SER A 93 -3.63 -8.35 0.61
C SER A 93 -3.30 -9.46 -0.37
N SER A 94 -2.33 -9.20 -1.25
CA SER A 94 -1.90 -10.18 -2.24
C SER A 94 -1.23 -11.36 -1.58
N LEU A 95 -0.33 -11.07 -0.63
CA LEU A 95 0.40 -12.12 0.08
C LEU A 95 -0.56 -12.98 0.89
N SER A 96 -1.52 -12.35 1.55
CA SER A 96 -2.50 -13.06 2.36
C SER A 96 -3.39 -13.93 1.49
N PRO A 97 -3.90 -15.04 2.07
CA PRO A 97 -4.78 -15.98 1.37
C PRO A 97 -6.15 -15.38 1.08
N SER A 98 -6.70 -14.67 2.07
CA SER A 98 -8.01 -14.05 1.92
C SER A 98 -8.22 -12.98 2.98
N LEU A 99 -8.91 -11.90 2.61
CA LEU A 99 -9.19 -10.80 3.53
C LEU A 99 -10.64 -10.35 3.41
N GLU A 100 -11.25 -10.06 4.56
CA GLU A 100 -12.64 -9.61 4.59
C GLU A 100 -12.83 -8.51 5.62
N SER A 101 -13.20 -7.32 5.15
CA SER A 101 -13.41 -6.18 6.02
C SER A 101 -14.62 -6.40 6.92
N SER A 102 -14.44 -6.18 8.22
CA SER A 102 -15.52 -6.36 9.19
C SER A 102 -16.35 -5.08 9.31
N SER A 103 -15.68 -3.96 9.49
CA SER A 103 -16.36 -2.67 9.62
C SER A 103 -15.94 -1.71 8.52
N GLN A 104 -16.91 -1.30 7.71
CA GLN A 104 -16.64 -0.38 6.61
C GLN A 104 -16.57 1.06 7.10
N VAL A 105 -15.35 1.60 7.19
CA VAL A 105 -15.15 2.96 7.65
C VAL A 105 -14.93 3.91 6.47
N GLU A 106 -15.92 4.77 6.22
CA GLU A 106 -15.82 5.73 5.12
C GLU A 106 -15.97 7.16 5.64
N PRO A 107 -14.84 7.74 6.08
CA PRO A 107 -14.82 9.12 6.60
C PRO A 107 -15.06 10.15 5.52
N GLY A 108 -15.83 11.19 5.85
CA GLY A 108 -16.12 12.24 4.88
C GLY A 108 -17.55 12.72 4.98
N THR A 109 -17.75 13.87 5.61
CA THR A 109 -19.08 14.43 5.77
C THR A 109 -19.15 15.84 5.18
N ASP A 110 -19.89 16.00 4.10
CA ASP A 110 -20.05 17.30 3.45
C ASP A 110 -20.78 18.28 4.36
N SER A 111 -21.90 17.84 4.92
CA SER A 111 -22.69 18.68 5.80
C SER A 111 -21.93 18.99 7.09
N GLY A 112 -22.29 20.09 7.73
CA GLY A 112 -21.63 20.48 8.97
C GLY A 112 -20.51 21.48 8.74
N PRO A 113 -20.58 22.62 9.46
CA PRO A 113 -19.57 23.67 9.35
C PRO A 113 -18.23 23.26 9.95
N SER A 114 -17.29 22.90 9.07
CA SER A 114 -15.96 22.49 9.51
C SER A 114 -14.95 22.63 8.39
N SER A 115 -14.09 23.65 8.50
CA SER A 115 -13.07 23.91 7.49
C SER A 115 -12.49 22.60 6.97
N GLY A 116 -11.99 21.78 7.88
CA GLY A 116 -11.40 20.51 7.50
C GLY A 116 -12.36 19.35 7.69
N GLY A 1 -3.73 4.25 -24.23
CA GLY A 1 -3.62 4.61 -22.82
C GLY A 1 -4.86 4.24 -22.04
N SER A 2 -5.96 4.92 -22.33
CA SER A 2 -7.22 4.67 -21.63
C SER A 2 -8.35 4.42 -22.62
N SER A 3 -9.23 3.48 -22.29
CA SER A 3 -10.35 3.14 -23.15
C SER A 3 -11.68 3.36 -22.42
N GLY A 4 -11.70 3.04 -21.14
CA GLY A 4 -12.92 3.21 -20.36
C GLY A 4 -13.45 1.89 -19.82
N SER A 5 -13.11 1.59 -18.56
CA SER A 5 -13.55 0.35 -17.94
C SER A 5 -14.82 0.58 -17.13
N SER A 6 -14.82 1.64 -16.32
CA SER A 6 -15.98 1.96 -15.49
C SER A 6 -17.27 1.75 -16.26
N GLY A 7 -18.24 1.10 -15.61
CA GLY A 7 -19.52 0.84 -16.24
C GLY A 7 -20.67 0.91 -15.26
N MET A 8 -20.59 0.12 -14.19
CA MET A 8 -21.63 0.10 -13.18
C MET A 8 -21.09 0.49 -11.81
N ASN A 9 -20.09 -0.26 -11.35
CA ASN A 9 -19.48 0.02 -10.05
C ASN A 9 -17.96 0.06 -10.17
N ARG A 10 -17.36 1.14 -9.66
CA ARG A 10 -15.91 1.29 -9.71
C ARG A 10 -15.20 0.10 -9.09
N THR A 11 -14.23 -0.45 -9.81
CA THR A 11 -13.49 -1.61 -9.33
C THR A 11 -12.28 -1.17 -8.51
N ALA A 12 -12.51 -0.83 -7.25
CA ALA A 12 -11.44 -0.41 -6.36
C ALA A 12 -11.92 -0.35 -4.91
N MET A 13 -11.15 -0.96 -4.02
CA MET A 13 -11.50 -0.97 -2.60
C MET A 13 -10.79 0.15 -1.85
N ARG A 14 -11.34 1.36 -1.95
CA ARG A 14 -10.75 2.51 -1.28
C ARG A 14 -10.11 2.11 0.04
N ALA A 15 -8.87 2.55 0.26
CA ALA A 15 -8.16 2.24 1.49
C ALA A 15 -7.93 3.49 2.32
N SER A 16 -8.34 3.45 3.58
CA SER A 16 -8.18 4.59 4.48
C SER A 16 -7.14 4.29 5.56
N GLN A 17 -6.87 5.28 6.40
CA GLN A 17 -5.90 5.12 7.48
C GLN A 17 -6.14 3.81 8.23
N LYS A 18 -7.38 3.57 8.62
CA LYS A 18 -7.74 2.36 9.34
C LYS A 18 -7.32 1.11 8.57
N ASP A 19 -7.89 0.94 7.38
CA ASP A 19 -7.57 -0.21 6.55
C ASP A 19 -6.05 -0.41 6.45
N PHE A 20 -5.34 0.69 6.26
CA PHE A 20 -3.88 0.64 6.14
C PHE A 20 -3.26 0.09 7.42
N GLU A 21 -3.62 0.68 8.55
CA GLU A 21 -3.10 0.25 9.84
C GLU A 21 -3.24 -1.26 10.01
N ASN A 22 -4.20 -1.84 9.31
CA ASN A 22 -4.44 -3.27 9.38
C ASN A 22 -3.51 -4.03 8.45
N SER A 23 -3.31 -3.49 7.25
CA SER A 23 -2.43 -4.12 6.27
C SER A 23 -1.00 -4.15 6.76
N MET A 24 -0.47 -2.98 7.13
CA MET A 24 0.89 -2.87 7.62
C MET A 24 1.14 -3.88 8.74
N ASN A 25 0.13 -4.09 9.58
CA ASN A 25 0.24 -5.02 10.70
C ASN A 25 0.48 -6.44 10.21
N GLN A 26 -0.34 -6.86 9.24
CA GLN A 26 -0.22 -8.21 8.68
C GLN A 26 1.21 -8.49 8.23
N VAL A 27 1.83 -7.51 7.58
CA VAL A 27 3.20 -7.64 7.09
C VAL A 27 4.17 -7.87 8.25
N LYS A 28 3.81 -7.36 9.42
CA LYS A 28 4.64 -7.51 10.61
C LYS A 28 4.33 -8.81 11.34
N LEU A 29 3.20 -9.41 10.99
CA LEU A 29 2.78 -10.66 11.61
C LEU A 29 3.57 -11.84 11.05
N LEU A 30 3.81 -11.81 9.74
CA LEU A 30 4.56 -12.89 9.08
C LEU A 30 6.02 -12.88 9.53
N LYS A 31 6.50 -14.05 9.94
CA LYS A 31 7.88 -14.19 10.39
C LYS A 31 8.70 -14.99 9.38
N LYS A 32 8.18 -15.11 8.17
CA LYS A 32 8.87 -15.85 7.11
C LYS A 32 9.50 -14.90 6.11
N ASP A 33 10.80 -14.67 6.25
CA ASP A 33 11.53 -13.78 5.35
C ASP A 33 10.98 -13.87 3.93
N PRO A 34 10.10 -12.92 3.58
CA PRO A 34 9.48 -12.86 2.25
C PRO A 34 10.48 -12.49 1.16
N GLY A 35 11.50 -11.73 1.53
CA GLY A 35 12.51 -11.31 0.58
C GLY A 35 12.73 -9.81 0.58
N ASN A 36 13.88 -9.38 0.08
CA ASN A 36 14.20 -7.96 0.02
C ASN A 36 13.40 -7.26 -1.06
N GLU A 37 12.87 -8.04 -2.00
CA GLU A 37 12.08 -7.50 -3.10
C GLU A 37 10.79 -6.87 -2.58
N VAL A 38 10.06 -7.63 -1.77
CA VAL A 38 8.81 -7.14 -1.19
C VAL A 38 9.06 -6.14 -0.08
N LYS A 39 10.10 -6.38 0.71
CA LYS A 39 10.45 -5.50 1.82
C LYS A 39 10.65 -4.07 1.33
N LEU A 40 10.95 -3.93 0.04
CA LEU A 40 11.16 -2.61 -0.56
C LEU A 40 9.84 -2.02 -1.07
N LYS A 41 9.04 -2.86 -1.72
CA LYS A 41 7.76 -2.42 -2.25
C LYS A 41 6.85 -1.93 -1.14
N LEU A 42 6.95 -2.55 0.03
CA LEU A 42 6.13 -2.18 1.18
C LEU A 42 6.61 -0.86 1.77
N TYR A 43 7.90 -0.57 1.61
CA TYR A 43 8.47 0.67 2.14
C TYR A 43 8.28 1.82 1.14
N ALA A 44 8.38 1.51 -0.14
CA ALA A 44 8.21 2.51 -1.19
C ALA A 44 6.89 3.25 -1.03
N LEU A 45 5.82 2.50 -0.82
CA LEU A 45 4.49 3.08 -0.66
C LEU A 45 4.38 3.81 0.69
N TYR A 46 4.83 3.15 1.75
CA TYR A 46 4.78 3.72 3.08
C TYR A 46 5.23 5.18 3.06
N LYS A 47 6.47 5.40 2.63
CA LYS A 47 7.03 6.75 2.56
C LYS A 47 6.25 7.60 1.56
N GLN A 48 5.58 6.95 0.61
CA GLN A 48 4.80 7.65 -0.39
C GLN A 48 3.45 8.08 0.16
N ALA A 49 2.95 7.34 1.15
CA ALA A 49 1.67 7.64 1.77
C ALA A 49 1.85 8.38 3.08
N THR A 50 3.10 8.73 3.39
CA THR A 50 3.41 9.44 4.63
C THR A 50 4.24 10.69 4.35
N GLU A 51 5.21 10.56 3.44
CA GLU A 51 6.07 11.68 3.09
C GLU A 51 5.71 12.24 1.71
N GLY A 52 5.39 11.33 0.79
CA GLY A 52 5.03 11.75 -0.55
C GLY A 52 6.00 11.23 -1.61
N PRO A 53 6.17 12.00 -2.69
CA PRO A 53 7.07 11.64 -3.79
C PRO A 53 8.53 11.72 -3.38
N CYS A 54 9.33 10.76 -3.84
CA CYS A 54 10.75 10.73 -3.54
C CYS A 54 11.38 12.09 -3.74
N ASN A 55 11.66 12.78 -2.63
CA ASN A 55 12.27 14.10 -2.69
C ASN A 55 13.63 14.10 -1.99
N MET A 56 14.16 12.92 -1.74
CA MET A 56 15.46 12.78 -1.08
C MET A 56 16.57 12.65 -2.11
N PRO A 57 17.79 13.06 -1.72
CA PRO A 57 18.97 12.99 -2.60
C PRO A 57 19.41 11.55 -2.86
N LYS A 58 19.70 11.25 -4.12
CA LYS A 58 20.14 9.90 -4.49
C LYS A 58 21.38 9.51 -3.70
N PRO A 59 21.29 8.37 -3.01
CA PRO A 59 22.41 7.84 -2.20
C PRO A 59 23.55 7.35 -3.06
N GLY A 60 24.66 6.98 -2.41
CA GLY A 60 25.82 6.49 -3.13
C GLY A 60 25.85 4.98 -3.20
N VAL A 61 26.36 4.45 -4.31
CA VAL A 61 26.45 3.01 -4.51
C VAL A 61 26.89 2.30 -3.22
N PHE A 62 27.99 2.76 -2.64
CA PHE A 62 28.51 2.18 -1.41
C PHE A 62 27.39 1.94 -0.41
N ASP A 63 26.42 2.84 -0.37
CA ASP A 63 25.30 2.73 0.54
C ASP A 63 24.19 1.86 -0.06
N LEU A 64 24.59 0.75 -0.67
CA LEU A 64 23.63 -0.17 -1.29
C LEU A 64 22.34 -0.24 -0.47
N ILE A 65 22.48 -0.22 0.85
CA ILE A 65 21.33 -0.28 1.75
C ILE A 65 20.30 0.80 1.38
N ASN A 66 20.73 2.05 1.42
CA ASN A 66 19.85 3.16 1.10
C ASN A 66 19.46 3.15 -0.37
N LYS A 67 20.44 2.86 -1.24
CA LYS A 67 20.21 2.80 -2.68
C LYS A 67 19.05 1.86 -3.00
N ALA A 68 18.97 0.75 -2.27
CA ALA A 68 17.92 -0.24 -2.47
C ALA A 68 16.55 0.38 -2.25
N LYS A 69 16.43 1.21 -1.23
CA LYS A 69 15.16 1.86 -0.90
C LYS A 69 14.87 2.99 -1.89
N TRP A 70 15.86 3.84 -2.12
CA TRP A 70 15.71 4.96 -3.03
C TRP A 70 15.06 4.51 -4.34
N ASP A 71 15.54 3.39 -4.88
CA ASP A 71 15.00 2.86 -6.12
C ASP A 71 13.57 2.39 -5.94
N ALA A 72 13.22 2.00 -4.71
CA ALA A 72 11.88 1.53 -4.40
C ALA A 72 10.91 2.70 -4.27
N TRP A 73 11.28 3.67 -3.44
CA TRP A 73 10.44 4.85 -3.21
C TRP A 73 10.47 5.77 -4.43
N ASN A 74 11.60 5.79 -5.12
CA ASN A 74 11.75 6.64 -6.30
C ASN A 74 10.84 6.17 -7.43
N ALA A 75 10.77 4.86 -7.62
CA ALA A 75 9.93 4.28 -8.67
C ALA A 75 8.54 4.90 -8.64
N LEU A 76 8.04 5.19 -7.45
CA LEU A 76 6.72 5.77 -7.29
C LEU A 76 6.60 7.07 -8.08
N GLY A 77 7.52 7.99 -7.84
CA GLY A 77 7.50 9.26 -8.54
C GLY A 77 6.52 10.24 -7.94
N SER A 78 5.65 10.80 -8.78
CA SER A 78 4.66 11.77 -8.32
C SER A 78 3.38 11.06 -7.88
N LEU A 79 3.54 9.89 -7.28
CA LEU A 79 2.40 9.11 -6.80
C LEU A 79 1.78 9.75 -5.56
N PRO A 80 0.49 10.06 -5.64
CA PRO A 80 -0.25 10.68 -4.53
C PRO A 80 -0.45 9.72 -3.37
N LYS A 81 -0.68 10.27 -2.18
CA LYS A 81 -0.89 9.47 -0.99
C LYS A 81 -2.18 8.66 -1.10
N GLU A 82 -3.21 9.27 -1.67
CA GLU A 82 -4.50 8.60 -1.84
C GLU A 82 -4.33 7.30 -2.61
N ALA A 83 -3.33 7.25 -3.47
CA ALA A 83 -3.07 6.06 -4.27
C ALA A 83 -1.98 5.20 -3.63
N ALA A 84 -0.99 5.85 -3.05
CA ALA A 84 0.12 5.15 -2.40
C ALA A 84 -0.39 4.29 -1.25
N ARG A 85 -1.45 4.74 -0.60
CA ARG A 85 -2.03 4.03 0.53
C ARG A 85 -2.77 2.77 0.05
N GLN A 86 -3.42 2.88 -1.11
CA GLN A 86 -4.16 1.76 -1.67
C GLN A 86 -3.22 0.68 -2.18
N ASN A 87 -2.09 1.11 -2.73
CA ASN A 87 -1.09 0.17 -3.26
C ASN A 87 -0.50 -0.68 -2.15
N TYR A 88 -0.07 -0.02 -1.07
CA TYR A 88 0.52 -0.72 0.06
C TYR A 88 -0.39 -1.84 0.54
N VAL A 89 -1.66 -1.51 0.74
CA VAL A 89 -2.64 -2.49 1.20
C VAL A 89 -2.91 -3.54 0.14
N ASP A 90 -3.03 -3.10 -1.10
CA ASP A 90 -3.29 -4.01 -2.23
C ASP A 90 -2.31 -5.17 -2.20
N LEU A 91 -1.09 -4.92 -1.76
CA LEU A 91 -0.07 -5.96 -1.70
C LEU A 91 -0.32 -6.90 -0.52
N VAL A 92 -0.32 -6.36 0.68
CA VAL A 92 -0.55 -7.14 1.89
C VAL A 92 -1.74 -8.07 1.70
N SER A 93 -2.69 -7.66 0.87
CA SER A 93 -3.89 -8.46 0.61
C SER A 93 -3.58 -9.61 -0.33
N SER A 94 -2.63 -9.39 -1.24
CA SER A 94 -2.25 -10.42 -2.20
C SER A 94 -1.46 -11.53 -1.52
N LEU A 95 -0.68 -11.16 -0.51
CA LEU A 95 0.13 -12.12 0.23
C LEU A 95 -0.75 -13.17 0.91
N SER A 96 -1.64 -12.69 1.78
CA SER A 96 -2.54 -13.59 2.51
C SER A 96 -3.48 -14.31 1.55
N PRO A 97 -3.75 -15.60 1.82
CA PRO A 97 -4.63 -16.42 0.99
C PRO A 97 -6.09 -15.99 1.10
N SER A 98 -6.57 -15.88 2.34
CA SER A 98 -7.96 -15.49 2.58
C SER A 98 -8.03 -14.15 3.32
N LEU A 99 -9.18 -13.49 3.23
CA LEU A 99 -9.37 -12.21 3.89
C LEU A 99 -10.85 -11.86 3.99
N GLU A 100 -11.33 -11.70 5.22
CA GLU A 100 -12.72 -11.36 5.46
C GLU A 100 -12.90 -9.87 5.68
N SER A 101 -13.75 -9.25 4.88
CA SER A 101 -14.01 -7.82 4.99
C SER A 101 -14.11 -7.39 6.46
N SER A 102 -13.83 -6.12 6.71
CA SER A 102 -13.87 -5.60 8.07
C SER A 102 -15.01 -4.58 8.22
N SER A 103 -15.37 -4.28 9.46
CA SER A 103 -16.44 -3.33 9.74
C SER A 103 -15.89 -2.07 10.41
N GLN A 104 -16.53 -0.94 10.14
CA GLN A 104 -16.10 0.33 10.73
C GLN A 104 -17.16 0.86 11.70
N VAL A 105 -17.76 -0.05 12.45
CA VAL A 105 -18.78 0.33 13.42
C VAL A 105 -18.15 0.70 14.77
N GLU A 106 -18.87 1.49 15.55
CA GLU A 106 -18.40 1.91 16.86
C GLU A 106 -19.54 2.07 17.85
N PRO A 107 -19.26 1.79 19.13
CA PRO A 107 -20.27 1.89 20.20
C PRO A 107 -20.67 3.34 20.49
N GLY A 108 -19.69 4.24 20.40
CA GLY A 108 -19.97 5.65 20.65
C GLY A 108 -19.57 6.53 19.49
N THR A 109 -20.52 7.31 18.99
CA THR A 109 -20.27 8.21 17.87
C THR A 109 -20.54 9.66 18.25
N ASP A 110 -19.54 10.29 18.87
CA ASP A 110 -19.67 11.68 19.30
C ASP A 110 -18.30 12.35 19.37
N SER A 111 -18.27 13.64 19.09
CA SER A 111 -17.02 14.40 19.12
C SER A 111 -16.97 15.33 20.34
N GLY A 112 -18.00 16.16 20.47
CA GLY A 112 -18.06 17.09 21.59
C GLY A 112 -19.10 18.16 21.40
N PRO A 113 -20.37 17.81 21.65
CA PRO A 113 -21.50 18.75 21.51
C PRO A 113 -21.48 19.84 22.57
N SER A 114 -22.07 20.99 22.24
CA SER A 114 -22.12 22.11 23.17
C SER A 114 -23.55 22.39 23.61
N SER A 115 -24.42 22.70 22.65
CA SER A 115 -25.82 22.99 22.93
C SER A 115 -26.74 22.01 22.19
N GLY A 116 -27.69 21.45 22.93
CA GLY A 116 -28.63 20.52 22.32
C GLY A 116 -30.07 20.91 22.56
N GLY A 1 -29.28 -2.04 -25.86
CA GLY A 1 -28.80 -3.10 -24.99
C GLY A 1 -29.49 -3.11 -23.64
N SER A 2 -29.45 -4.25 -22.96
CA SER A 2 -30.08 -4.38 -21.65
C SER A 2 -29.71 -3.20 -20.75
N SER A 3 -30.43 -3.06 -19.64
CA SER A 3 -30.18 -1.98 -18.70
C SER A 3 -30.82 -2.28 -17.34
N GLY A 4 -30.56 -1.42 -16.37
CA GLY A 4 -31.11 -1.61 -15.04
C GLY A 4 -31.58 -0.31 -14.42
N SER A 5 -30.75 0.72 -14.50
CA SER A 5 -31.09 2.02 -13.93
C SER A 5 -30.34 3.14 -14.67
N SER A 6 -30.88 4.35 -14.58
CA SER A 6 -30.27 5.50 -15.23
C SER A 6 -28.96 5.88 -14.56
N GLY A 7 -28.27 6.86 -15.13
CA GLY A 7 -26.99 7.29 -14.58
C GLY A 7 -25.92 6.22 -14.67
N MET A 8 -24.68 6.61 -14.44
CA MET A 8 -23.55 5.68 -14.51
C MET A 8 -22.42 6.12 -13.58
N ASN A 9 -22.11 5.30 -12.59
CA ASN A 9 -21.05 5.60 -11.63
C ASN A 9 -20.56 4.33 -10.94
N ARG A 10 -19.26 4.24 -10.75
CA ARG A 10 -18.66 3.08 -10.09
C ARG A 10 -18.28 3.41 -8.65
N THR A 11 -18.95 2.76 -7.71
CA THR A 11 -18.69 2.97 -6.29
C THR A 11 -17.19 3.08 -6.02
N ALA A 12 -16.81 4.03 -5.17
CA ALA A 12 -15.42 4.23 -4.82
C ALA A 12 -14.82 2.99 -4.18
N MET A 13 -13.64 2.59 -4.64
CA MET A 13 -12.97 1.41 -4.11
C MET A 13 -11.55 1.76 -3.67
N ARG A 14 -11.42 2.35 -2.48
CA ARG A 14 -10.12 2.72 -1.95
C ARG A 14 -10.01 2.36 -0.47
N ALA A 15 -8.78 2.13 -0.02
CA ALA A 15 -8.55 1.78 1.38
C ALA A 15 -8.36 3.02 2.24
N SER A 16 -8.87 2.97 3.46
CA SER A 16 -8.78 4.10 4.39
C SER A 16 -7.61 3.90 5.36
N GLN A 17 -7.29 4.96 6.10
CA GLN A 17 -6.19 4.90 7.07
C GLN A 17 -6.27 3.62 7.90
N LYS A 18 -7.45 3.34 8.45
CA LYS A 18 -7.65 2.16 9.26
C LYS A 18 -7.18 0.91 8.53
N ASP A 19 -7.68 0.72 7.31
CA ASP A 19 -7.31 -0.43 6.50
C ASP A 19 -5.79 -0.57 6.41
N PHE A 20 -5.11 0.54 6.20
CA PHE A 20 -3.65 0.54 6.09
C PHE A 20 -3.02 -0.01 7.36
N GLU A 21 -3.32 0.62 8.49
CA GLU A 21 -2.77 0.19 9.78
C GLU A 21 -2.95 -1.31 9.97
N ASN A 22 -3.96 -1.87 9.30
CA ASN A 22 -4.24 -3.30 9.40
C ASN A 22 -3.31 -4.10 8.49
N SER A 23 -3.16 -3.64 7.26
CA SER A 23 -2.30 -4.30 6.28
C SER A 23 -0.86 -4.34 6.76
N MET A 24 -0.31 -3.17 7.08
CA MET A 24 1.06 -3.06 7.56
C MET A 24 1.31 -4.03 8.71
N ASN A 25 0.29 -4.21 9.55
CA ASN A 25 0.41 -5.11 10.69
C ASN A 25 0.61 -6.55 10.25
N GLN A 26 -0.24 -6.98 9.32
CA GLN A 26 -0.15 -8.34 8.79
C GLN A 26 1.26 -8.67 8.32
N VAL A 27 1.89 -7.71 7.65
CA VAL A 27 3.24 -7.89 7.14
C VAL A 27 4.24 -8.00 8.29
N LYS A 28 3.85 -7.50 9.45
CA LYS A 28 4.71 -7.54 10.63
C LYS A 28 4.47 -8.80 11.45
N LEU A 29 3.33 -9.45 11.19
CA LEU A 29 2.98 -10.67 11.91
C LEU A 29 3.82 -11.84 11.42
N LEU A 30 4.08 -11.89 10.12
CA LEU A 30 4.87 -12.96 9.53
C LEU A 30 6.32 -12.90 10.03
N LYS A 31 6.78 -14.01 10.60
CA LYS A 31 8.13 -14.09 11.13
C LYS A 31 9.08 -14.66 10.07
N LYS A 32 8.63 -14.70 8.83
CA LYS A 32 9.43 -15.22 7.73
C LYS A 32 9.70 -14.13 6.70
N ASP A 33 10.95 -14.03 6.24
CA ASP A 33 11.33 -13.04 5.25
C ASP A 33 10.95 -13.51 3.85
N PRO A 34 10.03 -12.78 3.21
CA PRO A 34 9.57 -13.10 1.85
C PRO A 34 10.64 -12.84 0.79
N GLY A 35 11.25 -11.66 0.84
CA GLY A 35 12.29 -11.31 -0.10
C GLY A 35 12.50 -9.81 -0.21
N ASN A 36 13.76 -9.40 -0.20
CA ASN A 36 14.10 -7.99 -0.29
C ASN A 36 13.27 -7.29 -1.36
N GLU A 37 12.77 -8.09 -2.31
CA GLU A 37 11.95 -7.55 -3.39
C GLU A 37 10.68 -6.90 -2.85
N VAL A 38 9.96 -7.63 -2.01
CA VAL A 38 8.73 -7.12 -1.41
C VAL A 38 9.01 -6.15 -0.28
N LYS A 39 10.04 -6.46 0.52
CA LYS A 39 10.42 -5.61 1.64
C LYS A 39 10.67 -4.18 1.18
N LEU A 40 10.87 -4.00 -0.13
CA LEU A 40 11.11 -2.68 -0.70
C LEU A 40 9.82 -2.08 -1.22
N LYS A 41 8.98 -2.90 -1.84
CA LYS A 41 7.71 -2.45 -2.38
C LYS A 41 6.78 -1.96 -1.27
N LEU A 42 6.96 -2.52 -0.08
CA LEU A 42 6.14 -2.15 1.08
C LEU A 42 6.61 -0.83 1.67
N TYR A 43 7.91 -0.56 1.56
CA TYR A 43 8.48 0.67 2.09
C TYR A 43 8.30 1.82 1.10
N ALA A 44 8.36 1.50 -0.19
CA ALA A 44 8.21 2.51 -1.22
C ALA A 44 6.88 3.25 -1.07
N LEU A 45 5.81 2.50 -0.87
CA LEU A 45 4.48 3.08 -0.71
C LEU A 45 4.36 3.80 0.64
N TYR A 46 4.82 3.13 1.68
CA TYR A 46 4.77 3.70 3.03
C TYR A 46 5.24 5.15 3.03
N LYS A 47 6.48 5.36 2.60
CA LYS A 47 7.05 6.70 2.54
C LYS A 47 6.30 7.57 1.54
N GLN A 48 5.58 6.93 0.63
CA GLN A 48 4.81 7.65 -0.38
C GLN A 48 3.44 8.04 0.13
N ALA A 49 2.95 7.29 1.12
CA ALA A 49 1.64 7.55 1.71
C ALA A 49 1.78 8.34 3.02
N THR A 50 2.99 8.82 3.29
CA THR A 50 3.26 9.58 4.50
C THR A 50 4.09 10.81 4.21
N GLU A 51 5.07 10.67 3.32
CA GLU A 51 5.93 11.78 2.95
C GLU A 51 5.59 12.29 1.56
N GLY A 52 5.28 11.38 0.65
CA GLY A 52 4.94 11.76 -0.71
C GLY A 52 5.93 11.24 -1.73
N PRO A 53 6.13 12.00 -2.82
CA PRO A 53 7.05 11.63 -3.88
C PRO A 53 8.51 11.71 -3.45
N CYS A 54 9.31 10.74 -3.88
CA CYS A 54 10.72 10.70 -3.53
C CYS A 54 11.37 12.07 -3.73
N ASN A 55 11.64 12.75 -2.62
CA ASN A 55 12.25 14.08 -2.66
C ASN A 55 13.58 14.08 -1.93
N MET A 56 14.13 12.89 -1.69
CA MET A 56 15.40 12.76 -0.99
C MET A 56 16.56 12.67 -1.99
N PRO A 57 17.75 13.09 -1.54
CA PRO A 57 18.96 13.08 -2.38
C PRO A 57 19.45 11.66 -2.66
N LYS A 58 19.88 11.43 -3.89
CA LYS A 58 20.38 10.11 -4.29
C LYS A 58 21.58 9.70 -3.45
N PRO A 59 21.48 8.54 -2.79
CA PRO A 59 22.55 8.02 -1.95
C PRO A 59 23.76 7.56 -2.77
N GLY A 60 24.76 7.02 -2.08
CA GLY A 60 25.96 6.54 -2.75
C GLY A 60 25.96 5.04 -2.95
N VAL A 61 26.58 4.59 -4.03
CA VAL A 61 26.66 3.17 -4.33
C VAL A 61 27.05 2.36 -3.10
N PHE A 62 28.14 2.75 -2.46
CA PHE A 62 28.62 2.07 -1.27
C PHE A 62 27.46 1.71 -0.34
N ASP A 63 26.45 2.58 -0.31
CA ASP A 63 25.28 2.35 0.53
C ASP A 63 24.22 1.54 -0.22
N LEU A 64 24.39 0.22 -0.20
CA LEU A 64 23.46 -0.67 -0.88
C LEU A 64 22.13 -0.75 -0.12
N ILE A 65 22.12 -0.19 1.09
CA ILE A 65 20.91 -0.19 1.91
C ILE A 65 20.01 0.98 1.55
N ASN A 66 20.60 2.16 1.38
CA ASN A 66 19.84 3.36 1.03
C ASN A 66 19.47 3.35 -0.45
N LYS A 67 20.37 2.87 -1.28
CA LYS A 67 20.13 2.80 -2.72
C LYS A 67 18.96 1.87 -3.03
N ALA A 68 18.94 0.71 -2.39
CA ALA A 68 17.88 -0.27 -2.60
C ALA A 68 16.50 0.37 -2.39
N LYS A 69 16.39 1.20 -1.36
CA LYS A 69 15.13 1.87 -1.04
C LYS A 69 14.87 3.01 -2.02
N TRP A 70 15.86 3.88 -2.18
CA TRP A 70 15.74 5.03 -3.08
C TRP A 70 15.07 4.61 -4.39
N ASP A 71 15.54 3.51 -4.97
CA ASP A 71 14.98 3.01 -6.21
C ASP A 71 13.54 2.55 -6.02
N ALA A 72 13.22 2.11 -4.81
CA ALA A 72 11.88 1.64 -4.50
C ALA A 72 10.92 2.80 -4.33
N TRP A 73 11.28 3.74 -3.45
CA TRP A 73 10.45 4.91 -3.21
C TRP A 73 10.45 5.85 -4.41
N ASN A 74 11.55 5.86 -5.14
CA ASN A 74 11.68 6.72 -6.31
C ASN A 74 10.78 6.23 -7.45
N ALA A 75 10.81 4.93 -7.69
CA ALA A 75 10.00 4.33 -8.74
C ALA A 75 8.58 4.91 -8.74
N LEU A 76 8.04 5.13 -7.54
CA LEU A 76 6.70 5.68 -7.40
C LEU A 76 6.55 6.96 -8.22
N GLY A 77 7.44 7.92 -7.99
CA GLY A 77 7.39 9.17 -8.71
C GLY A 77 6.48 10.18 -8.05
N SER A 78 5.54 10.73 -8.82
CA SER A 78 4.60 11.72 -8.31
C SER A 78 3.34 11.05 -7.78
N LEU A 79 3.47 9.78 -7.40
CA LEU A 79 2.33 9.02 -6.88
C LEU A 79 1.77 9.69 -5.63
N PRO A 80 0.47 10.01 -5.67
CA PRO A 80 -0.22 10.66 -4.54
C PRO A 80 -0.39 9.71 -3.35
N LYS A 81 -0.61 10.29 -2.18
CA LYS A 81 -0.79 9.50 -0.96
C LYS A 81 -2.04 8.63 -1.07
N GLU A 82 -3.14 9.24 -1.47
CA GLU A 82 -4.41 8.51 -1.60
C GLU A 82 -4.20 7.21 -2.36
N ALA A 83 -3.45 7.27 -3.45
CA ALA A 83 -3.18 6.09 -4.26
C ALA A 83 -2.08 5.23 -3.63
N ALA A 84 -1.08 5.89 -3.05
CA ALA A 84 0.03 5.20 -2.41
C ALA A 84 -0.47 4.22 -1.36
N ARG A 85 -1.35 4.70 -0.48
CA ARG A 85 -1.90 3.88 0.58
C ARG A 85 -2.65 2.67 0.00
N GLN A 86 -3.34 2.89 -1.11
CA GLN A 86 -4.09 1.83 -1.76
C GLN A 86 -3.17 0.73 -2.25
N ASN A 87 -2.03 1.13 -2.83
CA ASN A 87 -1.05 0.18 -3.34
C ASN A 87 -0.48 -0.68 -2.22
N TYR A 88 -0.03 -0.02 -1.14
CA TYR A 88 0.55 -0.72 0.00
C TYR A 88 -0.38 -1.84 0.47
N VAL A 89 -1.60 -1.48 0.84
CA VAL A 89 -2.59 -2.44 1.31
C VAL A 89 -2.88 -3.49 0.25
N ASP A 90 -3.05 -3.03 -0.99
CA ASP A 90 -3.34 -3.92 -2.10
C ASP A 90 -2.37 -5.09 -2.13
N LEU A 91 -1.14 -4.84 -1.68
CA LEU A 91 -0.12 -5.87 -1.64
C LEU A 91 -0.33 -6.83 -0.47
N VAL A 92 -0.31 -6.28 0.74
CA VAL A 92 -0.51 -7.09 1.94
C VAL A 92 -1.69 -8.03 1.77
N SER A 93 -2.65 -7.64 0.95
CA SER A 93 -3.85 -8.45 0.71
C SER A 93 -3.53 -9.61 -0.23
N SER A 94 -2.59 -9.38 -1.16
CA SER A 94 -2.21 -10.40 -2.12
C SER A 94 -1.58 -11.60 -1.41
N LEU A 95 -0.77 -11.32 -0.40
CA LEU A 95 -0.11 -12.38 0.36
C LEU A 95 -1.13 -13.26 1.07
N SER A 96 -2.11 -12.63 1.70
CA SER A 96 -3.14 -13.36 2.42
C SER A 96 -3.90 -14.30 1.48
N PRO A 97 -4.28 -15.47 2.00
CA PRO A 97 -5.01 -16.48 1.22
C PRO A 97 -6.44 -16.05 0.91
N SER A 98 -7.16 -15.61 1.93
CA SER A 98 -8.54 -15.16 1.76
C SER A 98 -9.00 -14.34 2.96
N LEU A 99 -9.31 -13.07 2.72
CA LEU A 99 -9.76 -12.18 3.78
C LEU A 99 -10.67 -11.09 3.22
N GLU A 100 -11.81 -10.89 3.88
CA GLU A 100 -12.76 -9.87 3.44
C GLU A 100 -12.51 -8.54 4.15
N SER A 101 -12.02 -7.56 3.39
CA SER A 101 -11.73 -6.24 3.95
C SER A 101 -13.02 -5.49 4.27
N SER A 102 -13.28 -5.28 5.56
CA SER A 102 -14.48 -4.57 5.99
C SER A 102 -14.11 -3.39 6.89
N SER A 103 -14.40 -2.18 6.40
CA SER A 103 -14.10 -0.96 7.15
C SER A 103 -14.96 0.20 6.67
N GLN A 104 -15.86 0.65 7.54
CA GLN A 104 -16.75 1.76 7.19
C GLN A 104 -16.11 3.09 7.56
N VAL A 105 -16.25 4.08 6.69
CA VAL A 105 -15.69 5.41 6.92
C VAL A 105 -16.58 6.22 7.85
N GLU A 106 -15.96 7.12 8.60
CA GLU A 106 -16.70 7.96 9.54
C GLU A 106 -16.78 9.40 9.04
N PRO A 107 -17.87 10.10 9.40
CA PRO A 107 -18.09 11.49 9.00
C PRO A 107 -17.12 12.45 9.68
N GLY A 108 -16.55 13.36 8.90
CA GLY A 108 -15.61 14.32 9.45
C GLY A 108 -14.42 14.57 8.53
N THR A 109 -14.28 15.81 8.07
CA THR A 109 -13.18 16.17 7.18
C THR A 109 -12.88 17.65 7.25
N ASP A 110 -11.65 18.02 6.94
CA ASP A 110 -11.23 19.42 6.97
C ASP A 110 -10.11 19.67 5.97
N SER A 111 -10.09 20.87 5.40
CA SER A 111 -9.07 21.24 4.43
C SER A 111 -8.55 22.65 4.70
N GLY A 112 -7.52 23.04 3.94
CA GLY A 112 -6.94 24.35 4.12
C GLY A 112 -7.27 25.29 2.97
N PRO A 113 -6.41 26.30 2.76
CA PRO A 113 -6.60 27.29 1.69
C PRO A 113 -6.39 26.70 0.31
N SER A 114 -5.44 25.77 0.21
CA SER A 114 -5.14 25.12 -1.07
C SER A 114 -5.36 23.61 -0.98
N SER A 115 -5.81 23.03 -2.07
CA SER A 115 -6.08 21.59 -2.12
C SER A 115 -5.66 21.00 -3.47
N GLY A 116 -5.17 19.77 -3.45
CA GLY A 116 -4.74 19.12 -4.67
C GLY A 116 -3.26 18.82 -4.67
N GLY A 1 -17.96 -19.15 2.29
CA GLY A 1 -18.01 -20.59 2.50
C GLY A 1 -19.33 -21.20 2.08
N SER A 2 -20.42 -20.54 2.46
CA SER A 2 -21.76 -21.02 2.12
C SER A 2 -22.52 -19.98 1.29
N SER A 3 -21.83 -19.38 0.34
CA SER A 3 -22.44 -18.36 -0.51
C SER A 3 -22.92 -18.98 -1.82
N GLY A 4 -23.62 -18.18 -2.62
CA GLY A 4 -24.14 -18.65 -3.89
C GLY A 4 -23.16 -18.42 -5.03
N SER A 5 -22.94 -17.16 -5.37
CA SER A 5 -22.03 -16.80 -6.46
C SER A 5 -20.62 -16.57 -5.93
N SER A 6 -19.76 -17.59 -6.08
CA SER A 6 -18.38 -17.50 -5.62
C SER A 6 -17.84 -16.09 -5.81
N GLY A 7 -17.96 -15.57 -7.02
CA GLY A 7 -17.48 -14.23 -7.32
C GLY A 7 -18.43 -13.45 -8.19
N MET A 8 -18.09 -13.34 -9.47
CA MET A 8 -18.94 -12.60 -10.42
C MET A 8 -19.08 -11.15 -10.00
N ASN A 9 -18.00 -10.56 -9.52
CA ASN A 9 -18.00 -9.18 -9.08
C ASN A 9 -16.60 -8.57 -9.17
N ARG A 10 -16.53 -7.24 -9.10
CA ARG A 10 -15.26 -6.54 -9.17
C ARG A 10 -14.70 -6.29 -7.78
N THR A 11 -13.79 -7.16 -7.34
CA THR A 11 -13.19 -7.03 -6.02
C THR A 11 -12.39 -5.74 -5.90
N ALA A 12 -13.07 -4.66 -5.54
CA ALA A 12 -12.43 -3.36 -5.39
C ALA A 12 -12.51 -2.87 -3.96
N MET A 13 -11.36 -2.51 -3.39
CA MET A 13 -11.29 -2.03 -2.02
C MET A 13 -10.55 -0.70 -1.94
N ARG A 14 -10.99 0.18 -1.04
CA ARG A 14 -10.37 1.48 -0.87
C ARG A 14 -9.71 1.60 0.50
N ALA A 15 -8.44 1.98 0.51
CA ALA A 15 -7.70 2.13 1.76
C ALA A 15 -7.45 3.60 2.07
N SER A 16 -7.71 3.99 3.32
CA SER A 16 -7.52 5.36 3.75
C SER A 16 -6.67 5.43 5.02
N GLN A 17 -7.20 4.86 6.10
CA GLN A 17 -6.49 4.85 7.38
C GLN A 17 -6.51 3.45 7.99
N LYS A 18 -7.69 2.89 8.12
CA LYS A 18 -7.85 1.55 8.70
C LYS A 18 -7.22 0.50 7.80
N ASP A 19 -7.78 0.32 6.61
CA ASP A 19 -7.26 -0.67 5.66
C ASP A 19 -5.74 -0.71 5.69
N PHE A 20 -5.12 0.46 5.69
CA PHE A 20 -3.66 0.56 5.73
C PHE A 20 -3.11 -0.02 7.03
N GLU A 21 -3.53 0.56 8.15
CA GLU A 21 -3.08 0.10 9.46
C GLU A 21 -3.20 -1.41 9.59
N ASN A 22 -4.26 -1.96 9.00
CA ASN A 22 -4.50 -3.39 9.05
C ASN A 22 -3.47 -4.14 8.20
N SER A 23 -3.25 -3.66 6.98
CA SER A 23 -2.29 -4.28 6.08
C SER A 23 -0.89 -4.27 6.67
N MET A 24 -0.38 -3.08 6.96
CA MET A 24 0.95 -2.94 7.53
C MET A 24 1.14 -3.89 8.71
N ASN A 25 0.07 -4.09 9.48
CA ASN A 25 0.13 -4.98 10.64
C ASN A 25 0.40 -6.42 10.21
N GLN A 26 -0.35 -6.88 9.21
CA GLN A 26 -0.19 -8.24 8.70
C GLN A 26 1.26 -8.51 8.33
N VAL A 27 1.88 -7.56 7.66
CA VAL A 27 3.28 -7.71 7.24
C VAL A 27 4.21 -7.79 8.45
N LYS A 28 3.83 -7.12 9.53
CA LYS A 28 4.63 -7.12 10.75
C LYS A 28 4.35 -8.37 11.58
N LEU A 29 3.26 -9.06 11.24
CA LEU A 29 2.88 -10.28 11.96
C LEU A 29 3.80 -11.44 11.56
N LEU A 30 3.90 -11.68 10.26
CA LEU A 30 4.74 -12.76 9.75
C LEU A 30 6.18 -12.62 10.26
N LYS A 31 6.77 -13.74 10.65
CA LYS A 31 8.13 -13.76 11.17
C LYS A 31 9.06 -14.50 10.21
N LYS A 32 8.63 -14.63 8.97
CA LYS A 32 9.42 -15.33 7.95
C LYS A 32 9.83 -14.36 6.83
N ASP A 33 10.99 -13.74 6.98
CA ASP A 33 11.50 -12.81 6.00
C ASP A 33 11.16 -13.28 4.58
N PRO A 34 10.23 -12.57 3.93
CA PRO A 34 9.78 -12.89 2.57
C PRO A 34 10.87 -12.61 1.53
N GLY A 35 11.60 -11.51 1.72
CA GLY A 35 12.66 -11.15 0.79
C GLY A 35 12.76 -9.65 0.57
N ASN A 36 13.98 -9.17 0.39
CA ASN A 36 14.21 -7.75 0.18
C ASN A 36 13.40 -7.23 -1.01
N GLU A 37 12.88 -8.16 -1.81
CA GLU A 37 12.08 -7.80 -2.98
C GLU A 37 10.79 -7.10 -2.56
N VAL A 38 10.08 -7.71 -1.61
CA VAL A 38 8.83 -7.14 -1.12
C VAL A 38 9.08 -6.07 -0.07
N LYS A 39 10.05 -6.33 0.81
CA LYS A 39 10.39 -5.38 1.87
C LYS A 39 10.60 -3.99 1.29
N LEU A 40 10.87 -3.92 -0.01
CA LEU A 40 11.09 -2.63 -0.68
C LEU A 40 9.79 -2.08 -1.25
N LYS A 41 8.96 -2.97 -1.78
CA LYS A 41 7.68 -2.58 -2.35
C LYS A 41 6.72 -2.08 -1.28
N LEU A 42 6.91 -2.58 -0.05
CA LEU A 42 6.07 -2.18 1.07
C LEU A 42 6.53 -0.85 1.66
N TYR A 43 7.83 -0.60 1.59
CA TYR A 43 8.40 0.63 2.11
C TYR A 43 8.19 1.79 1.14
N ALA A 44 8.27 1.49 -0.15
CA ALA A 44 8.09 2.52 -1.17
C ALA A 44 6.78 3.27 -0.96
N LEU A 45 5.70 2.53 -0.77
CA LEU A 45 4.38 3.12 -0.55
C LEU A 45 4.33 3.86 0.78
N TYR A 46 4.79 3.19 1.83
CA TYR A 46 4.80 3.77 3.16
C TYR A 46 5.27 5.23 3.13
N LYS A 47 6.49 5.43 2.67
CA LYS A 47 7.06 6.77 2.57
C LYS A 47 6.31 7.62 1.56
N GLN A 48 5.49 6.95 0.73
CA GLN A 48 4.71 7.64 -0.28
C GLN A 48 3.34 8.05 0.27
N ALA A 49 2.87 7.33 1.27
CA ALA A 49 1.58 7.61 1.88
C ALA A 49 1.75 8.36 3.20
N THR A 50 2.99 8.73 3.50
CA THR A 50 3.29 9.44 4.73
C THR A 50 4.08 10.72 4.45
N GLU A 51 5.01 10.63 3.50
CA GLU A 51 5.84 11.78 3.14
C GLU A 51 5.47 12.30 1.76
N GLY A 52 5.21 11.36 0.83
CA GLY A 52 4.87 11.74 -0.52
C GLY A 52 5.88 11.27 -1.54
N PRO A 53 6.16 12.12 -2.54
CA PRO A 53 7.12 11.81 -3.60
C PRO A 53 8.56 11.79 -3.09
N CYS A 54 9.35 10.85 -3.60
CA CYS A 54 10.75 10.72 -3.20
C CYS A 54 11.46 12.07 -3.27
N ASN A 55 11.71 12.67 -2.11
CA ASN A 55 12.38 13.96 -2.04
C ASN A 55 13.73 13.83 -1.34
N MET A 56 14.19 12.59 -1.17
CA MET A 56 15.47 12.34 -0.51
C MET A 56 16.61 12.33 -1.52
N PRO A 57 17.82 12.65 -1.05
CA PRO A 57 19.01 12.69 -1.90
C PRO A 57 19.46 11.30 -2.34
N LYS A 58 19.75 11.16 -3.63
CA LYS A 58 20.18 9.88 -4.18
C LYS A 58 21.49 9.42 -3.53
N PRO A 59 21.43 8.28 -2.83
CA PRO A 59 22.59 7.71 -2.15
C PRO A 59 23.63 7.17 -3.13
N GLY A 60 24.80 6.81 -2.61
CA GLY A 60 25.86 6.29 -3.45
C GLY A 60 25.76 4.78 -3.63
N VAL A 61 26.25 4.29 -4.76
CA VAL A 61 26.23 2.86 -5.05
C VAL A 61 26.66 2.04 -3.84
N PHE A 62 27.82 2.37 -3.29
CA PHE A 62 28.35 1.67 -2.13
C PHE A 62 27.24 1.41 -1.11
N ASP A 63 26.25 2.29 -1.07
CA ASP A 63 25.14 2.16 -0.14
C ASP A 63 23.99 1.39 -0.78
N LEU A 64 24.17 0.08 -0.94
CA LEU A 64 23.15 -0.76 -1.55
C LEU A 64 21.88 -0.77 -0.70
N ILE A 65 22.05 -0.74 0.62
CA ILE A 65 20.92 -0.74 1.54
C ILE A 65 20.00 0.46 1.28
N ASN A 66 20.58 1.66 1.34
CA ASN A 66 19.82 2.88 1.12
C ASN A 66 19.37 2.98 -0.33
N LYS A 67 20.30 2.74 -1.26
CA LYS A 67 20.00 2.80 -2.67
C LYS A 67 18.84 1.88 -3.04
N ALA A 68 18.84 0.68 -2.44
CA ALA A 68 17.78 -0.29 -2.70
C ALA A 68 16.40 0.32 -2.49
N LYS A 69 16.26 1.08 -1.41
CA LYS A 69 15.00 1.74 -1.10
C LYS A 69 14.74 2.92 -2.04
N TRP A 70 15.74 3.78 -2.17
CA TRP A 70 15.63 4.95 -3.04
C TRP A 70 14.95 4.58 -4.36
N ASP A 71 15.33 3.45 -4.92
CA ASP A 71 14.76 2.98 -6.18
C ASP A 71 13.32 2.52 -5.99
N ALA A 72 13.02 2.03 -4.79
CA ALA A 72 11.68 1.56 -4.47
C ALA A 72 10.71 2.73 -4.28
N TRP A 73 11.14 3.72 -3.51
CA TRP A 73 10.31 4.89 -3.24
C TRP A 73 10.33 5.85 -4.43
N ASN A 74 11.49 5.97 -5.07
CA ASN A 74 11.64 6.85 -6.22
C ASN A 74 10.73 6.42 -7.36
N ALA A 75 10.78 5.13 -7.69
CA ALA A 75 9.96 4.60 -8.77
C ALA A 75 8.56 5.23 -8.77
N LEU A 76 7.94 5.27 -7.60
CA LEU A 76 6.61 5.85 -7.46
C LEU A 76 6.53 7.21 -8.15
N GLY A 77 7.47 8.09 -7.83
CA GLY A 77 7.49 9.41 -8.42
C GLY A 77 6.56 10.38 -7.73
N SER A 78 5.73 11.07 -8.52
CA SER A 78 4.78 12.04 -7.98
C SER A 78 3.48 11.35 -7.60
N LEU A 79 3.57 10.13 -7.09
CA LEU A 79 2.39 9.37 -6.69
C LEU A 79 1.77 9.96 -5.43
N PRO A 80 0.48 10.31 -5.51
CA PRO A 80 -0.27 10.89 -4.38
C PRO A 80 -0.51 9.88 -3.27
N LYS A 81 -0.57 10.36 -2.03
CA LYS A 81 -0.80 9.50 -0.89
C LYS A 81 -2.06 8.65 -1.09
N GLU A 82 -3.15 9.30 -1.44
CA GLU A 82 -4.41 8.60 -1.66
C GLU A 82 -4.18 7.27 -2.37
N ALA A 83 -3.50 7.32 -3.51
CA ALA A 83 -3.21 6.12 -4.29
C ALA A 83 -2.11 5.30 -3.62
N ALA A 84 -1.09 5.98 -3.11
CA ALA A 84 0.02 5.31 -2.45
C ALA A 84 -0.47 4.30 -1.42
N ARG A 85 -1.39 4.74 -0.57
CA ARG A 85 -1.94 3.88 0.47
C ARG A 85 -2.69 2.70 -0.14
N GLN A 86 -3.47 2.98 -1.19
CA GLN A 86 -4.24 1.96 -1.87
C GLN A 86 -3.33 0.86 -2.42
N ASN A 87 -2.14 1.26 -2.87
CA ASN A 87 -1.18 0.32 -3.42
C ASN A 87 -0.60 -0.57 -2.32
N TYR A 88 -0.24 0.05 -1.20
CA TYR A 88 0.34 -0.68 -0.07
C TYR A 88 -0.59 -1.83 0.36
N VAL A 89 -1.84 -1.49 0.64
CA VAL A 89 -2.82 -2.48 1.06
C VAL A 89 -3.09 -3.50 -0.04
N ASP A 90 -3.05 -3.04 -1.28
CA ASP A 90 -3.28 -3.91 -2.43
C ASP A 90 -2.23 -5.01 -2.49
N LEU A 91 -1.06 -4.76 -1.91
CA LEU A 91 0.02 -5.73 -1.90
C LEU A 91 -0.17 -6.73 -0.77
N VAL A 92 -0.21 -6.23 0.46
CA VAL A 92 -0.38 -7.08 1.64
C VAL A 92 -1.47 -8.13 1.39
N SER A 93 -2.47 -7.76 0.59
CA SER A 93 -3.57 -8.67 0.29
C SER A 93 -3.10 -9.82 -0.60
N SER A 94 -2.18 -9.52 -1.51
CA SER A 94 -1.64 -10.52 -2.42
C SER A 94 -1.00 -11.67 -1.65
N LEU A 95 -0.24 -11.32 -0.62
CA LEU A 95 0.44 -12.32 0.21
C LEU A 95 -0.57 -13.22 0.92
N SER A 96 -1.54 -12.60 1.60
CA SER A 96 -2.56 -13.34 2.32
C SER A 96 -3.26 -14.34 1.40
N PRO A 97 -3.60 -15.51 1.95
CA PRO A 97 -4.29 -16.57 1.19
C PRO A 97 -5.72 -16.21 0.84
N SER A 98 -6.47 -15.77 1.84
CA SER A 98 -7.87 -15.38 1.64
C SER A 98 -8.34 -14.46 2.76
N LEU A 99 -8.85 -13.29 2.36
CA LEU A 99 -9.34 -12.31 3.32
C LEU A 99 -10.76 -11.87 2.98
N GLU A 100 -11.33 -12.48 1.94
CA GLU A 100 -12.69 -12.16 1.51
C GLU A 100 -13.64 -12.13 2.69
N SER A 101 -14.52 -11.14 2.72
CA SER A 101 -15.48 -10.99 3.80
C SER A 101 -16.60 -10.02 3.41
N SER A 102 -17.79 -10.24 3.97
CA SER A 102 -18.94 -9.40 3.68
C SER A 102 -19.14 -8.36 4.78
N SER A 103 -19.09 -7.08 4.40
CA SER A 103 -19.26 -5.99 5.36
C SER A 103 -20.67 -5.41 5.27
N GLN A 104 -21.50 -5.69 6.27
CA GLN A 104 -22.86 -5.19 6.29
C GLN A 104 -22.99 -4.00 7.24
N VAL A 105 -22.03 -3.09 7.16
CA VAL A 105 -22.03 -1.90 8.02
C VAL A 105 -22.89 -0.79 7.40
N GLU A 106 -24.04 -1.17 6.85
CA GLU A 106 -24.94 -0.20 6.23
C GLU A 106 -24.15 0.95 5.62
N PRO A 107 -23.19 0.63 4.75
CA PRO A 107 -22.35 1.62 4.08
C PRO A 107 -23.13 2.43 3.04
N GLY A 108 -23.17 3.75 3.25
CA GLY A 108 -23.88 4.61 2.32
C GLY A 108 -24.27 5.93 2.95
N THR A 109 -24.44 6.95 2.11
CA THR A 109 -24.81 8.28 2.60
C THR A 109 -26.09 8.77 1.93
N ASP A 110 -26.88 9.52 2.68
CA ASP A 110 -28.15 10.06 2.16
C ASP A 110 -27.97 11.48 1.65
N SER A 111 -27.49 11.60 0.41
CA SER A 111 -27.27 12.91 -0.20
C SER A 111 -28.51 13.38 -0.94
N GLY A 112 -29.49 13.89 -0.20
CA GLY A 112 -30.71 14.38 -0.81
C GLY A 112 -31.89 13.47 -0.52
N PRO A 113 -33.08 14.06 -0.40
CA PRO A 113 -34.31 13.31 -0.13
C PRO A 113 -34.76 12.47 -1.31
N SER A 114 -34.33 12.88 -2.51
CA SER A 114 -34.68 12.17 -3.73
C SER A 114 -33.44 11.66 -4.44
N SER A 115 -33.65 10.95 -5.55
CA SER A 115 -32.54 10.40 -6.33
C SER A 115 -32.60 10.89 -7.76
N GLY A 116 -31.59 11.66 -8.17
CA GLY A 116 -31.54 12.18 -9.52
C GLY A 116 -30.89 13.55 -9.59
N GLY A 1 -29.93 -28.19 -13.48
CA GLY A 1 -29.78 -26.81 -13.07
C GLY A 1 -29.53 -26.68 -11.58
N SER A 2 -28.52 -25.90 -11.21
CA SER A 2 -28.18 -25.69 -9.81
C SER A 2 -28.04 -24.20 -9.49
N SER A 3 -28.03 -23.87 -8.20
CA SER A 3 -27.91 -22.49 -7.77
C SER A 3 -26.45 -22.09 -7.62
N GLY A 4 -26.11 -20.90 -8.09
CA GLY A 4 -24.74 -20.42 -8.00
C GLY A 4 -24.61 -19.17 -7.15
N SER A 5 -23.75 -19.24 -6.14
CA SER A 5 -23.55 -18.11 -5.24
C SER A 5 -22.57 -17.11 -5.85
N SER A 6 -23.06 -15.89 -6.09
CA SER A 6 -22.23 -14.84 -6.68
C SER A 6 -22.94 -13.50 -6.63
N GLY A 7 -22.43 -12.59 -5.82
CA GLY A 7 -23.03 -11.28 -5.69
C GLY A 7 -22.45 -10.27 -6.67
N MET A 8 -22.40 -9.01 -6.27
CA MET A 8 -21.85 -7.95 -7.12
C MET A 8 -20.58 -8.42 -7.83
N ASN A 9 -20.54 -8.21 -9.14
CA ASN A 9 -19.38 -8.61 -9.93
C ASN A 9 -18.23 -7.62 -9.77
N ARG A 10 -18.55 -6.32 -9.83
CA ARG A 10 -17.56 -5.28 -9.69
C ARG A 10 -17.01 -5.24 -8.25
N THR A 11 -15.90 -4.53 -8.07
CA THR A 11 -15.28 -4.41 -6.76
C THR A 11 -14.41 -3.16 -6.67
N ALA A 12 -14.65 -2.36 -5.65
CA ALA A 12 -13.89 -1.12 -5.44
C ALA A 12 -12.43 -1.43 -5.11
N MET A 13 -11.52 -0.81 -5.84
CA MET A 13 -10.09 -1.01 -5.62
C MET A 13 -9.49 0.15 -4.83
N ARG A 14 -10.23 0.64 -3.85
CA ARG A 14 -9.77 1.76 -3.03
C ARG A 14 -9.72 1.36 -1.55
N ALA A 15 -8.85 2.02 -0.80
CA ALA A 15 -8.71 1.74 0.63
C ALA A 15 -8.49 3.03 1.42
N SER A 16 -8.83 2.99 2.71
CA SER A 16 -8.70 4.15 3.57
C SER A 16 -7.56 3.95 4.57
N GLN A 17 -7.12 5.04 5.19
CA GLN A 17 -6.04 4.98 6.17
C GLN A 17 -6.20 3.77 7.09
N LYS A 18 -7.40 3.60 7.64
CA LYS A 18 -7.68 2.49 8.53
C LYS A 18 -7.18 1.18 7.95
N ASP A 19 -7.55 0.91 6.70
CA ASP A 19 -7.14 -0.31 6.02
C ASP A 19 -5.62 -0.48 6.09
N PHE A 20 -4.90 0.61 5.85
CA PHE A 20 -3.44 0.58 5.87
C PHE A 20 -2.94 0.11 7.24
N GLU A 21 -3.30 0.84 8.28
CA GLU A 21 -2.89 0.51 9.63
C GLU A 21 -3.00 -1.00 9.88
N ASN A 22 -4.00 -1.62 9.27
CA ASN A 22 -4.21 -3.05 9.42
C ASN A 22 -3.29 -3.84 8.50
N SER A 23 -3.17 -3.38 7.26
CA SER A 23 -2.33 -4.04 6.28
C SER A 23 -0.88 -4.08 6.74
N MET A 24 -0.36 -2.93 7.14
CA MET A 24 1.02 -2.82 7.62
C MET A 24 1.26 -3.79 8.76
N ASN A 25 0.26 -3.98 9.61
CA ASN A 25 0.37 -4.88 10.75
C ASN A 25 0.57 -6.32 10.28
N GLN A 26 -0.28 -6.76 9.36
CA GLN A 26 -0.19 -8.12 8.83
C GLN A 26 1.22 -8.43 8.35
N VAL A 27 1.82 -7.48 7.65
CA VAL A 27 3.17 -7.65 7.13
C VAL A 27 4.18 -7.78 8.26
N LYS A 28 3.83 -7.24 9.42
CA LYS A 28 4.71 -7.31 10.58
C LYS A 28 4.49 -8.59 11.37
N LEU A 29 3.38 -9.27 11.07
CA LEU A 29 3.04 -10.51 11.75
C LEU A 29 3.87 -11.67 11.21
N LEU A 30 3.99 -11.75 9.89
CA LEU A 30 4.76 -12.81 9.25
C LEU A 30 6.19 -12.83 9.77
N LYS A 31 6.63 -14.00 10.22
CA LYS A 31 7.99 -14.15 10.74
C LYS A 31 8.89 -14.86 9.73
N LYS A 32 8.45 -14.88 8.47
CA LYS A 32 9.21 -15.52 7.42
C LYS A 32 9.93 -14.49 6.54
N ASP A 33 10.75 -14.98 5.61
CA ASP A 33 11.48 -14.09 4.72
C ASP A 33 11.00 -14.27 3.28
N PRO A 34 10.08 -13.40 2.84
CA PRO A 34 9.52 -13.44 1.49
C PRO A 34 10.54 -13.02 0.43
N GLY A 35 11.37 -12.04 0.77
CA GLY A 35 12.39 -11.57 -0.16
C GLY A 35 12.52 -10.06 -0.15
N ASN A 36 13.76 -9.58 -0.19
CA ASN A 36 14.01 -8.14 -0.18
C ASN A 36 13.20 -7.43 -1.26
N GLU A 37 12.73 -8.21 -2.24
CA GLU A 37 11.93 -7.66 -3.33
C GLU A 37 10.66 -7.00 -2.80
N VAL A 38 9.97 -7.68 -1.89
CA VAL A 38 8.75 -7.16 -1.30
C VAL A 38 9.05 -6.21 -0.16
N LYS A 39 10.02 -6.59 0.67
CA LYS A 39 10.41 -5.76 1.81
C LYS A 39 10.68 -4.31 1.38
N LEU A 40 10.90 -4.13 0.08
CA LEU A 40 11.17 -2.80 -0.46
C LEU A 40 9.89 -2.15 -0.97
N LYS A 41 9.05 -2.94 -1.63
CA LYS A 41 7.79 -2.45 -2.17
C LYS A 41 6.88 -1.96 -1.05
N LEU A 42 6.99 -2.59 0.13
CA LEU A 42 6.18 -2.23 1.27
C LEU A 42 6.66 -0.92 1.89
N TYR A 43 7.93 -0.60 1.66
CA TYR A 43 8.52 0.62 2.20
C TYR A 43 8.32 1.79 1.23
N ALA A 44 8.37 1.48 -0.07
CA ALA A 44 8.20 2.50 -1.09
C ALA A 44 6.88 3.24 -0.93
N LEU A 45 5.81 2.48 -0.73
CA LEU A 45 4.48 3.07 -0.55
C LEU A 45 4.38 3.79 0.79
N TYR A 46 4.84 3.14 1.84
CA TYR A 46 4.80 3.71 3.19
C TYR A 46 5.27 5.17 3.16
N LYS A 47 6.47 5.39 2.65
CA LYS A 47 7.04 6.73 2.57
C LYS A 47 6.28 7.58 1.55
N GLN A 48 5.46 6.92 0.73
CA GLN A 48 4.68 7.60 -0.29
C GLN A 48 3.33 8.05 0.27
N ALA A 49 2.83 7.31 1.25
CA ALA A 49 1.55 7.62 1.86
C ALA A 49 1.74 8.40 3.17
N THR A 50 2.96 8.85 3.40
CA THR A 50 3.28 9.60 4.61
C THR A 50 4.06 10.87 4.28
N GLU A 51 5.00 10.76 3.35
CA GLU A 51 5.81 11.90 2.94
C GLU A 51 5.45 12.35 1.53
N GLY A 52 5.18 11.38 0.66
CA GLY A 52 4.83 11.70 -0.71
C GLY A 52 5.84 11.15 -1.71
N PRO A 53 6.07 11.90 -2.80
CA PRO A 53 7.01 11.51 -3.85
C PRO A 53 8.46 11.58 -3.38
N CYS A 54 9.28 10.63 -3.84
CA CYS A 54 10.68 10.60 -3.47
C CYS A 54 11.28 11.99 -3.42
N ASN A 55 11.43 12.52 -2.21
CA ASN A 55 11.99 13.86 -2.03
C ASN A 55 13.30 13.81 -1.26
N MET A 56 13.89 12.63 -1.20
CA MET A 56 15.15 12.44 -0.50
C MET A 56 16.34 12.46 -1.47
N PRO A 57 17.52 12.80 -0.94
CA PRO A 57 18.75 12.87 -1.75
C PRO A 57 19.23 11.49 -2.19
N LYS A 58 19.58 11.37 -3.46
CA LYS A 58 20.06 10.11 -4.02
C LYS A 58 21.35 9.67 -3.33
N PRO A 59 21.31 8.50 -2.68
CA PRO A 59 22.47 7.94 -1.98
C PRO A 59 23.56 7.49 -2.94
N GLY A 60 24.78 7.30 -2.41
CA GLY A 60 25.88 6.87 -3.24
C GLY A 60 25.92 5.36 -3.40
N VAL A 61 26.62 4.90 -4.44
CA VAL A 61 26.73 3.47 -4.70
C VAL A 61 27.13 2.71 -3.44
N PHE A 62 28.24 3.12 -2.82
CA PHE A 62 28.72 2.47 -1.61
C PHE A 62 27.57 2.17 -0.65
N ASP A 63 26.56 3.04 -0.66
CA ASP A 63 25.39 2.86 0.21
C ASP A 63 24.34 2.00 -0.47
N LEU A 64 24.62 0.70 -0.58
CA LEU A 64 23.70 -0.23 -1.21
C LEU A 64 22.39 -0.31 -0.44
N ILE A 65 22.48 -0.27 0.89
CA ILE A 65 21.31 -0.34 1.74
C ILE A 65 20.33 0.79 1.42
N ASN A 66 20.84 2.02 1.40
CA ASN A 66 20.01 3.19 1.10
C ASN A 66 19.58 3.18 -0.36
N LYS A 67 20.51 2.87 -1.26
CA LYS A 67 20.22 2.82 -2.68
C LYS A 67 19.09 1.86 -2.97
N ALA A 68 19.02 0.78 -2.20
CA ALA A 68 17.97 -0.23 -2.38
C ALA A 68 16.59 0.39 -2.18
N LYS A 69 16.45 1.22 -1.17
CA LYS A 69 15.19 1.87 -0.87
C LYS A 69 14.91 3.01 -1.85
N TRP A 70 15.92 3.84 -2.08
CA TRP A 70 15.78 4.97 -3.00
C TRP A 70 15.12 4.53 -4.30
N ASP A 71 15.55 3.39 -4.83
CA ASP A 71 15.00 2.86 -6.07
C ASP A 71 13.57 2.38 -5.87
N ALA A 72 13.25 2.01 -4.63
CA ALA A 72 11.91 1.53 -4.30
C ALA A 72 10.93 2.69 -4.18
N TRP A 73 11.30 3.70 -3.41
CA TRP A 73 10.45 4.87 -3.21
C TRP A 73 10.45 5.75 -4.44
N ASN A 74 11.62 5.89 -5.07
CA ASN A 74 11.75 6.71 -6.26
C ASN A 74 10.80 6.26 -7.36
N ALA A 75 10.87 4.98 -7.71
CA ALA A 75 10.00 4.42 -8.74
C ALA A 75 8.62 5.07 -8.72
N LEU A 76 8.00 5.08 -7.53
CA LEU A 76 6.68 5.68 -7.38
C LEU A 76 6.57 6.99 -8.16
N GLY A 77 7.55 7.87 -7.96
CA GLY A 77 7.55 9.15 -8.64
C GLY A 77 6.56 10.13 -8.05
N SER A 78 5.76 10.76 -8.91
CA SER A 78 4.77 11.73 -8.47
C SER A 78 3.47 11.04 -8.08
N LEU A 79 3.59 9.87 -7.47
CA LEU A 79 2.43 9.10 -7.04
C LEU A 79 1.77 9.74 -5.82
N PRO A 80 0.46 10.03 -5.93
CA PRO A 80 -0.31 10.64 -4.84
C PRO A 80 -0.52 9.68 -3.68
N LYS A 81 -0.51 10.23 -2.46
CA LYS A 81 -0.71 9.42 -1.27
C LYS A 81 -1.94 8.54 -1.39
N GLU A 82 -3.04 9.14 -1.85
CA GLU A 82 -4.29 8.39 -2.03
C GLU A 82 -4.03 7.02 -2.64
N ALA A 83 -3.38 7.02 -3.81
CA ALA A 83 -3.06 5.77 -4.50
C ALA A 83 -2.02 4.97 -3.74
N ALA A 84 -1.01 5.66 -3.22
CA ALA A 84 0.05 5.01 -2.46
C ALA A 84 -0.51 4.09 -1.39
N ARG A 85 -1.40 4.63 -0.56
CA ARG A 85 -2.02 3.87 0.51
C ARG A 85 -2.74 2.64 -0.05
N GLN A 86 -3.37 2.80 -1.21
CA GLN A 86 -4.10 1.71 -1.84
C GLN A 86 -3.15 0.61 -2.29
N ASN A 87 -2.01 1.01 -2.86
CA ASN A 87 -1.01 0.05 -3.33
C ASN A 87 -0.47 -0.78 -2.18
N TYR A 88 -0.06 -0.11 -1.11
CA TYR A 88 0.48 -0.79 0.06
C TYR A 88 -0.46 -1.90 0.53
N VAL A 89 -1.71 -1.54 0.78
CA VAL A 89 -2.71 -2.50 1.24
C VAL A 89 -2.96 -3.57 0.17
N ASP A 90 -3.05 -3.13 -1.08
CA ASP A 90 -3.29 -4.04 -2.19
C ASP A 90 -2.30 -5.20 -2.16
N LEU A 91 -1.12 -4.95 -1.64
CA LEU A 91 -0.08 -5.97 -1.55
C LEU A 91 -0.34 -6.92 -0.37
N VAL A 92 -0.36 -6.35 0.83
CA VAL A 92 -0.61 -7.13 2.03
C VAL A 92 -1.76 -8.11 1.83
N SER A 93 -2.78 -7.67 1.11
CA SER A 93 -3.94 -8.51 0.85
C SER A 93 -3.59 -9.66 -0.09
N SER A 94 -2.63 -9.42 -0.97
CA SER A 94 -2.19 -10.43 -1.92
C SER A 94 -1.53 -11.61 -1.21
N LEU A 95 -0.66 -11.29 -0.24
CA LEU A 95 0.04 -12.32 0.52
C LEU A 95 -0.95 -13.23 1.23
N SER A 96 -1.99 -12.64 1.80
CA SER A 96 -3.01 -13.39 2.52
C SER A 96 -4.04 -13.97 1.55
N PRO A 97 -4.44 -15.23 1.80
CA PRO A 97 -5.42 -15.92 0.96
C PRO A 97 -6.83 -15.34 1.12
N SER A 98 -7.27 -15.20 2.36
CA SER A 98 -8.60 -14.66 2.65
C SER A 98 -8.66 -14.09 4.06
N LEU A 99 -8.86 -12.79 4.15
CA LEU A 99 -8.94 -12.11 5.44
C LEU A 99 -9.77 -10.83 5.34
N GLU A 100 -10.75 -10.70 6.21
CA GLU A 100 -11.62 -9.51 6.22
C GLU A 100 -10.85 -8.28 6.70
N SER A 101 -11.31 -7.11 6.30
CA SER A 101 -10.67 -5.86 6.70
C SER A 101 -11.71 -4.77 6.93
N SER A 102 -11.42 -3.90 7.89
CA SER A 102 -12.33 -2.81 8.23
C SER A 102 -11.86 -1.49 7.59
N SER A 103 -12.69 -0.93 6.72
CA SER A 103 -12.36 0.32 6.05
C SER A 103 -13.49 1.34 6.21
N GLN A 104 -13.11 2.58 6.49
CA GLN A 104 -14.09 3.65 6.68
C GLN A 104 -13.75 4.85 5.80
N VAL A 105 -14.63 5.85 5.80
CA VAL A 105 -14.42 7.05 5.01
C VAL A 105 -13.88 8.19 5.86
N GLU A 106 -12.91 8.91 5.32
CA GLU A 106 -12.31 10.04 6.03
C GLU A 106 -12.39 11.32 5.21
N PRO A 107 -13.09 12.32 5.75
CA PRO A 107 -13.27 13.62 5.08
C PRO A 107 -11.97 14.42 5.02
N GLY A 108 -11.70 15.02 3.87
CA GLY A 108 -10.50 15.80 3.71
C GLY A 108 -9.87 15.62 2.34
N THR A 109 -9.69 16.72 1.62
CA THR A 109 -9.10 16.68 0.29
C THR A 109 -8.33 17.96 -0.02
N ASP A 110 -7.12 17.81 -0.55
CA ASP A 110 -6.28 18.96 -0.88
C ASP A 110 -5.89 18.93 -2.36
N SER A 111 -5.38 20.05 -2.85
CA SER A 111 -4.97 20.16 -4.24
C SER A 111 -3.51 20.61 -4.35
N GLY A 112 -2.80 20.07 -5.33
CA GLY A 112 -1.41 20.44 -5.53
C GLY A 112 -1.05 20.60 -6.98
N PRO A 113 -1.35 21.79 -7.54
CA PRO A 113 -1.06 22.11 -8.94
C PRO A 113 0.44 22.23 -9.21
N SER A 114 1.06 21.13 -9.57
CA SER A 114 2.50 21.11 -9.85
C SER A 114 3.24 22.05 -8.91
N SER A 115 2.87 22.03 -7.64
CA SER A 115 3.50 22.88 -6.63
C SER A 115 4.93 22.45 -6.37
N GLY A 116 5.72 23.33 -5.78
CA GLY A 116 7.11 23.03 -5.48
C GLY A 116 7.90 22.69 -6.73
N GLY A 1 -15.25 -0.70 -30.69
CA GLY A 1 -14.21 0.29 -30.87
C GLY A 1 -14.23 1.35 -29.80
N SER A 2 -13.72 1.01 -28.61
CA SER A 2 -13.67 1.94 -27.50
C SER A 2 -12.38 1.80 -26.71
N SER A 3 -11.86 2.92 -26.24
CA SER A 3 -10.62 2.92 -25.46
C SER A 3 -10.89 3.22 -24.00
N GLY A 4 -10.67 2.21 -23.15
CA GLY A 4 -10.90 2.38 -21.72
C GLY A 4 -12.36 2.36 -21.36
N SER A 5 -13.04 1.27 -21.70
CA SER A 5 -14.46 1.13 -21.41
C SER A 5 -14.69 0.58 -20.01
N SER A 6 -15.46 1.31 -19.21
CA SER A 6 -15.75 0.88 -17.84
C SER A 6 -17.12 1.41 -17.39
N GLY A 7 -17.74 0.68 -16.46
CA GLY A 7 -19.05 1.08 -15.97
C GLY A 7 -19.41 0.38 -14.67
N MET A 8 -20.70 0.25 -14.41
CA MET A 8 -21.18 -0.40 -13.19
C MET A 8 -20.46 0.16 -11.97
N ASN A 9 -20.29 1.47 -11.93
CA ASN A 9 -19.61 2.13 -10.82
C ASN A 9 -20.60 2.43 -9.69
N ARG A 10 -20.58 1.59 -8.66
CA ARG A 10 -21.48 1.78 -7.52
C ARG A 10 -20.69 1.80 -6.22
N THR A 11 -19.64 1.00 -6.15
CA THR A 11 -18.81 0.93 -4.95
C THR A 11 -17.43 1.54 -5.20
N ALA A 12 -16.95 2.31 -4.24
CA ALA A 12 -15.64 2.96 -4.35
C ALA A 12 -14.52 2.01 -3.94
N MET A 13 -13.73 1.58 -4.92
CA MET A 13 -12.62 0.68 -4.65
C MET A 13 -11.43 1.43 -4.05
N ARG A 14 -11.59 1.86 -2.80
CA ARG A 14 -10.54 2.58 -2.10
C ARG A 14 -10.18 1.90 -0.78
N ALA A 15 -9.07 2.32 -0.18
CA ALA A 15 -8.62 1.75 1.08
C ALA A 15 -8.47 2.83 2.14
N SER A 16 -9.31 2.78 3.17
CA SER A 16 -9.27 3.76 4.25
C SER A 16 -7.98 3.60 5.06
N GLN A 17 -7.76 4.54 5.97
CA GLN A 17 -6.58 4.50 6.83
C GLN A 17 -6.46 3.17 7.55
N LYS A 18 -7.56 2.73 8.16
CA LYS A 18 -7.58 1.46 8.89
C LYS A 18 -6.96 0.35 8.05
N ASP A 19 -7.46 0.18 6.84
CA ASP A 19 -6.95 -0.85 5.94
C ASP A 19 -5.43 -0.80 5.86
N PHE A 20 -4.87 0.40 5.75
CA PHE A 20 -3.43 0.57 5.68
C PHE A 20 -2.75 0.09 6.96
N GLU A 21 -3.10 0.72 8.08
CA GLU A 21 -2.53 0.35 9.36
C GLU A 21 -2.63 -1.17 9.59
N ASN A 22 -3.75 -1.74 9.18
CA ASN A 22 -3.96 -3.18 9.34
C ASN A 22 -3.02 -3.98 8.45
N SER A 23 -2.90 -3.55 7.19
CA SER A 23 -2.05 -4.22 6.23
C SER A 23 -0.60 -4.22 6.70
N MET A 24 -0.02 -3.03 6.82
CA MET A 24 1.36 -2.88 7.27
C MET A 24 1.63 -3.75 8.48
N ASN A 25 0.64 -3.88 9.36
CA ASN A 25 0.76 -4.68 10.57
C ASN A 25 0.91 -6.16 10.22
N GLN A 26 0.05 -6.64 9.34
CA GLN A 26 0.08 -8.04 8.92
C GLN A 26 1.48 -8.45 8.48
N VAL A 27 2.13 -7.56 7.72
CA VAL A 27 3.49 -7.82 7.24
C VAL A 27 4.46 -8.00 8.39
N LYS A 28 4.05 -7.59 9.58
CA LYS A 28 4.88 -7.70 10.77
C LYS A 28 4.63 -9.03 11.49
N LEU A 29 3.39 -9.49 11.44
CA LEU A 29 3.01 -10.75 12.09
C LEU A 29 3.73 -11.92 11.45
N LEU A 30 3.84 -11.90 10.12
CA LEU A 30 4.51 -12.97 9.38
C LEU A 30 5.96 -13.12 9.85
N LYS A 31 6.31 -14.32 10.28
CA LYS A 31 7.67 -14.59 10.75
C LYS A 31 8.48 -15.30 9.66
N LYS A 32 8.08 -15.11 8.41
CA LYS A 32 8.77 -15.73 7.29
C LYS A 32 9.14 -14.68 6.24
N ASP A 33 10.38 -14.24 6.27
CA ASP A 33 10.86 -13.24 5.32
C ASP A 33 10.55 -13.66 3.88
N PRO A 34 9.67 -12.89 3.22
CA PRO A 34 9.27 -13.16 1.83
C PRO A 34 10.40 -12.91 0.84
N GLY A 35 11.03 -11.75 0.97
CA GLY A 35 12.12 -11.40 0.06
C GLY A 35 12.37 -9.90 0.02
N ASN A 36 13.65 -9.53 0.04
CA ASN A 36 14.03 -8.12 0.01
C ASN A 36 13.27 -7.38 -1.09
N GLU A 37 12.77 -8.12 -2.07
CA GLU A 37 12.04 -7.55 -3.18
C GLU A 37 10.76 -6.87 -2.68
N VAL A 38 10.00 -7.59 -1.86
CA VAL A 38 8.76 -7.06 -1.31
C VAL A 38 9.03 -6.11 -0.15
N LYS A 39 9.97 -6.48 0.70
CA LYS A 39 10.33 -5.67 1.86
C LYS A 39 10.61 -4.23 1.44
N LEU A 40 10.88 -4.04 0.15
CA LEU A 40 11.16 -2.71 -0.38
C LEU A 40 9.90 -2.06 -0.95
N LYS A 41 9.13 -2.85 -1.69
CA LYS A 41 7.89 -2.36 -2.29
C LYS A 41 6.93 -1.85 -1.22
N LEU A 42 6.99 -2.45 -0.04
CA LEU A 42 6.13 -2.04 1.07
C LEU A 42 6.58 -0.71 1.65
N TYR A 43 7.88 -0.45 1.58
CA TYR A 43 8.45 0.80 2.10
C TYR A 43 8.28 1.93 1.09
N ALA A 44 8.33 1.58 -0.19
CA ALA A 44 8.19 2.57 -1.25
C ALA A 44 6.85 3.31 -1.14
N LEU A 45 5.80 2.57 -0.86
CA LEU A 45 4.47 3.16 -0.72
C LEU A 45 4.34 3.92 0.59
N TYR A 46 4.80 3.30 1.68
CA TYR A 46 4.73 3.92 2.98
C TYR A 46 5.22 5.36 2.94
N LYS A 47 6.47 5.54 2.52
CA LYS A 47 7.07 6.86 2.42
C LYS A 47 6.32 7.73 1.40
N GLN A 48 5.52 7.08 0.57
CA GLN A 48 4.74 7.79 -0.45
C GLN A 48 3.41 8.26 0.13
N ALA A 49 2.83 7.46 1.02
CA ALA A 49 1.55 7.82 1.64
C ALA A 49 1.77 8.52 2.96
N THR A 50 3.00 8.96 3.21
CA THR A 50 3.35 9.66 4.43
C THR A 50 4.18 10.90 4.16
N GLU A 51 5.09 10.79 3.20
CA GLU A 51 5.96 11.91 2.84
C GLU A 51 5.63 12.41 1.44
N GLY A 52 5.28 11.49 0.56
CA GLY A 52 4.95 11.85 -0.81
C GLY A 52 5.96 11.33 -1.81
N PRO A 53 6.21 12.12 -2.88
CA PRO A 53 7.16 11.75 -3.93
C PRO A 53 8.60 11.78 -3.44
N CYS A 54 9.40 10.81 -3.88
CA CYS A 54 10.79 10.73 -3.49
C CYS A 54 11.48 12.10 -3.62
N ASN A 55 11.70 12.75 -2.49
CA ASN A 55 12.34 14.06 -2.48
C ASN A 55 13.65 14.02 -1.71
N MET A 56 14.16 12.81 -1.47
CA MET A 56 15.42 12.64 -0.75
C MET A 56 16.60 12.57 -1.71
N PRO A 57 17.79 12.93 -1.21
CA PRO A 57 19.03 12.92 -2.01
C PRO A 57 19.48 11.51 -2.35
N LYS A 58 19.83 11.28 -3.61
CA LYS A 58 20.29 9.97 -4.06
C LYS A 58 21.50 9.52 -3.25
N PRO A 59 21.38 8.34 -2.63
CA PRO A 59 22.46 7.77 -1.81
C PRO A 59 23.65 7.31 -2.66
N GLY A 60 24.75 6.98 -1.99
CA GLY A 60 25.94 6.52 -2.70
C GLY A 60 25.88 5.05 -3.03
N VAL A 61 26.60 4.65 -4.08
CA VAL A 61 26.63 3.26 -4.49
C VAL A 61 27.05 2.35 -3.34
N PHE A 62 27.99 2.84 -2.52
CA PHE A 62 28.48 2.07 -1.39
C PHE A 62 27.36 1.78 -0.39
N ASP A 63 26.27 2.52 -0.52
CA ASP A 63 25.11 2.35 0.36
C ASP A 63 24.01 1.57 -0.34
N LEU A 64 24.19 0.26 -0.44
CA LEU A 64 23.20 -0.60 -1.09
C LEU A 64 21.87 -0.56 -0.35
N ILE A 65 21.94 -0.45 0.98
CA ILE A 65 20.74 -0.40 1.81
C ILE A 65 19.86 0.79 1.41
N ASN A 66 20.44 1.99 1.47
CA ASN A 66 19.70 3.20 1.12
C ASN A 66 19.36 3.22 -0.36
N LYS A 67 20.34 2.90 -1.19
CA LYS A 67 20.15 2.87 -2.64
C LYS A 67 19.01 1.93 -3.03
N ALA A 68 18.98 0.77 -2.40
CA ALA A 68 17.95 -0.22 -2.66
C ALA A 68 16.55 0.37 -2.45
N LYS A 69 16.40 1.10 -1.35
CA LYS A 69 15.11 1.72 -1.02
C LYS A 69 14.83 2.90 -1.94
N TRP A 70 15.82 3.78 -2.09
CA TRP A 70 15.68 4.95 -2.95
C TRP A 70 15.04 4.59 -4.28
N ASP A 71 15.47 3.46 -4.84
CA ASP A 71 14.94 2.99 -6.11
C ASP A 71 13.50 2.51 -5.97
N ALA A 72 13.16 2.05 -4.76
CA ALA A 72 11.82 1.56 -4.47
C ALA A 72 10.84 2.72 -4.29
N TRP A 73 11.24 3.72 -3.51
CA TRP A 73 10.41 4.88 -3.25
C TRP A 73 10.42 5.84 -4.43
N ASN A 74 11.59 5.95 -5.08
CA ASN A 74 11.74 6.84 -6.23
C ASN A 74 10.78 6.47 -7.34
N ALA A 75 10.79 5.19 -7.73
CA ALA A 75 9.91 4.70 -8.78
C ALA A 75 8.53 5.36 -8.69
N LEU A 76 7.92 5.29 -7.51
CA LEU A 76 6.61 5.87 -7.30
C LEU A 76 6.45 7.17 -8.08
N GLY A 77 7.42 8.07 -7.91
CA GLY A 77 7.37 9.35 -8.61
C GLY A 77 6.40 10.31 -7.98
N SER A 78 5.57 10.95 -8.80
CA SER A 78 4.59 11.92 -8.31
C SER A 78 3.32 11.22 -7.87
N LEU A 79 3.46 10.01 -7.35
CA LEU A 79 2.31 9.23 -6.88
C LEU A 79 1.68 9.88 -5.66
N PRO A 80 0.38 10.17 -5.75
CA PRO A 80 -0.37 10.79 -4.66
C PRO A 80 -0.57 9.84 -3.47
N LYS A 81 -0.52 10.39 -2.27
CA LYS A 81 -0.69 9.59 -1.05
C LYS A 81 -1.93 8.71 -1.16
N GLU A 82 -3.05 9.30 -1.58
CA GLU A 82 -4.29 8.57 -1.72
C GLU A 82 -4.06 7.22 -2.42
N ALA A 83 -3.51 7.28 -3.63
CA ALA A 83 -3.24 6.08 -4.40
C ALA A 83 -2.20 5.21 -3.70
N ALA A 84 -1.16 5.84 -3.19
CA ALA A 84 -0.09 5.12 -2.49
C ALA A 84 -0.66 4.26 -1.36
N ARG A 85 -1.65 4.81 -0.66
CA ARG A 85 -2.26 4.10 0.45
C ARG A 85 -2.96 2.82 -0.04
N GLN A 86 -3.55 2.91 -1.23
CA GLN A 86 -4.26 1.77 -1.81
C GLN A 86 -3.27 0.70 -2.27
N ASN A 87 -2.20 1.14 -2.94
CA ASN A 87 -1.18 0.22 -3.44
C ASN A 87 -0.59 -0.61 -2.29
N TYR A 88 -0.13 0.08 -1.25
CA TYR A 88 0.47 -0.58 -0.10
C TYR A 88 -0.42 -1.73 0.38
N VAL A 89 -1.69 -1.42 0.66
CA VAL A 89 -2.62 -2.42 1.13
C VAL A 89 -2.87 -3.49 0.07
N ASP A 90 -3.01 -3.05 -1.18
CA ASP A 90 -3.24 -3.98 -2.28
C ASP A 90 -2.27 -5.15 -2.23
N LEU A 91 -1.05 -4.88 -1.77
CA LEU A 91 -0.03 -5.91 -1.66
C LEU A 91 -0.34 -6.87 -0.51
N VAL A 92 -0.25 -6.36 0.71
CA VAL A 92 -0.53 -7.17 1.89
C VAL A 92 -1.72 -8.09 1.67
N SER A 93 -2.72 -7.59 0.94
CA SER A 93 -3.91 -8.37 0.65
C SER A 93 -3.60 -9.55 -0.26
N SER A 94 -2.71 -9.32 -1.23
CA SER A 94 -2.33 -10.36 -2.17
C SER A 94 -1.66 -11.53 -1.45
N LEU A 95 -0.92 -11.22 -0.39
CA LEU A 95 -0.23 -12.24 0.40
C LEU A 95 -1.23 -13.12 1.14
N SER A 96 -2.13 -12.47 1.87
CA SER A 96 -3.13 -13.20 2.65
C SER A 96 -3.83 -14.24 1.79
N PRO A 97 -3.63 -15.53 2.13
CA PRO A 97 -4.23 -16.64 1.40
C PRO A 97 -5.73 -16.73 1.60
N SER A 98 -6.16 -16.68 2.86
CA SER A 98 -7.58 -16.76 3.19
C SER A 98 -7.87 -16.02 4.49
N LEU A 99 -8.78 -15.04 4.43
CA LEU A 99 -9.15 -14.26 5.60
C LEU A 99 -10.65 -14.35 5.86
N GLU A 100 -11.08 -13.78 6.98
CA GLU A 100 -12.50 -13.79 7.35
C GLU A 100 -13.04 -12.37 7.48
N SER A 101 -14.35 -12.26 7.65
CA SER A 101 -15.01 -10.97 7.78
C SER A 101 -14.39 -10.17 8.93
N SER A 102 -13.95 -8.94 8.63
CA SER A 102 -13.35 -8.08 9.63
C SER A 102 -14.21 -8.02 10.89
N SER A 103 -13.56 -7.78 12.02
CA SER A 103 -14.27 -7.69 13.30
C SER A 103 -13.39 -7.04 14.36
N GLN A 104 -13.90 -5.96 14.96
CA GLN A 104 -13.16 -5.23 15.99
C GLN A 104 -14.08 -4.29 16.76
N VAL A 105 -13.80 -4.11 18.05
CA VAL A 105 -14.60 -3.23 18.89
C VAL A 105 -13.89 -1.91 19.14
N GLU A 106 -14.43 -0.84 18.56
CA GLU A 106 -13.85 0.49 18.72
C GLU A 106 -14.19 1.08 20.08
N PRO A 107 -13.23 1.80 20.67
CA PRO A 107 -13.41 2.43 21.99
C PRO A 107 -14.39 3.60 21.94
N GLY A 108 -14.73 4.04 20.74
CA GLY A 108 -15.67 5.14 20.58
C GLY A 108 -15.08 6.29 19.80
N THR A 109 -15.89 6.89 18.94
CA THR A 109 -15.45 8.01 18.11
C THR A 109 -15.34 9.29 18.94
N ASP A 110 -14.37 10.12 18.62
CA ASP A 110 -14.16 11.37 19.33
C ASP A 110 -15.49 11.99 19.75
N SER A 111 -15.58 12.38 21.02
CA SER A 111 -16.81 12.98 21.54
C SER A 111 -16.48 14.17 22.43
N GLY A 112 -17.14 15.31 22.15
CA GLY A 112 -16.91 16.51 22.92
C GLY A 112 -17.38 17.76 22.20
N PRO A 113 -17.14 18.93 22.83
CA PRO A 113 -17.53 20.21 22.25
C PRO A 113 -16.71 20.59 21.02
N SER A 114 -15.40 20.37 21.11
CA SER A 114 -14.50 20.69 20.00
C SER A 114 -15.07 20.18 18.69
N SER A 115 -15.56 21.09 17.86
CA SER A 115 -16.14 20.72 16.57
C SER A 115 -15.16 21.06 15.43
N GLY A 116 -15.53 20.65 14.22
CA GLY A 116 -14.68 20.92 13.06
C GLY A 116 -14.94 22.27 12.46
N GLY A 1 -26.64 -25.05 -2.19
CA GLY A 1 -27.44 -23.92 -2.63
C GLY A 1 -26.59 -22.77 -3.14
N SER A 2 -26.67 -21.64 -2.46
CA SER A 2 -25.91 -20.46 -2.83
C SER A 2 -25.55 -19.62 -1.61
N SER A 3 -24.81 -18.53 -1.84
CA SER A 3 -24.41 -17.64 -0.76
C SER A 3 -24.95 -16.24 -0.98
N GLY A 4 -26.09 -15.94 -0.36
CA GLY A 4 -26.69 -14.63 -0.50
C GLY A 4 -27.63 -14.54 -1.69
N SER A 5 -27.34 -13.60 -2.59
CA SER A 5 -28.17 -13.41 -3.78
C SER A 5 -27.50 -12.46 -4.76
N SER A 6 -28.04 -12.38 -5.97
CA SER A 6 -27.50 -11.50 -7.00
C SER A 6 -27.84 -10.04 -6.71
N GLY A 7 -26.82 -9.18 -6.73
CA GLY A 7 -27.02 -7.77 -6.47
C GLY A 7 -26.08 -6.89 -7.27
N MET A 8 -25.15 -6.26 -6.59
CA MET A 8 -24.19 -5.37 -7.24
C MET A 8 -22.76 -5.72 -6.82
N ASN A 9 -22.56 -5.87 -5.52
CA ASN A 9 -21.24 -6.19 -4.98
C ASN A 9 -20.15 -5.37 -5.68
N ARG A 10 -20.34 -4.06 -5.70
CA ARG A 10 -19.37 -3.16 -6.34
C ARG A 10 -18.29 -2.73 -5.34
N THR A 11 -17.65 -3.71 -4.72
CA THR A 11 -16.60 -3.44 -3.76
C THR A 11 -15.61 -2.41 -4.29
N ALA A 12 -15.73 -1.18 -3.79
CA ALA A 12 -14.85 -0.09 -4.21
C ALA A 12 -13.40 -0.55 -4.25
N MET A 13 -12.74 -0.37 -5.39
CA MET A 13 -11.35 -0.76 -5.54
C MET A 13 -10.41 0.26 -4.91
N ARG A 14 -10.75 0.70 -3.70
CA ARG A 14 -9.95 1.68 -2.98
C ARG A 14 -9.96 1.41 -1.48
N ALA A 15 -8.85 1.70 -0.83
CA ALA A 15 -8.73 1.49 0.61
C ALA A 15 -8.71 2.82 1.36
N SER A 16 -8.61 2.74 2.67
CA SER A 16 -8.58 3.95 3.51
C SER A 16 -7.42 3.89 4.51
N GLN A 17 -7.36 4.89 5.38
CA GLN A 17 -6.30 4.96 6.38
C GLN A 17 -6.39 3.78 7.35
N LYS A 18 -7.50 3.71 8.09
CA LYS A 18 -7.70 2.63 9.05
C LYS A 18 -7.34 1.29 8.44
N ASP A 19 -7.49 1.17 7.12
CA ASP A 19 -7.18 -0.07 6.42
C ASP A 19 -5.67 -0.25 6.29
N PHE A 20 -4.95 0.86 6.12
CA PHE A 20 -3.51 0.82 5.99
C PHE A 20 -2.85 0.36 7.29
N GLU A 21 -3.22 1.01 8.39
CA GLU A 21 -2.67 0.67 9.70
C GLU A 21 -2.80 -0.83 9.97
N ASN A 22 -3.78 -1.45 9.33
CA ASN A 22 -4.00 -2.88 9.51
C ASN A 22 -3.13 -3.70 8.56
N SER A 23 -3.00 -3.23 7.33
CA SER A 23 -2.20 -3.90 6.32
C SER A 23 -0.74 -3.95 6.74
N MET A 24 -0.19 -2.79 7.11
CA MET A 24 1.19 -2.71 7.53
C MET A 24 1.47 -3.66 8.69
N ASN A 25 0.49 -3.82 9.57
CA ASN A 25 0.63 -4.71 10.72
C ASN A 25 0.82 -6.15 10.28
N GLN A 26 -0.05 -6.61 9.38
CA GLN A 26 0.03 -7.98 8.87
C GLN A 26 1.43 -8.29 8.36
N VAL A 27 2.04 -7.33 7.69
CA VAL A 27 3.38 -7.50 7.14
C VAL A 27 4.39 -7.76 8.26
N LYS A 28 4.08 -7.28 9.45
CA LYS A 28 4.96 -7.46 10.60
C LYS A 28 4.62 -8.74 11.36
N LEU A 29 3.41 -9.25 11.13
CA LEU A 29 2.96 -10.47 11.78
C LEU A 29 3.69 -11.69 11.22
N LEU A 30 3.83 -11.73 9.90
CA LEU A 30 4.51 -12.84 9.24
C LEU A 30 5.95 -12.94 9.70
N LYS A 31 6.40 -14.17 9.94
CA LYS A 31 7.77 -14.41 10.39
C LYS A 31 8.58 -15.09 9.30
N LYS A 32 7.99 -15.20 8.11
CA LYS A 32 8.67 -15.83 6.98
C LYS A 32 9.59 -14.84 6.28
N ASP A 33 10.25 -15.30 5.22
CA ASP A 33 11.16 -14.45 4.46
C ASP A 33 10.84 -14.50 2.96
N PRO A 34 9.95 -13.60 2.52
CA PRO A 34 9.53 -13.53 1.12
C PRO A 34 10.66 -13.02 0.21
N GLY A 35 11.49 -12.14 0.75
CA GLY A 35 12.59 -11.60 -0.02
C GLY A 35 12.70 -10.09 0.11
N ASN A 36 13.90 -9.56 -0.11
CA ASN A 36 14.14 -8.13 0.00
C ASN A 36 13.39 -7.38 -1.11
N GLU A 37 12.99 -8.11 -2.14
CA GLU A 37 12.27 -7.51 -3.26
C GLU A 37 10.95 -6.92 -2.80
N VAL A 38 10.29 -7.60 -1.87
CA VAL A 38 9.02 -7.13 -1.33
C VAL A 38 9.22 -6.16 -0.18
N LYS A 39 10.18 -6.48 0.69
CA LYS A 39 10.47 -5.63 1.84
C LYS A 39 10.65 -4.18 1.41
N LEU A 40 10.96 -3.97 0.14
CA LEU A 40 11.16 -2.64 -0.40
C LEU A 40 9.85 -2.04 -0.88
N LYS A 41 9.12 -2.81 -1.68
CA LYS A 41 7.84 -2.37 -2.23
C LYS A 41 6.92 -1.87 -1.11
N LEU A 42 7.01 -2.53 0.05
CA LEU A 42 6.18 -2.15 1.20
C LEU A 42 6.64 -0.83 1.79
N TYR A 43 7.93 -0.54 1.65
CA TYR A 43 8.50 0.70 2.17
C TYR A 43 8.31 1.84 1.19
N ALA A 44 8.34 1.51 -0.10
CA ALA A 44 8.17 2.52 -1.15
C ALA A 44 6.85 3.25 -1.00
N LEU A 45 5.79 2.49 -0.78
CA LEU A 45 4.45 3.07 -0.62
C LEU A 45 4.34 3.80 0.72
N TYR A 46 4.82 3.17 1.78
CA TYR A 46 4.77 3.76 3.11
C TYR A 46 5.24 5.22 3.08
N LYS A 47 6.43 5.43 2.55
CA LYS A 47 6.99 6.78 2.47
C LYS A 47 6.23 7.62 1.45
N GLN A 48 5.44 6.96 0.61
CA GLN A 48 4.65 7.64 -0.41
C GLN A 48 3.29 8.05 0.15
N ALA A 49 2.81 7.31 1.14
CA ALA A 49 1.52 7.60 1.76
C ALA A 49 1.70 8.32 3.09
N THR A 50 2.94 8.72 3.38
CA THR A 50 3.23 9.42 4.62
C THR A 50 4.02 10.70 4.34
N GLU A 51 4.99 10.61 3.43
CA GLU A 51 5.83 11.76 3.08
C GLU A 51 5.47 12.29 1.70
N GLY A 52 5.22 11.36 0.76
CA GLY A 52 4.87 11.76 -0.59
C GLY A 52 5.86 11.24 -1.61
N PRO A 53 6.06 12.01 -2.69
CA PRO A 53 6.98 11.64 -3.77
C PRO A 53 8.44 11.70 -3.33
N CYS A 54 9.23 10.74 -3.77
CA CYS A 54 10.65 10.68 -3.43
C CYS A 54 11.30 12.05 -3.60
N ASN A 55 11.57 12.71 -2.47
CA ASN A 55 12.19 14.04 -2.49
C ASN A 55 13.52 14.02 -1.74
N MET A 56 14.01 12.82 -1.43
CA MET A 56 15.27 12.67 -0.72
C MET A 56 16.44 12.60 -1.68
N PRO A 57 17.63 12.98 -1.20
CA PRO A 57 18.86 12.96 -2.02
C PRO A 57 19.32 11.54 -2.33
N LYS A 58 19.68 11.31 -3.59
CA LYS A 58 20.15 10.00 -4.02
C LYS A 58 21.36 9.56 -3.20
N PRO A 59 21.26 8.37 -2.60
CA PRO A 59 22.34 7.80 -1.78
C PRO A 59 23.55 7.38 -2.62
N GLY A 60 24.66 7.10 -1.95
CA GLY A 60 25.86 6.69 -2.66
C GLY A 60 25.83 5.22 -3.05
N VAL A 61 26.69 4.84 -3.98
CA VAL A 61 26.77 3.47 -4.44
C VAL A 61 27.16 2.52 -3.30
N PHE A 62 28.08 2.98 -2.46
CA PHE A 62 28.54 2.19 -1.33
C PHE A 62 27.39 1.88 -0.37
N ASP A 63 26.37 2.72 -0.39
CA ASP A 63 25.21 2.55 0.47
C ASP A 63 24.13 1.73 -0.23
N LEU A 64 24.41 0.44 -0.42
CA LEU A 64 23.46 -0.45 -1.08
C LEU A 64 22.11 -0.44 -0.35
N ILE A 65 22.15 -0.46 0.97
CA ILE A 65 20.94 -0.44 1.78
C ILE A 65 19.99 0.67 1.32
N ASN A 66 20.42 1.91 1.49
CA ASN A 66 19.62 3.06 1.10
C ASN A 66 19.31 3.02 -0.39
N LYS A 67 20.36 2.87 -1.20
CA LYS A 67 20.21 2.82 -2.65
C LYS A 67 19.07 1.89 -3.05
N ALA A 68 18.92 0.80 -2.30
CA ALA A 68 17.87 -0.17 -2.57
C ALA A 68 16.48 0.44 -2.39
N LYS A 69 16.33 1.20 -1.30
CA LYS A 69 15.05 1.85 -1.00
C LYS A 69 14.81 3.03 -1.95
N TRP A 70 15.81 3.90 -2.08
CA TRP A 70 15.70 5.06 -2.95
C TRP A 70 15.02 4.69 -4.26
N ASP A 71 15.48 3.61 -4.88
CA ASP A 71 14.91 3.15 -6.14
C ASP A 71 13.48 2.65 -5.96
N ALA A 72 13.18 2.17 -4.74
CA ALA A 72 11.85 1.67 -4.43
C ALA A 72 10.86 2.81 -4.25
N TRP A 73 11.23 3.80 -3.45
CA TRP A 73 10.38 4.95 -3.19
C TRP A 73 10.35 5.89 -4.38
N ASN A 74 11.46 5.92 -5.12
CA ASN A 74 11.58 6.78 -6.30
C ASN A 74 10.68 6.29 -7.42
N ALA A 75 10.75 4.99 -7.69
CA ALA A 75 9.93 4.39 -8.74
C ALA A 75 8.52 4.95 -8.73
N LEU A 76 8.03 5.30 -7.54
CA LEU A 76 6.69 5.84 -7.39
C LEU A 76 6.53 7.14 -8.17
N GLY A 77 7.44 8.08 -7.93
CA GLY A 77 7.39 9.36 -8.63
C GLY A 77 6.39 10.32 -8.00
N SER A 78 5.52 10.88 -8.83
CA SER A 78 4.52 11.82 -8.35
C SER A 78 3.27 11.10 -7.87
N LEU A 79 3.43 9.81 -7.55
CA LEU A 79 2.31 9.00 -7.08
C LEU A 79 1.65 9.64 -5.86
N PRO A 80 0.35 9.90 -5.97
CA PRO A 80 -0.44 10.51 -4.89
C PRO A 80 -0.63 9.57 -3.71
N LYS A 81 -0.79 10.14 -2.52
CA LYS A 81 -0.98 9.35 -1.31
C LYS A 81 -2.20 8.44 -1.45
N GLU A 82 -3.31 9.01 -1.89
CA GLU A 82 -4.54 8.25 -2.06
C GLU A 82 -4.27 6.92 -2.76
N ALA A 83 -3.41 6.96 -3.78
CA ALA A 83 -3.07 5.76 -4.53
C ALA A 83 -1.97 4.97 -3.82
N ALA A 84 -1.01 5.69 -3.24
CA ALA A 84 0.10 5.06 -2.54
C ALA A 84 -0.41 4.09 -1.47
N ARG A 85 -1.38 4.53 -0.69
CA ARG A 85 -1.96 3.71 0.36
C ARG A 85 -2.61 2.46 -0.22
N GLN A 86 -3.24 2.62 -1.38
CA GLN A 86 -3.90 1.50 -2.05
C GLN A 86 -2.89 0.46 -2.51
N ASN A 87 -1.74 0.93 -2.99
CA ASN A 87 -0.69 0.04 -3.48
C ASN A 87 -0.11 -0.79 -2.33
N TYR A 88 -0.01 -0.16 -1.15
CA TYR A 88 0.52 -0.84 0.02
C TYR A 88 -0.40 -1.96 0.48
N VAL A 89 -1.63 -1.61 0.81
CA VAL A 89 -2.63 -2.58 1.27
C VAL A 89 -2.86 -3.65 0.22
N ASP A 90 -3.00 -3.22 -1.04
CA ASP A 90 -3.23 -4.16 -2.14
C ASP A 90 -2.22 -5.30 -2.10
N LEU A 91 -1.02 -5.01 -1.64
CA LEU A 91 0.04 -6.02 -1.55
C LEU A 91 -0.20 -6.94 -0.36
N VAL A 92 -0.20 -6.37 0.85
CA VAL A 92 -0.42 -7.14 2.06
C VAL A 92 -1.55 -8.15 1.88
N SER A 93 -2.57 -7.75 1.13
CA SER A 93 -3.72 -8.61 0.89
C SER A 93 -3.35 -9.76 -0.03
N SER A 94 -2.43 -9.50 -0.96
CA SER A 94 -1.99 -10.51 -1.91
C SER A 94 -1.35 -11.70 -1.19
N LEU A 95 -0.57 -11.39 -0.16
CA LEU A 95 0.10 -12.42 0.63
C LEU A 95 -0.90 -13.30 1.37
N SER A 96 -1.90 -12.65 1.98
CA SER A 96 -2.93 -13.36 2.72
C SER A 96 -3.94 -13.99 1.77
N PRO A 97 -4.35 -15.23 2.08
CA PRO A 97 -5.32 -15.97 1.27
C PRO A 97 -6.72 -15.38 1.36
N SER A 98 -7.14 -15.07 2.59
CA SER A 98 -8.48 -14.51 2.81
C SER A 98 -8.59 -13.97 4.24
N LEU A 99 -9.07 -12.73 4.35
CA LEU A 99 -9.24 -12.09 5.66
C LEU A 99 -10.69 -12.10 6.09
N GLU A 100 -10.98 -12.83 7.16
CA GLU A 100 -12.35 -12.91 7.67
C GLU A 100 -12.41 -12.49 9.14
N SER A 101 -11.67 -11.45 9.47
CA SER A 101 -11.63 -10.94 10.84
C SER A 101 -11.33 -9.45 10.87
N SER A 102 -12.15 -8.70 11.60
CA SER A 102 -11.99 -7.26 11.71
C SER A 102 -10.56 -6.91 12.15
N SER A 103 -10.03 -7.68 13.09
CA SER A 103 -8.69 -7.45 13.60
C SER A 103 -8.53 -6.01 14.08
N GLN A 104 -9.46 -5.56 14.91
CA GLN A 104 -9.42 -4.19 15.43
C GLN A 104 -10.42 -4.02 16.57
N VAL A 105 -10.05 -3.20 17.56
CA VAL A 105 -10.92 -2.95 18.71
C VAL A 105 -10.40 -1.78 19.54
N GLU A 106 -11.30 -0.88 19.90
CA GLU A 106 -10.92 0.29 20.70
C GLU A 106 -11.75 0.35 21.97
N PRO A 107 -11.10 0.77 23.07
CA PRO A 107 -11.76 0.89 24.38
C PRO A 107 -12.77 2.03 24.43
N GLY A 108 -14.04 1.69 24.23
CA GLY A 108 -15.10 2.70 24.25
C GLY A 108 -16.17 2.43 23.22
N THR A 109 -16.24 3.30 22.21
CA THR A 109 -17.24 3.15 21.16
C THR A 109 -16.85 2.07 20.16
N ASP A 110 -17.84 1.37 19.62
CA ASP A 110 -17.60 0.31 18.66
C ASP A 110 -17.81 0.79 17.24
N SER A 111 -16.72 0.91 16.49
CA SER A 111 -16.78 1.38 15.10
C SER A 111 -17.84 0.60 14.32
N GLY A 112 -17.75 -0.72 14.38
CA GLY A 112 -18.70 -1.56 13.66
C GLY A 112 -18.02 -2.53 12.71
N PRO A 113 -18.78 -3.51 12.23
CA PRO A 113 -18.27 -4.52 11.29
C PRO A 113 -17.97 -3.94 9.91
N SER A 114 -18.74 -2.93 9.52
CA SER A 114 -18.57 -2.29 8.23
C SER A 114 -17.24 -1.54 8.17
N SER A 115 -16.53 -1.69 7.07
CA SER A 115 -15.23 -1.03 6.88
C SER A 115 -15.43 0.45 6.61
N GLY A 116 -16.13 0.77 5.52
CA GLY A 116 -16.37 2.15 5.15
C GLY A 116 -16.96 2.30 3.77
N GLY A 1 -12.73 -3.97 -34.02
CA GLY A 1 -12.32 -4.29 -32.67
C GLY A 1 -12.67 -5.73 -32.28
N SER A 2 -13.56 -5.88 -31.32
CA SER A 2 -13.97 -7.20 -30.86
C SER A 2 -12.76 -8.06 -30.50
N SER A 3 -11.80 -7.44 -29.81
CA SER A 3 -10.58 -8.13 -29.41
C SER A 3 -10.31 -7.95 -27.92
N GLY A 4 -10.37 -9.04 -27.17
CA GLY A 4 -10.13 -8.97 -25.74
C GLY A 4 -11.34 -8.47 -24.97
N SER A 5 -11.89 -9.31 -24.11
CA SER A 5 -13.06 -8.95 -23.32
C SER A 5 -12.79 -7.67 -22.52
N SER A 6 -13.61 -6.66 -22.74
CA SER A 6 -13.47 -5.39 -22.04
C SER A 6 -14.69 -5.10 -21.17
N GLY A 7 -14.45 -4.88 -19.88
CA GLY A 7 -15.54 -4.61 -18.96
C GLY A 7 -15.17 -4.92 -17.52
N MET A 8 -15.61 -4.07 -16.60
CA MET A 8 -15.33 -4.26 -15.18
C MET A 8 -16.27 -5.30 -14.58
N ASN A 9 -15.70 -6.29 -13.91
CA ASN A 9 -16.48 -7.35 -13.28
C ASN A 9 -16.73 -7.05 -11.81
N ARG A 10 -15.71 -6.51 -11.15
CA ARG A 10 -15.82 -6.17 -9.73
C ARG A 10 -15.85 -4.66 -9.54
N THR A 11 -16.92 -4.18 -8.90
CA THR A 11 -17.07 -2.75 -8.65
C THR A 11 -15.83 -2.16 -8.01
N ALA A 12 -15.43 -0.99 -8.47
CA ALA A 12 -14.24 -0.31 -7.94
C ALA A 12 -14.15 -0.48 -6.42
N MET A 13 -12.94 -0.45 -5.90
CA MET A 13 -12.72 -0.60 -4.46
C MET A 13 -11.49 0.19 -4.02
N ARG A 14 -11.55 0.72 -2.80
CA ARG A 14 -10.44 1.50 -2.26
C ARG A 14 -10.24 1.21 -0.77
N ALA A 15 -9.10 1.59 -0.25
CA ALA A 15 -8.78 1.38 1.16
C ALA A 15 -8.71 2.70 1.91
N SER A 16 -8.85 2.63 3.24
CA SER A 16 -8.80 3.81 4.08
C SER A 16 -7.60 3.76 5.02
N GLN A 17 -7.42 4.84 5.79
CA GLN A 17 -6.31 4.91 6.73
C GLN A 17 -6.22 3.64 7.57
N LYS A 18 -7.22 3.42 8.41
CA LYS A 18 -7.25 2.25 9.27
C LYS A 18 -6.80 1.00 8.50
N ASP A 19 -7.29 0.86 7.29
CA ASP A 19 -6.94 -0.28 6.44
C ASP A 19 -5.44 -0.33 6.19
N PHE A 20 -4.84 0.84 6.03
CA PHE A 20 -3.40 0.93 5.79
C PHE A 20 -2.60 0.41 6.98
N GLU A 21 -2.81 1.04 8.14
CA GLU A 21 -2.12 0.63 9.35
C GLU A 21 -2.32 -0.85 9.63
N ASN A 22 -3.44 -1.39 9.16
CA ASN A 22 -3.77 -2.80 9.37
C ASN A 22 -2.87 -3.68 8.50
N SER A 23 -2.82 -3.38 7.21
CA SER A 23 -2.01 -4.15 6.27
C SER A 23 -0.55 -4.19 6.72
N MET A 24 0.04 -3.01 6.86
CA MET A 24 1.43 -2.91 7.29
C MET A 24 1.70 -3.76 8.53
N ASN A 25 0.70 -3.81 9.42
CA ASN A 25 0.82 -4.57 10.65
C ASN A 25 0.99 -6.06 10.35
N GLN A 26 0.12 -6.57 9.47
CA GLN A 26 0.17 -7.99 9.10
C GLN A 26 1.56 -8.38 8.63
N VAL A 27 2.19 -7.52 7.85
CA VAL A 27 3.54 -7.77 7.33
C VAL A 27 4.49 -8.13 8.46
N LYS A 28 4.20 -7.64 9.66
CA LYS A 28 5.03 -7.90 10.83
C LYS A 28 4.55 -9.15 11.56
N LEU A 29 3.25 -9.42 11.45
CA LEU A 29 2.67 -10.59 12.12
C LEU A 29 3.24 -11.89 11.56
N LEU A 30 3.48 -11.91 10.25
CA LEU A 30 4.05 -13.08 9.60
C LEU A 30 5.53 -13.24 9.94
N LYS A 31 5.86 -14.37 10.59
CA LYS A 31 7.24 -14.64 10.96
C LYS A 31 8.05 -15.15 9.77
N LYS A 32 7.36 -15.38 8.65
CA LYS A 32 8.00 -15.86 7.44
C LYS A 32 8.87 -14.77 6.82
N ASP A 33 9.82 -15.18 5.98
CA ASP A 33 10.71 -14.24 5.31
C ASP A 33 10.59 -14.34 3.80
N PRO A 34 9.81 -13.42 3.21
CA PRO A 34 9.58 -13.39 1.76
C PRO A 34 10.83 -12.97 0.99
N GLY A 35 11.48 -11.93 1.47
CA GLY A 35 12.68 -11.43 0.82
C GLY A 35 12.78 -9.92 0.82
N ASN A 36 14.00 -9.40 0.87
CA ASN A 36 14.21 -7.96 0.88
C ASN A 36 13.50 -7.29 -0.30
N GLU A 37 13.12 -8.09 -1.28
CA GLU A 37 12.43 -7.58 -2.46
C GLU A 37 11.11 -6.91 -2.07
N VAL A 38 10.30 -7.64 -1.29
CA VAL A 38 9.01 -7.12 -0.85
C VAL A 38 9.17 -6.13 0.30
N LYS A 39 10.07 -6.46 1.22
CA LYS A 39 10.32 -5.61 2.38
C LYS A 39 10.59 -4.17 1.94
N LEU A 40 10.92 -4.00 0.66
CA LEU A 40 11.20 -2.67 0.12
C LEU A 40 9.94 -2.07 -0.52
N LYS A 41 9.24 -2.89 -1.29
CA LYS A 41 8.02 -2.46 -1.97
C LYS A 41 7.01 -1.93 -0.95
N LEU A 42 7.04 -2.48 0.26
CA LEU A 42 6.12 -2.06 1.32
C LEU A 42 6.52 -0.70 1.88
N TYR A 43 7.82 -0.43 1.91
CA TYR A 43 8.32 0.83 2.43
C TYR A 43 8.15 1.94 1.40
N ALA A 44 8.24 1.59 0.13
CA ALA A 44 8.09 2.55 -0.96
C ALA A 44 6.77 3.29 -0.84
N LEU A 45 5.69 2.55 -0.63
CA LEU A 45 4.36 3.13 -0.51
C LEU A 45 4.22 3.91 0.80
N TYR A 46 4.64 3.28 1.90
CA TYR A 46 4.57 3.91 3.21
C TYR A 46 5.01 5.36 3.14
N LYS A 47 6.23 5.59 2.68
CA LYS A 47 6.78 6.93 2.56
C LYS A 47 6.02 7.73 1.49
N GLN A 48 5.34 7.02 0.60
CA GLN A 48 4.58 7.67 -0.47
C GLN A 48 3.21 8.12 0.04
N ALA A 49 2.70 7.41 1.04
CA ALA A 49 1.40 7.74 1.62
C ALA A 49 1.55 8.55 2.90
N THR A 50 2.78 9.00 3.17
CA THR A 50 3.06 9.78 4.37
C THR A 50 3.88 11.02 4.03
N GLU A 51 4.78 10.88 3.06
CA GLU A 51 5.64 11.98 2.65
C GLU A 51 5.32 12.41 1.22
N GLY A 52 4.97 11.45 0.38
CA GLY A 52 4.66 11.73 -1.00
C GLY A 52 5.71 11.21 -1.96
N PRO A 53 5.98 11.98 -3.02
CA PRO A 53 6.97 11.61 -4.04
C PRO A 53 8.40 11.66 -3.51
N CYS A 54 9.22 10.71 -3.93
CA CYS A 54 10.60 10.64 -3.50
C CYS A 54 11.29 12.00 -3.68
N ASN A 55 11.51 12.70 -2.58
CA ASN A 55 12.15 14.01 -2.61
C ASN A 55 13.48 13.98 -1.88
N MET A 56 13.98 12.78 -1.61
CA MET A 56 15.24 12.61 -0.90
C MET A 56 16.40 12.51 -1.89
N PRO A 57 17.61 12.85 -1.43
CA PRO A 57 18.82 12.79 -2.25
C PRO A 57 19.24 11.36 -2.58
N LYS A 58 19.56 11.12 -3.85
CA LYS A 58 19.98 9.80 -4.29
C LYS A 58 21.27 9.38 -3.60
N PRO A 59 21.23 8.22 -2.91
CA PRO A 59 22.40 7.69 -2.20
C PRO A 59 23.48 7.19 -3.15
N GLY A 60 24.66 6.93 -2.60
CA GLY A 60 25.77 6.46 -3.41
C GLY A 60 25.74 4.96 -3.62
N VAL A 61 26.29 4.50 -4.74
CA VAL A 61 26.33 3.08 -5.05
C VAL A 61 26.81 2.27 -3.86
N PHE A 62 27.88 2.74 -3.23
CA PHE A 62 28.45 2.06 -2.07
C PHE A 62 27.36 1.73 -1.05
N ASP A 63 26.36 2.60 -0.97
CA ASP A 63 25.25 2.40 -0.03
C ASP A 63 24.12 1.60 -0.67
N LEU A 64 24.32 0.29 -0.77
CA LEU A 64 23.32 -0.59 -1.37
C LEU A 64 22.02 -0.58 -0.55
N ILE A 65 22.17 -0.51 0.77
CA ILE A 65 21.02 -0.48 1.67
C ILE A 65 20.09 0.69 1.34
N ASN A 66 20.63 1.89 1.39
CA ASN A 66 19.85 3.09 1.10
C ASN A 66 19.40 3.10 -0.36
N LYS A 67 20.31 2.77 -1.26
CA LYS A 67 20.01 2.74 -2.69
C LYS A 67 18.83 1.82 -2.97
N ALA A 68 18.74 0.71 -2.25
CA ALA A 68 17.66 -0.24 -2.42
C ALA A 68 16.31 0.42 -2.17
N LYS A 69 16.22 1.18 -1.08
CA LYS A 69 14.99 1.87 -0.73
C LYS A 69 14.71 3.03 -1.68
N TRP A 70 15.74 3.84 -1.92
CA TRP A 70 15.60 4.98 -2.82
C TRP A 70 14.99 4.56 -4.15
N ASP A 71 15.35 3.38 -4.62
CA ASP A 71 14.83 2.85 -5.88
C ASP A 71 13.41 2.33 -5.71
N ALA A 72 13.04 2.01 -4.47
CA ALA A 72 11.71 1.50 -4.17
C ALA A 72 10.71 2.64 -4.01
N TRP A 73 11.14 3.70 -3.33
CA TRP A 73 10.28 4.87 -3.10
C TRP A 73 10.27 5.79 -4.32
N ASN A 74 11.38 5.81 -5.06
CA ASN A 74 11.50 6.64 -6.24
C ASN A 74 10.63 6.10 -7.37
N ALA A 75 10.65 4.78 -7.55
CA ALA A 75 9.86 4.14 -8.59
C ALA A 75 8.43 4.65 -8.60
N LEU A 76 7.94 5.05 -7.42
CA LEU A 76 6.58 5.56 -7.29
C LEU A 76 6.39 6.82 -8.13
N GLY A 77 7.32 7.76 -8.00
CA GLY A 77 7.22 9.00 -8.75
C GLY A 77 6.29 10.00 -8.12
N SER A 78 5.45 10.63 -8.93
CA SER A 78 4.50 11.62 -8.44
C SER A 78 3.24 10.95 -7.90
N LEU A 79 3.43 9.81 -7.24
CA LEU A 79 2.30 9.07 -6.67
C LEU A 79 1.74 9.79 -5.44
N PRO A 80 0.45 10.14 -5.51
CA PRO A 80 -0.23 10.83 -4.41
C PRO A 80 -0.44 9.94 -3.19
N LYS A 81 -0.73 10.56 -2.06
CA LYS A 81 -0.95 9.82 -0.81
C LYS A 81 -2.16 8.90 -0.94
N GLU A 82 -3.24 9.42 -1.51
CA GLU A 82 -4.45 8.63 -1.68
C GLU A 82 -4.15 7.26 -2.27
N ALA A 83 -3.50 7.26 -3.44
CA ALA A 83 -3.14 6.02 -4.11
C ALA A 83 -2.08 5.26 -3.32
N ALA A 84 -1.06 5.98 -2.86
CA ALA A 84 0.02 5.38 -2.09
C ALA A 84 -0.52 4.51 -0.96
N ARG A 85 -1.67 4.92 -0.41
CA ARG A 85 -2.29 4.19 0.68
C ARG A 85 -2.91 2.87 0.18
N GLN A 86 -3.54 2.93 -0.98
CA GLN A 86 -4.16 1.74 -1.57
C GLN A 86 -3.10 0.77 -2.08
N ASN A 87 -2.12 1.30 -2.80
CA ASN A 87 -1.05 0.48 -3.35
C ASN A 87 -0.45 -0.42 -2.27
N TYR A 88 -0.17 0.17 -1.12
CA TYR A 88 0.41 -0.58 0.00
C TYR A 88 -0.48 -1.75 0.40
N VAL A 89 -1.64 -1.44 0.96
CA VAL A 89 -2.59 -2.47 1.38
C VAL A 89 -2.80 -3.50 0.28
N ASP A 90 -2.95 -3.02 -0.95
CA ASP A 90 -3.16 -3.90 -2.10
C ASP A 90 -2.10 -4.99 -2.16
N LEU A 91 -0.88 -4.64 -1.79
CA LEU A 91 0.23 -5.59 -1.79
C LEU A 91 0.03 -6.65 -0.72
N VAL A 92 0.05 -6.22 0.54
CA VAL A 92 -0.12 -7.13 1.66
C VAL A 92 -1.24 -8.14 1.39
N SER A 93 -2.29 -7.67 0.73
CA SER A 93 -3.42 -8.53 0.40
C SER A 93 -3.05 -9.55 -0.66
N SER A 94 -2.18 -9.15 -1.58
CA SER A 94 -1.73 -10.04 -2.65
C SER A 94 -0.97 -11.23 -2.09
N LEU A 95 -0.13 -10.98 -1.10
CA LEU A 95 0.67 -12.02 -0.47
C LEU A 95 -0.23 -13.08 0.17
N SER A 96 -1.26 -12.62 0.87
CA SER A 96 -2.20 -13.51 1.54
C SER A 96 -3.07 -14.24 0.52
N PRO A 97 -3.37 -15.52 0.81
CA PRO A 97 -4.19 -16.34 -0.07
C PRO A 97 -5.66 -15.91 -0.06
N SER A 98 -6.22 -15.77 1.12
CA SER A 98 -7.62 -15.36 1.26
C SER A 98 -7.96 -15.08 2.73
N LEU A 99 -8.38 -13.85 3.00
CA LEU A 99 -8.75 -13.46 4.36
C LEU A 99 -10.23 -13.13 4.45
N GLU A 100 -10.71 -12.92 5.67
CA GLU A 100 -12.12 -12.59 5.90
C GLU A 100 -12.28 -11.16 6.39
N SER A 101 -13.26 -10.46 5.85
CA SER A 101 -13.52 -9.08 6.23
C SER A 101 -14.80 -8.56 5.58
N SER A 102 -15.50 -7.69 6.29
CA SER A 102 -16.75 -7.12 5.77
C SER A 102 -16.52 -5.72 5.23
N SER A 103 -16.73 -5.55 3.93
CA SER A 103 -16.54 -4.26 3.28
C SER A 103 -17.68 -3.31 3.64
N GLN A 104 -17.40 -2.00 3.55
CA GLN A 104 -18.40 -0.99 3.86
C GLN A 104 -18.25 0.22 2.95
N VAL A 105 -19.38 0.72 2.46
CA VAL A 105 -19.38 1.88 1.56
C VAL A 105 -18.43 2.96 2.07
N GLU A 106 -18.00 3.83 1.17
CA GLU A 106 -17.09 4.92 1.52
C GLU A 106 -17.51 6.22 0.84
N PRO A 107 -18.00 7.17 1.63
CA PRO A 107 -18.44 8.48 1.13
C PRO A 107 -17.28 9.34 0.67
N GLY A 108 -16.07 8.80 0.77
CA GLY A 108 -14.89 9.53 0.36
C GLY A 108 -15.06 10.20 -0.99
N THR A 109 -14.11 11.05 -1.37
CA THR A 109 -14.17 11.75 -2.64
C THR A 109 -13.49 10.94 -3.74
N ASP A 110 -14.10 10.93 -4.93
CA ASP A 110 -13.55 10.20 -6.06
C ASP A 110 -12.61 11.08 -6.88
N SER A 111 -11.32 10.93 -6.65
CA SER A 111 -10.32 11.72 -7.36
C SER A 111 -9.62 10.87 -8.43
N GLY A 112 -9.82 11.26 -9.69
CA GLY A 112 -9.20 10.53 -10.78
C GLY A 112 -9.63 11.06 -12.14
N PRO A 113 -10.94 10.95 -12.44
CA PRO A 113 -11.49 11.41 -13.70
C PRO A 113 -11.50 12.93 -13.82
N SER A 114 -11.05 13.44 -14.96
CA SER A 114 -10.99 14.88 -15.20
C SER A 114 -12.37 15.51 -15.00
N SER A 115 -12.43 16.83 -15.17
CA SER A 115 -13.69 17.56 -15.01
C SER A 115 -14.47 17.59 -16.31
N GLY A 116 -14.72 16.41 -16.88
CA GLY A 116 -15.46 16.32 -18.12
C GLY A 116 -16.14 14.99 -18.31
N GLY A 1 -22.37 -22.17 -11.78
CA GLY A 1 -21.67 -22.45 -10.55
C GLY A 1 -20.51 -21.50 -10.32
N SER A 2 -19.49 -21.61 -11.16
CA SER A 2 -18.31 -20.76 -11.04
C SER A 2 -18.41 -19.55 -11.97
N SER A 3 -18.79 -19.80 -13.22
CA SER A 3 -18.93 -18.75 -14.20
C SER A 3 -20.37 -18.63 -14.69
N GLY A 4 -21.03 -17.55 -14.30
CA GLY A 4 -22.42 -17.35 -14.71
C GLY A 4 -23.19 -16.51 -13.71
N SER A 5 -23.79 -17.16 -12.72
CA SER A 5 -24.58 -16.47 -11.71
C SER A 5 -23.71 -15.47 -10.96
N SER A 6 -22.51 -15.89 -10.57
CA SER A 6 -21.60 -15.03 -9.83
C SER A 6 -20.24 -14.98 -10.52
N GLY A 7 -19.92 -13.83 -11.10
CA GLY A 7 -18.64 -13.68 -11.79
C GLY A 7 -18.45 -12.28 -12.34
N MET A 8 -17.90 -11.39 -11.52
CA MET A 8 -17.67 -10.01 -11.94
C MET A 8 -16.43 -9.45 -11.26
N ASN A 9 -15.69 -8.60 -11.98
CA ASN A 9 -14.49 -7.98 -11.43
C ASN A 9 -14.77 -6.56 -10.95
N ARG A 10 -14.09 -6.17 -9.88
CA ARG A 10 -14.27 -4.83 -9.31
C ARG A 10 -13.66 -3.77 -10.23
N THR A 11 -14.54 -3.00 -10.89
CA THR A 11 -14.09 -1.96 -11.80
C THR A 11 -13.07 -1.05 -11.12
N ALA A 12 -13.26 -0.79 -9.83
CA ALA A 12 -12.36 0.06 -9.07
C ALA A 12 -12.46 -0.21 -7.58
N MET A 13 -11.33 -0.15 -6.89
CA MET A 13 -11.29 -0.39 -5.46
C MET A 13 -10.46 0.67 -4.74
N ARG A 14 -10.80 0.93 -3.49
CA ARG A 14 -10.08 1.93 -2.70
C ARG A 14 -9.98 1.49 -1.24
N ALA A 15 -8.96 1.99 -0.55
CA ALA A 15 -8.75 1.64 0.86
C ALA A 15 -8.67 2.91 1.72
N SER A 16 -9.07 2.77 2.97
CA SER A 16 -9.05 3.90 3.91
C SER A 16 -7.92 3.75 4.91
N GLN A 17 -7.49 4.88 5.49
CA GLN A 17 -6.41 4.87 6.46
C GLN A 17 -6.53 3.67 7.41
N LYS A 18 -7.72 3.47 7.95
CA LYS A 18 -7.97 2.36 8.86
C LYS A 18 -7.55 1.03 8.23
N ASP A 19 -7.96 0.83 6.98
CA ASP A 19 -7.63 -0.40 6.26
C ASP A 19 -6.12 -0.55 6.14
N PHE A 20 -5.41 0.56 6.03
CA PHE A 20 -3.97 0.56 5.90
C PHE A 20 -3.31 0.01 7.17
N GLU A 21 -3.56 0.67 8.29
CA GLU A 21 -2.99 0.25 9.57
C GLU A 21 -3.10 -1.26 9.74
N ASN A 22 -4.16 -1.85 9.20
CA ASN A 22 -4.38 -3.28 9.30
C ASN A 22 -3.43 -4.03 8.35
N SER A 23 -3.35 -3.57 7.12
CA SER A 23 -2.49 -4.20 6.12
C SER A 23 -1.03 -4.16 6.56
N MET A 24 -0.54 -2.96 6.87
CA MET A 24 0.84 -2.79 7.30
C MET A 24 1.16 -3.74 8.44
N ASN A 25 0.20 -3.97 9.32
CA ASN A 25 0.39 -4.87 10.45
C ASN A 25 0.67 -6.30 9.99
N GLN A 26 -0.15 -6.78 9.06
CA GLN A 26 0.02 -8.13 8.53
C GLN A 26 1.44 -8.35 8.04
N VAL A 27 1.97 -7.38 7.29
CA VAL A 27 3.32 -7.47 6.76
C VAL A 27 4.34 -7.61 7.88
N LYS A 28 3.98 -7.14 9.07
CA LYS A 28 4.87 -7.22 10.23
C LYS A 28 4.70 -8.55 10.95
N LEU A 29 3.56 -9.19 10.74
CA LEU A 29 3.28 -10.48 11.37
C LEU A 29 4.15 -11.58 10.78
N LEU A 30 4.18 -11.65 9.45
CA LEU A 30 4.98 -12.65 8.74
C LEU A 30 6.42 -12.64 9.25
N LYS A 31 6.83 -13.75 9.87
CA LYS A 31 8.18 -13.87 10.39
C LYS A 31 9.09 -14.57 9.39
N LYS A 32 8.70 -14.54 8.12
CA LYS A 32 9.48 -15.17 7.06
C LYS A 32 10.13 -14.11 6.17
N ASP A 33 10.96 -14.58 5.24
CA ASP A 33 11.65 -13.67 4.32
C ASP A 33 11.28 -13.98 2.87
N PRO A 34 10.25 -13.28 2.37
CA PRO A 34 9.77 -13.47 0.99
C PRO A 34 10.76 -12.95 -0.04
N GLY A 35 11.52 -11.93 0.34
CA GLY A 35 12.51 -11.35 -0.57
C GLY A 35 12.62 -9.86 -0.42
N ASN A 36 13.73 -9.29 -0.89
CA ASN A 36 13.96 -7.86 -0.79
C ASN A 36 13.02 -7.09 -1.72
N GLU A 37 12.60 -7.75 -2.80
CA GLU A 37 11.69 -7.14 -3.76
C GLU A 37 10.43 -6.63 -3.07
N VAL A 38 9.71 -7.53 -2.40
CA VAL A 38 8.48 -7.18 -1.71
C VAL A 38 8.77 -6.22 -0.56
N LYS A 39 9.68 -6.60 0.32
CA LYS A 39 10.04 -5.77 1.46
C LYS A 39 10.31 -4.33 1.02
N LEU A 40 10.63 -4.16 -0.25
CA LEU A 40 10.92 -2.83 -0.80
C LEU A 40 9.64 -2.19 -1.34
N LYS A 41 8.82 -2.98 -2.01
CA LYS A 41 7.56 -2.49 -2.57
C LYS A 41 6.62 -2.02 -1.47
N LEU A 42 6.76 -2.60 -0.29
CA LEU A 42 5.93 -2.24 0.85
C LEU A 42 6.41 -0.95 1.49
N TYR A 43 7.72 -0.72 1.44
CA TYR A 43 8.31 0.48 2.02
C TYR A 43 8.15 1.67 1.07
N ALA A 44 8.24 1.41 -0.23
CA ALA A 44 8.11 2.45 -1.24
C ALA A 44 6.79 3.19 -1.08
N LEU A 45 5.71 2.44 -0.94
CA LEU A 45 4.37 3.03 -0.79
C LEU A 45 4.24 3.73 0.56
N TYR A 46 4.66 3.04 1.62
CA TYR A 46 4.59 3.60 2.96
C TYR A 46 5.06 5.05 2.97
N LYS A 47 6.29 5.27 2.52
CA LYS A 47 6.86 6.61 2.47
C LYS A 47 6.14 7.47 1.44
N GLN A 48 5.38 6.83 0.56
CA GLN A 48 4.64 7.55 -0.47
C GLN A 48 3.27 7.98 0.04
N ALA A 49 2.73 7.22 0.99
CA ALA A 49 1.43 7.53 1.56
C ALA A 49 1.57 8.27 2.89
N THR A 50 2.79 8.71 3.18
CA THR A 50 3.06 9.43 4.42
C THR A 50 3.88 10.69 4.16
N GLU A 51 4.91 10.56 3.34
CA GLU A 51 5.77 11.69 3.00
C GLU A 51 5.47 12.20 1.59
N GLY A 52 5.15 11.28 0.69
CA GLY A 52 4.85 11.65 -0.69
C GLY A 52 5.89 11.14 -1.67
N PRO A 53 6.14 11.92 -2.72
CA PRO A 53 7.11 11.56 -3.76
C PRO A 53 8.55 11.62 -3.25
N CYS A 54 9.36 10.64 -3.65
CA CYS A 54 10.75 10.59 -3.24
C CYS A 54 11.44 11.95 -3.42
N ASN A 55 11.65 12.64 -2.31
CA ASN A 55 12.30 13.95 -2.34
C ASN A 55 13.60 13.95 -1.55
N MET A 56 14.13 12.75 -1.31
CA MET A 56 15.38 12.61 -0.56
C MET A 56 16.58 12.53 -1.51
N PRO A 57 17.76 12.87 -0.99
CA PRO A 57 19.01 12.85 -1.77
C PRO A 57 19.46 11.43 -2.10
N LYS A 58 19.85 11.21 -3.35
CA LYS A 58 20.30 9.89 -3.79
C LYS A 58 21.50 9.43 -2.96
N PRO A 59 21.38 8.24 -2.35
CA PRO A 59 22.45 7.66 -1.53
C PRO A 59 23.65 7.23 -2.36
N GLY A 60 24.75 6.90 -1.68
CA GLY A 60 25.95 6.48 -2.38
C GLY A 60 26.03 4.97 -2.55
N VAL A 61 26.72 4.53 -3.58
CA VAL A 61 26.86 3.10 -3.85
C VAL A 61 27.23 2.33 -2.58
N PHE A 62 28.26 2.80 -1.89
CA PHE A 62 28.70 2.17 -0.66
C PHE A 62 27.52 1.79 0.22
N ASP A 63 26.47 2.60 0.15
CA ASP A 63 25.26 2.35 0.94
C ASP A 63 24.19 1.64 0.12
N LEU A 64 24.47 0.39 -0.23
CA LEU A 64 23.54 -0.40 -1.03
C LEU A 64 22.18 -0.47 -0.35
N ILE A 65 22.18 -0.64 0.97
CA ILE A 65 20.94 -0.72 1.73
C ILE A 65 19.99 0.41 1.35
N ASN A 66 20.47 1.65 1.49
CA ASN A 66 19.67 2.82 1.16
C ASN A 66 19.36 2.88 -0.34
N LYS A 67 20.41 2.69 -1.15
CA LYS A 67 20.25 2.71 -2.60
C LYS A 67 19.12 1.81 -3.04
N ALA A 68 18.95 0.69 -2.34
CA ALA A 68 17.88 -0.26 -2.67
C ALA A 68 16.51 0.36 -2.45
N LYS A 69 16.34 1.06 -1.33
CA LYS A 69 15.08 1.70 -1.00
C LYS A 69 14.84 2.91 -1.90
N TRP A 70 15.86 3.74 -2.04
CA TRP A 70 15.75 4.94 -2.88
C TRP A 70 15.12 4.61 -4.23
N ASP A 71 15.46 3.45 -4.77
CA ASP A 71 14.92 3.02 -6.06
C ASP A 71 13.49 2.52 -5.91
N ALA A 72 13.15 2.06 -4.71
CA ALA A 72 11.81 1.56 -4.43
C ALA A 72 10.83 2.70 -4.22
N TRP A 73 11.25 3.70 -3.46
CA TRP A 73 10.41 4.86 -3.17
C TRP A 73 10.42 5.84 -4.34
N ASN A 74 11.54 5.90 -5.05
CA ASN A 74 11.69 6.80 -6.19
C ASN A 74 10.82 6.34 -7.36
N ALA A 75 10.96 5.06 -7.72
CA ALA A 75 10.19 4.50 -8.81
C ALA A 75 8.77 5.06 -8.85
N LEU A 76 8.17 5.21 -7.67
CA LEU A 76 6.82 5.74 -7.57
C LEU A 76 6.70 7.06 -8.32
N GLY A 77 7.60 7.99 -8.01
CA GLY A 77 7.56 9.29 -8.66
C GLY A 77 6.63 10.27 -7.98
N SER A 78 5.77 10.91 -8.76
CA SER A 78 4.83 11.88 -8.22
C SER A 78 3.55 11.20 -7.76
N LEU A 79 3.68 9.93 -7.37
CA LEU A 79 2.53 9.16 -6.91
C LEU A 79 1.91 9.80 -5.65
N PRO A 80 0.61 10.11 -5.73
CA PRO A 80 -0.12 10.73 -4.62
C PRO A 80 -0.32 9.77 -3.46
N LYS A 81 -0.48 10.32 -2.26
CA LYS A 81 -0.68 9.51 -1.07
C LYS A 81 -1.93 8.63 -1.20
N GLU A 82 -3.00 9.23 -1.71
CA GLU A 82 -4.25 8.51 -1.90
C GLU A 82 -4.02 7.15 -2.54
N ALA A 83 -3.50 7.16 -3.77
CA ALA A 83 -3.22 5.92 -4.49
C ALA A 83 -2.17 5.09 -3.77
N ALA A 84 -1.14 5.74 -3.27
CA ALA A 84 -0.06 5.05 -2.55
C ALA A 84 -0.64 4.10 -1.49
N ARG A 85 -1.56 4.62 -0.68
CA ARG A 85 -2.19 3.83 0.36
C ARG A 85 -2.90 2.61 -0.23
N GLN A 86 -3.56 2.81 -1.37
CA GLN A 86 -4.28 1.74 -2.03
C GLN A 86 -3.32 0.65 -2.51
N ASN A 87 -2.19 1.06 -3.07
CA ASN A 87 -1.19 0.13 -3.57
C ASN A 87 -0.64 -0.73 -2.43
N TYR A 88 -0.23 -0.07 -1.35
CA TYR A 88 0.32 -0.78 -0.20
C TYR A 88 -0.62 -1.88 0.26
N VAL A 89 -1.81 -1.49 0.71
CA VAL A 89 -2.80 -2.44 1.18
C VAL A 89 -3.07 -3.52 0.13
N ASP A 90 -3.36 -3.08 -1.09
CA ASP A 90 -3.64 -4.00 -2.18
C ASP A 90 -2.63 -5.14 -2.21
N LEU A 91 -1.37 -4.82 -1.91
CA LEU A 91 -0.31 -5.80 -1.90
C LEU A 91 -0.44 -6.74 -0.70
N VAL A 92 -0.45 -6.16 0.50
CA VAL A 92 -0.59 -6.93 1.73
C VAL A 92 -1.70 -7.97 1.61
N SER A 93 -2.76 -7.61 0.91
CA SER A 93 -3.89 -8.51 0.71
C SER A 93 -3.51 -9.70 -0.16
N SER A 94 -2.58 -9.46 -1.08
CA SER A 94 -2.12 -10.52 -1.98
C SER A 94 -1.44 -11.65 -1.21
N LEU A 95 -0.68 -11.28 -0.19
CA LEU A 95 0.01 -12.26 0.63
C LEU A 95 -0.92 -12.86 1.68
N SER A 96 -1.46 -12.01 2.53
CA SER A 96 -2.38 -12.46 3.58
C SER A 96 -3.30 -13.56 3.07
N PRO A 97 -3.26 -14.72 3.74
CA PRO A 97 -4.08 -15.87 3.37
C PRO A 97 -5.57 -15.64 3.65
N SER A 98 -5.87 -15.21 4.87
CA SER A 98 -7.25 -14.96 5.26
C SER A 98 -7.30 -14.24 6.61
N LEU A 99 -7.83 -13.02 6.60
CA LEU A 99 -7.94 -12.22 7.81
C LEU A 99 -9.34 -11.62 7.95
N GLU A 100 -9.57 -10.93 9.05
CA GLU A 100 -10.87 -10.30 9.30
C GLU A 100 -10.79 -8.79 9.11
N SER A 101 -11.94 -8.13 9.10
CA SER A 101 -12.00 -6.69 8.93
C SER A 101 -13.25 -6.10 9.61
N SER A 102 -13.23 -4.80 9.81
CA SER A 102 -14.36 -4.11 10.46
C SER A 102 -15.52 -3.96 9.49
N SER A 103 -16.69 -4.42 9.91
CA SER A 103 -17.89 -4.34 9.07
C SER A 103 -18.67 -3.05 9.37
N GLN A 104 -18.81 -2.74 10.65
CA GLN A 104 -19.53 -1.53 11.06
C GLN A 104 -18.64 -0.31 10.99
N VAL A 105 -19.19 0.80 10.52
CA VAL A 105 -18.43 2.05 10.39
C VAL A 105 -19.08 3.16 11.20
N GLU A 106 -18.29 3.79 12.07
CA GLU A 106 -18.79 4.88 12.90
C GLU A 106 -18.81 6.19 12.12
N PRO A 107 -19.89 6.96 12.31
CA PRO A 107 -20.06 8.26 11.64
C PRO A 107 -19.10 9.31 12.16
N GLY A 108 -18.22 8.91 13.07
CA GLY A 108 -17.25 9.84 13.64
C GLY A 108 -16.78 10.86 12.63
N THR A 109 -16.96 12.14 12.97
CA THR A 109 -16.55 13.22 12.08
C THR A 109 -15.05 13.46 12.16
N ASP A 110 -14.50 14.07 11.12
CA ASP A 110 -13.06 14.35 11.05
C ASP A 110 -12.79 15.56 10.16
N SER A 111 -11.86 16.40 10.59
CA SER A 111 -11.49 17.59 9.83
C SER A 111 -10.09 17.45 9.24
N GLY A 112 -9.76 18.34 8.30
CA GLY A 112 -8.46 18.30 7.67
C GLY A 112 -7.56 19.43 8.12
N PRO A 113 -6.31 19.10 8.48
CA PRO A 113 -5.33 20.09 8.93
C PRO A 113 -4.87 21.02 7.82
N SER A 114 -4.72 22.30 8.14
CA SER A 114 -4.29 23.29 7.15
C SER A 114 -2.84 23.70 7.40
N SER A 115 -2.56 24.16 8.61
CA SER A 115 -1.22 24.59 8.97
C SER A 115 -0.56 23.60 9.93
N GLY A 116 0.44 22.87 9.42
CA GLY A 116 1.13 21.90 10.24
C GLY A 116 0.74 20.48 9.90
N GLY A 1 -36.95 -23.29 2.95
CA GLY A 1 -35.91 -24.28 2.74
C GLY A 1 -34.73 -24.08 3.67
N SER A 2 -33.62 -23.58 3.12
CA SER A 2 -32.42 -23.36 3.91
C SER A 2 -31.40 -22.51 3.13
N SER A 3 -31.13 -21.31 3.62
CA SER A 3 -30.20 -20.41 2.97
C SER A 3 -29.19 -19.86 3.98
N GLY A 4 -27.95 -19.67 3.53
CA GLY A 4 -26.92 -19.15 4.41
C GLY A 4 -25.77 -18.51 3.63
N SER A 5 -26.05 -17.36 3.02
CA SER A 5 -25.03 -16.66 2.23
C SER A 5 -25.14 -15.15 2.45
N SER A 6 -24.15 -14.59 3.12
CA SER A 6 -24.13 -13.16 3.40
C SER A 6 -22.72 -12.68 3.72
N GLY A 7 -22.46 -11.39 3.53
CA GLY A 7 -21.16 -10.83 3.80
C GLY A 7 -20.42 -10.42 2.54
N MET A 8 -20.88 -9.34 1.92
CA MET A 8 -20.26 -8.84 0.70
C MET A 8 -19.53 -7.52 0.95
N ASN A 9 -18.80 -7.05 -0.05
CA ASN A 9 -18.05 -5.81 0.07
C ASN A 9 -18.54 -4.78 -0.97
N ARG A 10 -18.97 -3.63 -0.49
CA ARG A 10 -19.46 -2.57 -1.37
C ARG A 10 -18.36 -1.54 -1.63
N THR A 11 -17.11 -1.99 -1.64
CA THR A 11 -15.98 -1.11 -1.88
C THR A 11 -15.51 -1.20 -3.32
N ALA A 12 -15.55 -0.07 -4.02
CA ALA A 12 -15.13 -0.01 -5.42
C ALA A 12 -13.61 0.01 -5.53
N MET A 13 -13.00 -1.16 -5.39
CA MET A 13 -11.55 -1.29 -5.48
C MET A 13 -10.86 -0.05 -4.90
N ARG A 14 -11.21 0.29 -3.66
CA ARG A 14 -10.63 1.44 -2.99
C ARG A 14 -10.35 1.13 -1.52
N ALA A 15 -9.19 1.57 -1.05
CA ALA A 15 -8.81 1.34 0.33
C ALA A 15 -8.83 2.64 1.14
N SER A 16 -8.45 2.57 2.40
CA SER A 16 -8.43 3.74 3.28
C SER A 16 -7.32 3.63 4.31
N GLN A 17 -7.19 4.66 5.14
CA GLN A 17 -6.18 4.68 6.19
C GLN A 17 -6.25 3.43 7.05
N LYS A 18 -7.44 3.16 7.59
CA LYS A 18 -7.64 1.99 8.44
C LYS A 18 -7.10 0.73 7.77
N ASP A 19 -7.51 0.49 6.53
CA ASP A 19 -7.06 -0.67 5.79
C ASP A 19 -5.53 -0.74 5.76
N PHE A 20 -4.90 0.41 5.60
CA PHE A 20 -3.45 0.48 5.55
C PHE A 20 -2.83 0.07 6.89
N GLU A 21 -3.18 0.79 7.94
CA GLU A 21 -2.67 0.49 9.28
C GLU A 21 -2.83 -0.99 9.60
N ASN A 22 -3.76 -1.64 8.92
CA ASN A 22 -4.01 -3.07 9.14
C ASN A 22 -3.09 -3.91 8.27
N SER A 23 -2.94 -3.52 7.01
CA SER A 23 -2.09 -4.24 6.07
C SER A 23 -0.65 -4.27 6.55
N MET A 24 -0.12 -3.09 6.88
CA MET A 24 1.25 -2.97 7.36
C MET A 24 1.48 -3.86 8.57
N ASN A 25 0.46 -3.96 9.42
CA ASN A 25 0.56 -4.77 10.63
C ASN A 25 0.78 -6.24 10.29
N GLN A 26 -0.05 -6.76 9.39
CA GLN A 26 0.06 -8.15 8.97
C GLN A 26 1.48 -8.49 8.54
N VAL A 27 2.08 -7.61 7.74
CA VAL A 27 3.44 -7.81 7.26
C VAL A 27 4.42 -7.90 8.42
N LYS A 28 4.13 -7.16 9.49
CA LYS A 28 4.99 -7.15 10.66
C LYS A 28 4.66 -8.32 11.58
N LEU A 29 3.50 -8.95 11.35
CA LEU A 29 3.07 -10.08 12.16
C LEU A 29 3.84 -11.34 11.80
N LEU A 30 4.02 -11.58 10.49
CA LEU A 30 4.74 -12.75 10.02
C LEU A 30 6.20 -12.70 10.47
N LYS A 31 6.83 -13.87 10.52
CA LYS A 31 8.23 -13.97 10.94
C LYS A 31 9.07 -14.63 9.85
N LYS A 32 8.45 -14.91 8.71
CA LYS A 32 9.15 -15.53 7.59
C LYS A 32 9.45 -14.52 6.50
N ASP A 33 10.67 -13.98 6.52
CA ASP A 33 11.09 -13.00 5.54
C ASP A 33 10.78 -13.48 4.12
N PRO A 34 9.91 -12.75 3.42
CA PRO A 34 9.51 -13.09 2.05
C PRO A 34 10.64 -12.87 1.05
N GLY A 35 11.28 -11.70 1.13
CA GLY A 35 12.38 -11.39 0.23
C GLY A 35 12.60 -9.90 0.08
N ASN A 36 13.87 -9.49 0.07
CA ASN A 36 14.22 -8.08 -0.06
C ASN A 36 13.43 -7.44 -1.20
N GLU A 37 12.95 -8.27 -2.12
CA GLU A 37 12.19 -7.79 -3.27
C GLU A 37 10.92 -7.08 -2.82
N VAL A 38 10.17 -7.74 -1.94
CA VAL A 38 8.92 -7.17 -1.43
C VAL A 38 9.18 -6.18 -0.30
N LYS A 39 10.16 -6.50 0.55
CA LYS A 39 10.52 -5.64 1.66
C LYS A 39 10.76 -4.21 1.19
N LEU A 40 10.99 -4.06 -0.11
CA LEU A 40 11.24 -2.74 -0.69
C LEU A 40 9.96 -2.13 -1.24
N LYS A 41 9.13 -2.95 -1.88
CA LYS A 41 7.87 -2.50 -2.44
C LYS A 41 6.94 -2.02 -1.35
N LEU A 42 7.04 -2.62 -0.16
CA LEU A 42 6.21 -2.23 0.96
C LEU A 42 6.65 -0.90 1.55
N TYR A 43 7.95 -0.63 1.49
CA TYR A 43 8.50 0.60 2.01
C TYR A 43 8.29 1.75 1.03
N ALA A 44 8.38 1.45 -0.25
CA ALA A 44 8.19 2.45 -1.29
C ALA A 44 6.86 3.18 -1.13
N LEU A 45 5.80 2.41 -0.90
CA LEU A 45 4.48 2.99 -0.73
C LEU A 45 4.36 3.70 0.62
N TYR A 46 4.85 3.04 1.67
CA TYR A 46 4.80 3.61 3.01
C TYR A 46 5.25 5.07 3.00
N LYS A 47 6.47 5.30 2.53
CA LYS A 47 7.02 6.65 2.46
C LYS A 47 6.25 7.50 1.45
N GLN A 48 5.47 6.84 0.61
CA GLN A 48 4.68 7.54 -0.41
C GLN A 48 3.31 7.92 0.14
N ALA A 49 2.83 7.15 1.11
CA ALA A 49 1.53 7.42 1.73
C ALA A 49 1.68 8.13 3.06
N THR A 50 2.90 8.61 3.34
CA THR A 50 3.18 9.30 4.59
C THR A 50 3.96 10.59 4.33
N GLU A 51 4.85 10.54 3.35
CA GLU A 51 5.67 11.70 3.00
C GLU A 51 5.33 12.20 1.61
N GLY A 52 5.07 11.27 0.69
CA GLY A 52 4.74 11.64 -0.67
C GLY A 52 5.79 11.19 -1.66
N PRO A 53 6.07 12.03 -2.67
CA PRO A 53 7.05 11.73 -3.71
C PRO A 53 8.48 11.75 -3.17
N CYS A 54 9.29 10.81 -3.64
CA CYS A 54 10.69 10.73 -3.21
C CYS A 54 11.36 12.09 -3.27
N ASN A 55 11.57 12.69 -2.10
CA ASN A 55 12.21 14.00 -2.01
C ASN A 55 13.52 13.92 -1.24
N MET A 56 14.02 12.70 -1.06
CA MET A 56 15.26 12.50 -0.33
C MET A 56 16.46 12.50 -1.28
N PRO A 57 17.64 12.79 -0.75
CA PRO A 57 18.88 12.84 -1.54
C PRO A 57 19.33 11.45 -1.98
N LYS A 58 19.70 11.35 -3.26
CA LYS A 58 20.15 10.07 -3.81
C LYS A 58 21.36 9.54 -3.05
N PRO A 59 21.25 8.31 -2.54
CA PRO A 59 22.32 7.66 -1.79
C PRO A 59 23.50 7.28 -2.67
N GLY A 60 24.63 6.98 -2.04
CA GLY A 60 25.83 6.61 -2.78
C GLY A 60 25.87 5.13 -3.08
N VAL A 61 26.47 4.78 -4.22
CA VAL A 61 26.58 3.38 -4.63
C VAL A 61 27.00 2.50 -3.46
N PHE A 62 28.05 2.91 -2.76
CA PHE A 62 28.56 2.16 -1.62
C PHE A 62 27.42 1.74 -0.70
N ASP A 63 26.40 2.59 -0.61
CA ASP A 63 25.24 2.31 0.24
C ASP A 63 24.16 1.55 -0.55
N LEU A 64 24.34 0.24 -0.64
CA LEU A 64 23.38 -0.60 -1.36
C LEU A 64 22.02 -0.60 -0.68
N ILE A 65 22.04 -0.64 0.66
CA ILE A 65 20.81 -0.63 1.44
C ILE A 65 19.94 0.56 1.09
N ASN A 66 20.52 1.76 1.18
CA ASN A 66 19.80 2.99 0.87
C ASN A 66 19.41 3.03 -0.61
N LYS A 67 20.38 2.77 -1.47
CA LYS A 67 20.14 2.78 -2.91
C LYS A 67 18.96 1.88 -3.28
N ALA A 68 18.89 0.73 -2.62
CA ALA A 68 17.80 -0.22 -2.87
C ALA A 68 16.44 0.42 -2.64
N LYS A 69 16.31 1.11 -1.50
CA LYS A 69 15.06 1.78 -1.15
C LYS A 69 14.80 2.97 -2.06
N TRP A 70 15.80 3.84 -2.18
CA TRP A 70 15.67 5.02 -3.04
C TRP A 70 15.02 4.67 -4.37
N ASP A 71 15.42 3.54 -4.94
CA ASP A 71 14.88 3.10 -6.22
C ASP A 71 13.46 2.58 -6.05
N ALA A 72 13.14 2.11 -4.85
CA ALA A 72 11.80 1.58 -4.56
C ALA A 72 10.81 2.72 -4.34
N TRP A 73 11.24 3.75 -3.61
CA TRP A 73 10.39 4.90 -3.33
C TRP A 73 10.41 5.89 -4.49
N ASN A 74 11.57 6.02 -5.14
CA ASN A 74 11.72 6.93 -6.26
C ASN A 74 10.77 6.57 -7.39
N ALA A 75 10.80 5.31 -7.81
CA ALA A 75 9.93 4.84 -8.87
C ALA A 75 8.55 5.46 -8.77
N LEU A 76 7.95 5.38 -7.60
CA LEU A 76 6.61 5.94 -7.37
C LEU A 76 6.46 7.27 -8.09
N GLY A 77 7.35 8.21 -7.80
CA GLY A 77 7.29 9.51 -8.43
C GLY A 77 6.29 10.44 -7.77
N SER A 78 5.44 11.06 -8.57
CA SER A 78 4.43 11.97 -8.05
C SER A 78 3.18 11.22 -7.60
N LEU A 79 3.40 10.02 -7.06
CA LEU A 79 2.30 9.19 -6.57
C LEU A 79 1.67 9.79 -5.32
N PRO A 80 0.37 10.08 -5.39
CA PRO A 80 -0.37 10.65 -4.26
C PRO A 80 -0.56 9.66 -3.12
N LYS A 81 -0.98 10.16 -1.97
CA LYS A 81 -1.20 9.32 -0.79
C LYS A 81 -2.36 8.36 -1.02
N GLU A 82 -3.45 8.88 -1.58
CA GLU A 82 -4.63 8.07 -1.86
C GLU A 82 -4.26 6.77 -2.57
N ALA A 83 -3.51 6.90 -3.66
CA ALA A 83 -3.07 5.74 -4.43
C ALA A 83 -1.97 4.98 -3.70
N ALA A 84 -1.01 5.72 -3.16
CA ALA A 84 0.10 5.11 -2.45
C ALA A 84 -0.39 4.08 -1.43
N ARG A 85 -1.34 4.49 -0.61
CA ARG A 85 -1.91 3.60 0.41
C ARG A 85 -2.50 2.35 -0.22
N GLN A 86 -3.31 2.56 -1.26
CA GLN A 86 -3.94 1.44 -1.95
C GLN A 86 -2.91 0.43 -2.43
N ASN A 87 -1.82 0.93 -3.02
CA ASN A 87 -0.75 0.07 -3.51
C ASN A 87 -0.16 -0.76 -2.39
N TYR A 88 0.01 -0.15 -1.22
CA TYR A 88 0.57 -0.83 -0.06
C TYR A 88 -0.33 -1.98 0.38
N VAL A 89 -1.59 -1.66 0.66
CA VAL A 89 -2.56 -2.66 1.09
C VAL A 89 -2.77 -3.72 0.01
N ASP A 90 -2.82 -3.28 -1.24
CA ASP A 90 -3.02 -4.19 -2.36
C ASP A 90 -2.04 -5.35 -2.30
N LEU A 91 -0.83 -5.07 -1.83
CA LEU A 91 0.20 -6.09 -1.73
C LEU A 91 -0.07 -7.01 -0.55
N VAL A 92 -0.10 -6.44 0.65
CA VAL A 92 -0.35 -7.21 1.86
C VAL A 92 -1.49 -8.20 1.66
N SER A 93 -2.48 -7.81 0.86
CA SER A 93 -3.63 -8.66 0.59
C SER A 93 -3.21 -9.88 -0.23
N SER A 94 -2.25 -9.68 -1.14
CA SER A 94 -1.77 -10.76 -1.99
C SER A 94 -1.27 -11.92 -1.16
N LEU A 95 -0.51 -11.61 -0.11
CA LEU A 95 0.04 -12.63 0.78
C LEU A 95 -1.08 -13.38 1.51
N SER A 96 -2.12 -12.65 1.88
CA SER A 96 -3.26 -13.24 2.58
C SER A 96 -4.23 -13.87 1.60
N PRO A 97 -4.93 -14.92 2.06
CA PRO A 97 -5.92 -15.64 1.24
C PRO A 97 -7.16 -14.81 0.97
N SER A 98 -7.63 -14.09 1.99
CA SER A 98 -8.81 -13.25 1.87
C SER A 98 -9.05 -12.46 3.14
N LEU A 99 -9.52 -11.22 2.98
CA LEU A 99 -9.79 -10.35 4.11
C LEU A 99 -11.09 -9.57 3.90
N GLU A 100 -11.80 -9.31 5.00
CA GLU A 100 -13.05 -8.56 4.93
C GLU A 100 -13.32 -7.83 6.24
N SER A 101 -13.81 -6.60 6.14
CA SER A 101 -14.11 -5.80 7.31
C SER A 101 -15.18 -4.76 7.01
N SER A 102 -15.71 -4.13 8.05
CA SER A 102 -16.76 -3.13 7.90
C SER A 102 -16.17 -1.82 7.38
N SER A 103 -16.72 -1.33 6.27
CA SER A 103 -16.26 -0.09 5.67
C SER A 103 -17.42 0.72 5.11
N GLN A 104 -17.26 2.04 5.07
CA GLN A 104 -18.30 2.92 4.55
C GLN A 104 -17.70 4.01 3.65
N VAL A 105 -18.36 4.26 2.53
CA VAL A 105 -17.90 5.27 1.59
C VAL A 105 -18.35 6.66 2.01
N GLU A 106 -17.44 7.63 1.91
CA GLU A 106 -17.75 9.00 2.28
C GLU A 106 -17.58 9.94 1.09
N PRO A 107 -18.27 11.09 1.14
CA PRO A 107 -18.21 12.09 0.06
C PRO A 107 -16.85 12.79 0.00
N GLY A 108 -16.22 12.75 -1.18
CA GLY A 108 -14.94 13.38 -1.36
C GLY A 108 -13.86 12.39 -1.78
N THR A 109 -14.02 11.82 -2.96
CA THR A 109 -13.05 10.85 -3.47
C THR A 109 -12.25 11.44 -4.63
N ASP A 110 -11.19 12.15 -4.30
CA ASP A 110 -10.34 12.77 -5.32
C ASP A 110 -9.97 11.75 -6.40
N SER A 111 -9.47 10.60 -5.96
CA SER A 111 -9.07 9.54 -6.89
C SER A 111 -10.14 8.46 -6.98
N GLY A 112 -11.13 8.68 -7.84
CA GLY A 112 -12.20 7.71 -7.99
C GLY A 112 -12.16 7.03 -9.35
N PRO A 113 -12.85 7.63 -10.33
CA PRO A 113 -12.91 7.08 -11.70
C PRO A 113 -11.57 7.19 -12.42
N SER A 114 -10.58 7.76 -11.75
CA SER A 114 -9.25 7.92 -12.33
C SER A 114 -9.26 9.03 -13.38
N SER A 115 -9.74 10.20 -12.99
CA SER A 115 -9.81 11.34 -13.90
C SER A 115 -9.20 12.58 -13.26
N GLY A 116 -8.59 13.43 -14.08
CA GLY A 116 -7.98 14.65 -13.57
C GLY A 116 -8.75 15.89 -13.99
N GLY A 1 -20.79 -26.98 -29.77
CA GLY A 1 -20.83 -25.53 -29.61
C GLY A 1 -21.81 -25.10 -28.54
N SER A 2 -22.42 -23.94 -28.73
CA SER A 2 -23.38 -23.42 -27.76
C SER A 2 -22.83 -23.51 -26.34
N SER A 3 -21.56 -23.17 -26.18
CA SER A 3 -20.91 -23.22 -24.88
C SER A 3 -20.46 -21.82 -24.44
N GLY A 4 -20.30 -21.64 -23.14
CA GLY A 4 -19.88 -20.35 -22.61
C GLY A 4 -19.60 -20.40 -21.12
N SER A 5 -19.29 -19.25 -20.55
CA SER A 5 -18.99 -19.16 -19.13
C SER A 5 -19.35 -17.78 -18.58
N SER A 6 -19.35 -17.65 -17.25
CA SER A 6 -19.68 -16.39 -16.61
C SER A 6 -18.82 -16.18 -15.36
N GLY A 7 -18.69 -14.92 -14.94
CA GLY A 7 -17.89 -14.62 -13.77
C GLY A 7 -17.64 -13.13 -13.62
N MET A 8 -18.52 -12.45 -12.87
CA MET A 8 -18.39 -11.02 -12.65
C MET A 8 -18.75 -10.65 -11.21
N ASN A 9 -17.91 -9.85 -10.57
CA ASN A 9 -18.15 -9.42 -9.20
C ASN A 9 -17.97 -7.92 -9.05
N ARG A 10 -19.07 -7.19 -9.16
CA ARG A 10 -19.03 -5.73 -9.04
C ARG A 10 -18.54 -5.31 -7.65
N THR A 11 -17.30 -4.86 -7.57
CA THR A 11 -16.72 -4.43 -6.31
C THR A 11 -15.81 -3.22 -6.51
N ALA A 12 -15.83 -2.32 -5.53
CA ALA A 12 -15.00 -1.12 -5.60
C ALA A 12 -13.68 -1.31 -4.85
N MET A 13 -12.63 -0.69 -5.36
CA MET A 13 -11.31 -0.80 -4.75
C MET A 13 -10.90 0.53 -4.10
N ARG A 14 -11.32 0.70 -2.84
CA ARG A 14 -11.00 1.91 -2.11
C ARG A 14 -10.56 1.59 -0.68
N ALA A 15 -9.31 1.91 -0.36
CA ALA A 15 -8.77 1.65 0.97
C ALA A 15 -8.64 2.94 1.77
N SER A 16 -8.79 2.82 3.09
CA SER A 16 -8.69 3.99 3.97
C SER A 16 -7.57 3.81 4.98
N GLN A 17 -7.26 4.88 5.69
CA GLN A 17 -6.20 4.84 6.70
C GLN A 17 -6.30 3.58 7.56
N LYS A 18 -7.46 3.42 8.20
CA LYS A 18 -7.70 2.26 9.06
C LYS A 18 -7.28 0.98 8.36
N ASP A 19 -7.66 0.84 7.09
CA ASP A 19 -7.32 -0.35 6.31
C ASP A 19 -5.81 -0.51 6.19
N PHE A 20 -5.11 0.62 6.06
CA PHE A 20 -3.65 0.60 5.93
C PHE A 20 -3.01 0.02 7.19
N GLU A 21 -3.31 0.61 8.34
CA GLU A 21 -2.76 0.16 9.61
C GLU A 21 -2.93 -1.36 9.76
N ASN A 22 -3.96 -1.89 9.12
CA ASN A 22 -4.24 -3.33 9.18
C ASN A 22 -3.29 -4.11 8.28
N SER A 23 -3.12 -3.62 7.06
CA SER A 23 -2.23 -4.27 6.09
C SER A 23 -0.80 -4.31 6.61
N MET A 24 -0.28 -3.15 6.99
CA MET A 24 1.08 -3.05 7.50
C MET A 24 1.30 -4.02 8.65
N ASN A 25 0.27 -4.18 9.47
CA ASN A 25 0.35 -5.08 10.62
C ASN A 25 0.57 -6.52 10.17
N GLN A 26 -0.24 -6.98 9.21
CA GLN A 26 -0.12 -8.33 8.69
C GLN A 26 1.30 -8.63 8.26
N VAL A 27 1.93 -7.68 7.58
CA VAL A 27 3.30 -7.84 7.12
C VAL A 27 4.25 -8.06 8.28
N LYS A 28 3.96 -7.43 9.41
CA LYS A 28 4.79 -7.57 10.60
C LYS A 28 4.46 -8.86 11.35
N LEU A 29 3.33 -9.46 11.01
CA LEU A 29 2.90 -10.69 11.66
C LEU A 29 3.64 -11.90 11.07
N LEU A 30 3.90 -11.85 9.78
CA LEU A 30 4.60 -12.94 9.10
C LEU A 30 6.08 -12.94 9.47
N LYS A 31 6.64 -14.14 9.66
CA LYS A 31 8.04 -14.28 10.02
C LYS A 31 8.79 -15.07 8.95
N LYS A 32 8.14 -15.30 7.82
CA LYS A 32 8.74 -16.04 6.72
C LYS A 32 9.40 -15.08 5.72
N ASP A 33 10.65 -14.72 5.99
CA ASP A 33 11.38 -13.82 5.11
C ASP A 33 11.03 -14.07 3.65
N PRO A 34 10.12 -13.24 3.11
CA PRO A 34 9.68 -13.36 1.71
C PRO A 34 10.77 -12.96 0.73
N GLY A 35 11.49 -11.89 1.05
CA GLY A 35 12.55 -11.44 0.17
C GLY A 35 12.68 -9.92 0.15
N ASN A 36 13.91 -9.43 0.11
CA ASN A 36 14.16 -8.00 0.09
C ASN A 36 13.39 -7.32 -1.05
N GLU A 37 12.92 -8.13 -2.00
CA GLU A 37 12.16 -7.61 -3.13
C GLU A 37 10.87 -6.95 -2.67
N VAL A 38 10.17 -7.60 -1.74
CA VAL A 38 8.92 -7.07 -1.21
C VAL A 38 9.17 -6.08 -0.08
N LYS A 39 10.11 -6.43 0.80
CA LYS A 39 10.44 -5.58 1.93
C LYS A 39 10.68 -4.14 1.47
N LEU A 40 10.96 -3.97 0.19
CA LEU A 40 11.21 -2.65 -0.37
C LEU A 40 9.92 -2.05 -0.93
N LYS A 41 9.17 -2.85 -1.66
CA LYS A 41 7.91 -2.40 -2.25
C LYS A 41 6.95 -1.92 -1.16
N LEU A 42 7.06 -2.51 0.02
CA LEU A 42 6.20 -2.14 1.14
C LEU A 42 6.64 -0.81 1.75
N TYR A 43 7.92 -0.50 1.61
CA TYR A 43 8.47 0.74 2.15
C TYR A 43 8.26 1.90 1.17
N ALA A 44 8.32 1.60 -0.12
CA ALA A 44 8.12 2.61 -1.15
C ALA A 44 6.79 3.33 -0.96
N LEU A 45 5.74 2.55 -0.71
CA LEU A 45 4.41 3.12 -0.52
C LEU A 45 4.31 3.86 0.82
N TYR A 46 4.77 3.21 1.88
CA TYR A 46 4.73 3.80 3.20
C TYR A 46 5.18 5.26 3.16
N LYS A 47 6.41 5.49 2.72
CA LYS A 47 6.95 6.83 2.62
C LYS A 47 6.21 7.65 1.57
N GLN A 48 5.43 6.96 0.74
CA GLN A 48 4.66 7.63 -0.31
C GLN A 48 3.29 8.07 0.21
N ALA A 49 2.77 7.33 1.18
CA ALA A 49 1.47 7.65 1.77
C ALA A 49 1.62 8.49 3.02
N THR A 50 2.84 8.96 3.28
CA THR A 50 3.12 9.78 4.44
C THR A 50 3.92 11.03 4.07
N GLU A 51 4.96 10.84 3.26
CA GLU A 51 5.80 11.94 2.84
C GLU A 51 5.44 12.38 1.41
N GLY A 52 5.15 11.40 0.56
CA GLY A 52 4.80 11.70 -0.81
C GLY A 52 5.81 11.16 -1.81
N PRO A 53 6.03 11.92 -2.89
CA PRO A 53 6.98 11.53 -3.95
C PRO A 53 8.43 11.59 -3.48
N CYS A 54 9.23 10.62 -3.91
CA CYS A 54 10.64 10.56 -3.53
C CYS A 54 11.31 11.92 -3.71
N ASN A 55 11.54 12.62 -2.61
CA ASN A 55 12.18 13.93 -2.63
C ASN A 55 13.50 13.92 -1.88
N MET A 56 14.06 12.74 -1.70
CA MET A 56 15.33 12.59 -0.99
C MET A 56 16.49 12.50 -1.96
N PRO A 57 17.69 12.86 -1.49
CA PRO A 57 18.91 12.83 -2.30
C PRO A 57 19.35 11.42 -2.63
N LYS A 58 19.82 11.22 -3.87
CA LYS A 58 20.28 9.91 -4.31
C LYS A 58 21.45 9.42 -3.45
N PRO A 59 21.30 8.22 -2.89
CA PRO A 59 22.33 7.61 -2.04
C PRO A 59 23.57 7.20 -2.84
N GLY A 60 24.67 6.95 -2.13
CA GLY A 60 25.89 6.56 -2.79
C GLY A 60 26.01 5.04 -2.95
N VAL A 61 26.68 4.62 -4.01
CA VAL A 61 26.86 3.19 -4.27
C VAL A 61 27.20 2.44 -2.99
N PHE A 62 28.25 2.88 -2.30
CA PHE A 62 28.68 2.25 -1.06
C PHE A 62 27.49 1.92 -0.18
N ASP A 63 26.46 2.75 -0.24
CA ASP A 63 25.26 2.55 0.55
C ASP A 63 24.23 1.71 -0.21
N LEU A 64 24.39 0.39 -0.16
CA LEU A 64 23.48 -0.51 -0.85
C LEU A 64 22.12 -0.55 -0.16
N ILE A 65 22.11 -0.24 1.14
CA ILE A 65 20.88 -0.24 1.91
C ILE A 65 19.96 0.89 1.47
N ASN A 66 20.49 2.11 1.43
CA ASN A 66 19.72 3.28 1.02
C ASN A 66 19.39 3.21 -0.46
N LYS A 67 20.37 2.80 -1.26
CA LYS A 67 20.19 2.70 -2.70
C LYS A 67 19.03 1.77 -3.04
N ALA A 68 18.90 0.69 -2.28
CA ALA A 68 17.83 -0.27 -2.49
C ALA A 68 16.46 0.37 -2.28
N LYS A 69 16.35 1.23 -1.27
CA LYS A 69 15.11 1.91 -0.97
C LYS A 69 14.84 3.04 -1.97
N TRP A 70 15.86 3.84 -2.21
CA TRP A 70 15.73 4.96 -3.14
C TRP A 70 15.04 4.52 -4.43
N ASP A 71 15.46 3.37 -4.96
CA ASP A 71 14.88 2.85 -6.20
C ASP A 71 13.44 2.41 -5.96
N ALA A 72 13.14 2.00 -4.73
CA ALA A 72 11.80 1.57 -4.38
C ALA A 72 10.83 2.74 -4.26
N TRP A 73 11.22 3.74 -3.48
CA TRP A 73 10.39 4.92 -3.28
C TRP A 73 10.41 5.82 -4.52
N ASN A 74 11.58 5.93 -5.14
CA ASN A 74 11.74 6.74 -6.34
C ASN A 74 10.81 6.27 -7.45
N ALA A 75 10.90 4.99 -7.79
CA ALA A 75 10.07 4.40 -8.83
C ALA A 75 8.69 5.04 -8.84
N LEU A 76 7.99 4.97 -7.71
CA LEU A 76 6.65 5.54 -7.61
C LEU A 76 6.56 6.86 -8.37
N GLY A 77 7.43 7.80 -8.03
CA GLY A 77 7.42 9.09 -8.70
C GLY A 77 6.46 10.08 -8.06
N SER A 78 5.62 10.68 -8.88
CA SER A 78 4.65 11.66 -8.39
C SER A 78 3.37 10.97 -7.93
N LEU A 79 3.51 9.77 -7.39
CA LEU A 79 2.37 9.00 -6.91
C LEU A 79 1.70 9.70 -5.72
N PRO A 80 0.39 9.96 -5.86
CA PRO A 80 -0.39 10.62 -4.80
C PRO A 80 -0.59 9.73 -3.58
N LYS A 81 -0.54 10.33 -2.39
CA LYS A 81 -0.72 9.60 -1.16
C LYS A 81 -1.97 8.72 -1.22
N GLU A 82 -3.11 9.34 -1.53
CA GLU A 82 -4.37 8.62 -1.63
C GLU A 82 -4.18 7.29 -2.36
N ALA A 83 -3.42 7.33 -3.45
CA ALA A 83 -3.18 6.14 -4.24
C ALA A 83 -2.17 5.22 -3.55
N ALA A 84 -1.15 5.83 -2.94
CA ALA A 84 -0.13 5.07 -2.24
C ALA A 84 -0.72 4.25 -1.10
N ARG A 85 -1.67 4.85 -0.38
CA ARG A 85 -2.32 4.18 0.74
C ARG A 85 -3.02 2.91 0.27
N GLN A 86 -3.58 2.94 -0.93
CA GLN A 86 -4.28 1.80 -1.49
C GLN A 86 -3.29 0.76 -2.03
N ASN A 87 -2.24 1.25 -2.67
CA ASN A 87 -1.22 0.36 -3.23
C ASN A 87 -0.61 -0.52 -2.16
N TYR A 88 -0.19 0.10 -1.05
CA TYR A 88 0.41 -0.63 0.05
C TYR A 88 -0.49 -1.79 0.49
N VAL A 89 -1.73 -1.48 0.83
CA VAL A 89 -2.69 -2.49 1.27
C VAL A 89 -2.95 -3.50 0.16
N ASP A 90 -3.06 -3.02 -1.07
CA ASP A 90 -3.31 -3.89 -2.21
C ASP A 90 -2.31 -5.04 -2.25
N LEU A 91 -1.06 -4.75 -1.91
CA LEU A 91 -0.01 -5.75 -1.89
C LEU A 91 -0.16 -6.69 -0.70
N VAL A 92 -0.18 -6.11 0.50
CA VAL A 92 -0.33 -6.89 1.72
C VAL A 92 -1.47 -7.91 1.59
N SER A 93 -2.54 -7.50 0.91
CA SER A 93 -3.69 -8.37 0.73
C SER A 93 -3.35 -9.55 -0.19
N SER A 94 -2.40 -9.32 -1.10
CA SER A 94 -1.98 -10.36 -2.03
C SER A 94 -1.30 -11.51 -1.30
N LEU A 95 -0.49 -11.17 -0.30
CA LEU A 95 0.22 -12.16 0.48
C LEU A 95 -0.76 -13.02 1.28
N SER A 96 -1.65 -12.36 2.00
CA SER A 96 -2.64 -13.06 2.83
C SER A 96 -3.60 -13.87 1.94
N PRO A 97 -3.81 -15.14 2.31
CA PRO A 97 -4.71 -16.04 1.57
C PRO A 97 -6.17 -15.65 1.73
N SER A 98 -6.52 -15.13 2.90
CA SER A 98 -7.89 -14.72 3.18
C SER A 98 -7.92 -13.45 4.03
N LEU A 99 -8.86 -12.56 3.74
CA LEU A 99 -9.00 -11.32 4.47
C LEU A 99 -10.41 -10.76 4.36
N GLU A 100 -11.10 -10.65 5.49
CA GLU A 100 -12.46 -10.12 5.50
C GLU A 100 -12.50 -8.68 5.00
N SER A 101 -12.92 -8.51 3.74
CA SER A 101 -13.00 -7.19 3.15
C SER A 101 -13.99 -6.31 3.90
N SER A 102 -13.48 -5.42 4.74
CA SER A 102 -14.32 -4.53 5.52
C SER A 102 -14.11 -3.07 5.09
N SER A 103 -15.19 -2.44 4.62
CA SER A 103 -15.11 -1.05 4.18
C SER A 103 -15.89 -0.15 5.13
N GLN A 104 -15.25 0.96 5.52
CA GLN A 104 -15.87 1.91 6.43
C GLN A 104 -16.07 3.26 5.75
N VAL A 105 -17.26 3.47 5.19
CA VAL A 105 -17.57 4.72 4.51
C VAL A 105 -17.17 5.93 5.35
N GLU A 106 -16.45 6.86 4.73
CA GLU A 106 -16.00 8.06 5.43
C GLU A 106 -15.99 9.27 4.49
N PRO A 107 -16.42 10.41 5.01
CA PRO A 107 -16.47 11.66 4.24
C PRO A 107 -15.09 12.21 3.92
N GLY A 108 -14.99 12.96 2.82
CA GLY A 108 -13.72 13.53 2.42
C GLY A 108 -13.53 13.53 0.92
N THR A 109 -12.28 13.44 0.47
CA THR A 109 -11.96 13.43 -0.94
C THR A 109 -12.85 14.42 -1.70
N ASP A 110 -13.07 15.58 -1.11
CA ASP A 110 -13.90 16.61 -1.74
C ASP A 110 -13.62 16.70 -3.24
N SER A 111 -12.38 16.99 -3.58
CA SER A 111 -11.98 17.11 -4.98
C SER A 111 -10.46 17.25 -5.11
N GLY A 112 -9.97 17.17 -6.35
CA GLY A 112 -8.55 17.28 -6.58
C GLY A 112 -8.17 18.61 -7.18
N PRO A 113 -7.77 19.57 -6.32
CA PRO A 113 -7.37 20.91 -6.76
C PRO A 113 -6.05 20.90 -7.52
N SER A 114 -5.38 19.75 -7.54
CA SER A 114 -4.11 19.62 -8.23
C SER A 114 -4.31 19.59 -9.74
N SER A 115 -3.52 20.37 -10.45
CA SER A 115 -3.61 20.43 -11.91
C SER A 115 -2.24 20.67 -12.53
N GLY A 116 -2.12 20.39 -13.83
CA GLY A 116 -0.86 20.58 -14.51
C GLY A 116 -0.82 19.87 -15.85
N GLY A 1 -10.38 -12.97 -0.61
CA GLY A 1 -11.75 -12.58 -0.84
C GLY A 1 -12.25 -13.01 -2.21
N SER A 2 -12.32 -12.06 -3.13
CA SER A 2 -12.78 -12.35 -4.49
C SER A 2 -11.95 -13.45 -5.13
N SER A 3 -12.61 -14.52 -5.56
CA SER A 3 -11.94 -15.64 -6.18
C SER A 3 -12.85 -16.33 -7.20
N GLY A 4 -12.46 -16.26 -8.47
CA GLY A 4 -13.25 -16.87 -9.53
C GLY A 4 -14.40 -16.00 -9.97
N SER A 5 -14.13 -15.09 -10.89
CA SER A 5 -15.16 -14.18 -11.40
C SER A 5 -14.94 -13.90 -12.88
N SER A 6 -15.86 -13.14 -13.48
CA SER A 6 -15.77 -12.79 -14.89
C SER A 6 -16.60 -11.55 -15.20
N GLY A 7 -16.38 -10.98 -16.38
CA GLY A 7 -17.13 -9.80 -16.78
C GLY A 7 -17.06 -8.70 -15.74
N MET A 8 -15.85 -8.19 -15.50
CA MET A 8 -15.65 -7.12 -14.53
C MET A 8 -15.73 -5.75 -15.19
N ASN A 9 -16.81 -5.03 -14.90
CA ASN A 9 -17.00 -3.70 -15.47
C ASN A 9 -16.61 -2.61 -14.47
N ARG A 10 -15.64 -1.79 -14.86
CA ARG A 10 -15.17 -0.71 -14.00
C ARG A 10 -15.26 -1.10 -12.53
N THR A 11 -14.73 -2.28 -12.20
CA THR A 11 -14.75 -2.78 -10.84
C THR A 11 -13.41 -2.55 -10.15
N ALA A 12 -13.40 -1.67 -9.15
CA ALA A 12 -12.19 -1.36 -8.42
C ALA A 12 -12.46 -1.26 -6.92
N MET A 13 -11.43 -1.51 -6.11
CA MET A 13 -11.57 -1.43 -4.67
C MET A 13 -10.71 -0.32 -4.09
N ARG A 14 -11.33 0.54 -3.27
CA ARG A 14 -10.62 1.66 -2.67
C ARG A 14 -10.27 1.35 -1.21
N ALA A 15 -9.01 1.56 -0.85
CA ALA A 15 -8.54 1.31 0.50
C ALA A 15 -8.51 2.60 1.32
N SER A 16 -8.91 2.50 2.58
CA SER A 16 -8.94 3.66 3.46
C SER A 16 -7.83 3.56 4.51
N GLN A 17 -7.46 4.70 5.08
CA GLN A 17 -6.40 4.76 6.09
C GLN A 17 -6.56 3.61 7.09
N LYS A 18 -7.74 3.50 7.67
CA LYS A 18 -8.02 2.44 8.63
C LYS A 18 -7.59 1.08 8.10
N ASP A 19 -7.98 0.78 6.87
CA ASP A 19 -7.63 -0.49 6.24
C ASP A 19 -6.12 -0.65 6.15
N PHE A 20 -5.42 0.47 5.96
CA PHE A 20 -3.97 0.45 5.86
C PHE A 20 -3.33 -0.02 7.16
N GLU A 21 -3.63 0.68 8.25
CA GLU A 21 -3.08 0.33 9.55
C GLU A 21 -3.12 -1.18 9.78
N ASN A 22 -4.18 -1.81 9.27
CA ASN A 22 -4.33 -3.26 9.41
C ASN A 22 -3.41 -4.01 8.46
N SER A 23 -3.35 -3.56 7.21
CA SER A 23 -2.51 -4.19 6.20
C SER A 23 -1.05 -4.19 6.65
N MET A 24 -0.55 -3.02 7.03
CA MET A 24 0.83 -2.89 7.47
C MET A 24 1.11 -3.81 8.66
N ASN A 25 0.11 -3.98 9.52
CA ASN A 25 0.26 -4.84 10.69
C ASN A 25 0.50 -6.29 10.27
N GLN A 26 -0.32 -6.79 9.36
CA GLN A 26 -0.20 -8.16 8.88
C GLN A 26 1.24 -8.44 8.43
N VAL A 27 1.81 -7.50 7.68
CA VAL A 27 3.18 -7.66 7.19
C VAL A 27 4.18 -7.67 8.34
N LYS A 28 3.76 -7.15 9.49
CA LYS A 28 4.62 -7.11 10.67
C LYS A 28 4.43 -8.35 11.53
N LEU A 29 3.29 -9.00 11.37
CA LEU A 29 2.98 -10.20 12.13
C LEU A 29 3.83 -11.38 11.66
N LEU A 30 3.87 -11.58 10.34
CA LEU A 30 4.65 -12.67 9.77
C LEU A 30 6.13 -12.53 10.11
N LYS A 31 6.73 -13.61 10.60
CA LYS A 31 8.14 -13.61 10.96
C LYS A 31 8.99 -14.17 9.84
N LYS A 32 8.34 -14.58 8.76
CA LYS A 32 9.05 -15.13 7.61
C LYS A 32 9.47 -14.03 6.64
N ASP A 33 10.58 -14.24 5.95
CA ASP A 33 11.09 -13.26 5.00
C ASP A 33 10.76 -13.68 3.57
N PRO A 34 9.86 -12.92 2.93
CA PRO A 34 9.44 -13.19 1.55
C PRO A 34 10.54 -12.92 0.53
N GLY A 35 11.15 -11.74 0.64
CA GLY A 35 12.22 -11.38 -0.27
C GLY A 35 12.46 -9.88 -0.33
N ASN A 36 13.73 -9.48 -0.28
CA ASN A 36 14.08 -8.06 -0.31
C ASN A 36 13.30 -7.34 -1.41
N GLU A 37 12.81 -8.09 -2.39
CA GLU A 37 12.04 -7.52 -3.49
C GLU A 37 10.76 -6.87 -2.97
N VAL A 38 10.04 -7.59 -2.11
CA VAL A 38 8.80 -7.08 -1.55
C VAL A 38 9.06 -6.15 -0.38
N LYS A 39 10.05 -6.49 0.43
CA LYS A 39 10.42 -5.68 1.59
C LYS A 39 10.67 -4.23 1.18
N LEU A 40 10.89 -4.02 -0.10
CA LEU A 40 11.14 -2.67 -0.63
C LEU A 40 9.85 -2.03 -1.11
N LYS A 41 9.03 -2.80 -1.80
CA LYS A 41 7.75 -2.31 -2.32
C LYS A 41 6.85 -1.85 -1.17
N LEU A 42 6.91 -2.56 -0.05
CA LEU A 42 6.10 -2.22 1.11
C LEU A 42 6.56 -0.91 1.74
N TYR A 43 7.85 -0.61 1.58
CA TYR A 43 8.41 0.62 2.13
C TYR A 43 8.25 1.77 1.15
N ALA A 44 8.29 1.46 -0.14
CA ALA A 44 8.15 2.47 -1.18
C ALA A 44 6.83 3.22 -1.04
N LEU A 45 5.75 2.48 -0.85
CA LEU A 45 4.43 3.08 -0.70
C LEU A 45 4.31 3.81 0.63
N TYR A 46 4.73 3.15 1.70
CA TYR A 46 4.68 3.74 3.03
C TYR A 46 5.13 5.20 3.01
N LYS A 47 6.35 5.42 2.55
CA LYS A 47 6.91 6.77 2.47
C LYS A 47 6.13 7.61 1.46
N GLN A 48 5.35 6.95 0.62
CA GLN A 48 4.56 7.64 -0.38
C GLN A 48 3.22 8.10 0.19
N ALA A 49 2.68 7.30 1.10
CA ALA A 49 1.41 7.63 1.74
C ALA A 49 1.61 8.30 3.09
N THR A 50 2.85 8.73 3.34
CA THR A 50 3.18 9.39 4.60
C THR A 50 3.97 10.67 4.36
N GLU A 51 4.99 10.58 3.52
CA GLU A 51 5.82 11.74 3.21
C GLU A 51 5.52 12.27 1.81
N GLY A 52 5.19 11.35 0.89
CA GLY A 52 4.88 11.74 -0.47
C GLY A 52 5.89 11.21 -1.47
N PRO A 53 6.11 11.98 -2.55
CA PRO A 53 7.07 11.60 -3.60
C PRO A 53 8.52 11.68 -3.13
N CYS A 54 9.32 10.70 -3.55
CA CYS A 54 10.72 10.67 -3.16
C CYS A 54 11.39 12.02 -3.37
N ASN A 55 11.63 12.73 -2.27
CA ASN A 55 12.25 14.04 -2.33
C ASN A 55 13.58 14.04 -1.59
N MET A 56 14.14 12.86 -1.39
CA MET A 56 15.42 12.72 -0.70
C MET A 56 16.57 12.57 -1.69
N PRO A 57 17.77 12.96 -1.26
CA PRO A 57 18.98 12.89 -2.10
C PRO A 57 19.42 11.45 -2.34
N LYS A 58 19.68 11.13 -3.61
CA LYS A 58 20.13 9.79 -3.97
C LYS A 58 21.44 9.43 -3.27
N PRO A 59 21.43 8.29 -2.57
CA PRO A 59 22.62 7.81 -1.84
C PRO A 59 23.73 7.35 -2.79
N GLY A 60 24.87 6.99 -2.21
CA GLY A 60 26.00 6.54 -3.00
C GLY A 60 25.99 5.05 -3.22
N VAL A 61 26.51 4.60 -4.36
CA VAL A 61 26.57 3.18 -4.67
C VAL A 61 27.01 2.36 -3.45
N PHE A 62 28.14 2.74 -2.88
CA PHE A 62 28.66 2.04 -1.71
C PHE A 62 27.56 1.77 -0.69
N ASP A 63 26.60 2.68 -0.61
CA ASP A 63 25.49 2.54 0.33
C ASP A 63 24.35 1.74 -0.30
N LEU A 64 24.70 0.68 -1.02
CA LEU A 64 23.71 -0.17 -1.68
C LEU A 64 22.45 -0.28 -0.84
N ILE A 65 22.63 -0.35 0.48
CA ILE A 65 21.50 -0.45 1.40
C ILE A 65 20.47 0.64 1.15
N ASN A 66 20.91 1.89 1.27
CA ASN A 66 20.02 3.03 1.06
C ASN A 66 19.55 3.09 -0.40
N LYS A 67 20.49 2.94 -1.33
CA LYS A 67 20.18 2.97 -2.75
C LYS A 67 19.03 2.02 -3.07
N ALA A 68 19.03 0.86 -2.41
CA ALA A 68 17.99 -0.14 -2.62
C ALA A 68 16.61 0.45 -2.38
N LYS A 69 16.46 1.17 -1.26
CA LYS A 69 15.19 1.79 -0.90
C LYS A 69 14.87 2.96 -1.84
N TRP A 70 15.84 3.84 -2.03
CA TRP A 70 15.66 5.00 -2.90
C TRP A 70 15.03 4.59 -4.22
N ASP A 71 15.52 3.49 -4.81
CA ASP A 71 14.99 3.00 -6.07
C ASP A 71 13.54 2.55 -5.91
N ALA A 72 13.19 2.11 -4.72
CA ALA A 72 11.84 1.65 -4.44
C ALA A 72 10.88 2.82 -4.28
N TRP A 73 11.22 3.74 -3.39
CA TRP A 73 10.39 4.91 -3.14
C TRP A 73 10.42 5.86 -4.33
N ASN A 74 11.54 5.86 -5.05
CA ASN A 74 11.71 6.73 -6.21
C ASN A 74 10.86 6.23 -7.38
N ALA A 75 10.80 4.91 -7.55
CA ALA A 75 10.02 4.32 -8.62
C ALA A 75 8.57 4.79 -8.58
N LEU A 76 8.18 5.40 -7.46
CA LEU A 76 6.82 5.89 -7.30
C LEU A 76 6.63 7.22 -8.03
N GLY A 77 7.63 8.10 -7.90
CA GLY A 77 7.56 9.40 -8.55
C GLY A 77 6.58 10.34 -7.86
N SER A 78 5.79 11.05 -8.66
CA SER A 78 4.81 11.98 -8.13
C SER A 78 3.52 11.27 -7.74
N LEU A 79 3.66 10.07 -7.20
CA LEU A 79 2.50 9.27 -6.79
C LEU A 79 1.85 9.87 -5.55
N PRO A 80 0.55 10.17 -5.65
CA PRO A 80 -0.21 10.74 -4.53
C PRO A 80 -0.43 9.74 -3.41
N LYS A 81 -0.39 10.23 -2.17
CA LYS A 81 -0.57 9.38 -1.00
C LYS A 81 -1.81 8.49 -1.17
N GLU A 82 -2.90 9.09 -1.66
CA GLU A 82 -4.13 8.35 -1.86
C GLU A 82 -3.86 7.01 -2.55
N ALA A 83 -3.18 7.05 -3.68
CA ALA A 83 -2.85 5.84 -4.43
C ALA A 83 -1.84 4.99 -3.67
N ALA A 84 -0.87 5.65 -3.05
CA ALA A 84 0.17 4.95 -2.29
C ALA A 84 -0.45 3.96 -1.31
N ARG A 85 -1.34 4.44 -0.46
CA ARG A 85 -2.00 3.59 0.53
C ARG A 85 -2.72 2.43 -0.15
N GLN A 86 -3.31 2.71 -1.30
CA GLN A 86 -4.03 1.68 -2.05
C GLN A 86 -3.08 0.59 -2.55
N ASN A 87 -1.88 1.01 -2.97
CA ASN A 87 -0.89 0.08 -3.46
C ASN A 87 -0.32 -0.78 -2.33
N TYR A 88 -0.09 -0.15 -1.18
CA TYR A 88 0.44 -0.86 -0.02
C TYR A 88 -0.50 -1.97 0.42
N VAL A 89 -1.74 -1.61 0.69
CA VAL A 89 -2.75 -2.59 1.12
C VAL A 89 -2.96 -3.66 0.06
N ASP A 90 -3.07 -3.24 -1.19
CA ASP A 90 -3.27 -4.17 -2.30
C ASP A 90 -2.28 -5.32 -2.23
N LEU A 91 -1.06 -5.03 -1.79
CA LEU A 91 -0.02 -6.04 -1.68
C LEU A 91 -0.31 -6.98 -0.52
N VAL A 92 -0.34 -6.44 0.69
CA VAL A 92 -0.61 -7.23 1.89
C VAL A 92 -1.75 -8.21 1.66
N SER A 93 -2.74 -7.77 0.88
CA SER A 93 -3.90 -8.61 0.59
C SER A 93 -3.51 -9.78 -0.31
N SER A 94 -2.59 -9.52 -1.23
CA SER A 94 -2.12 -10.56 -2.15
C SER A 94 -1.45 -11.70 -1.40
N LEU A 95 -0.71 -11.34 -0.35
CA LEU A 95 -0.01 -12.34 0.46
C LEU A 95 -1.00 -13.21 1.22
N SER A 96 -1.91 -12.58 1.95
CA SER A 96 -2.91 -13.30 2.74
C SER A 96 -3.63 -14.33 1.86
N PRO A 97 -3.95 -15.49 2.46
CA PRO A 97 -4.65 -16.57 1.77
C PRO A 97 -6.09 -16.22 1.45
N SER A 98 -6.81 -15.77 2.47
CA SER A 98 -8.22 -15.40 2.30
C SER A 98 -8.70 -14.52 3.46
N LEU A 99 -9.35 -13.42 3.12
CA LEU A 99 -9.86 -12.50 4.12
C LEU A 99 -11.07 -11.73 3.60
N GLU A 100 -11.64 -10.87 4.45
CA GLU A 100 -12.80 -10.08 4.08
C GLU A 100 -12.56 -8.60 4.34
N SER A 101 -12.86 -7.76 3.35
CA SER A 101 -12.67 -6.33 3.48
C SER A 101 -13.94 -5.58 3.13
N SER A 102 -14.51 -4.89 4.12
CA SER A 102 -15.74 -4.14 3.92
C SER A 102 -15.65 -2.76 4.58
N SER A 103 -15.93 -1.72 3.80
CA SER A 103 -15.87 -0.35 4.30
C SER A 103 -16.71 0.58 3.43
N GLN A 104 -17.41 1.50 4.08
CA GLN A 104 -18.26 2.45 3.36
C GLN A 104 -17.41 3.55 2.71
N VAL A 105 -16.83 3.23 1.57
CA VAL A 105 -15.99 4.18 0.84
C VAL A 105 -16.79 4.90 -0.23
N GLU A 106 -16.30 6.06 -0.66
CA GLU A 106 -16.97 6.85 -1.68
C GLU A 106 -16.03 7.12 -2.87
N PRO A 107 -16.50 6.79 -4.07
CA PRO A 107 -15.72 6.99 -5.30
C PRO A 107 -15.56 8.47 -5.65
N GLY A 108 -16.47 9.29 -5.16
CA GLY A 108 -16.42 10.71 -5.44
C GLY A 108 -16.40 11.02 -6.92
N THR A 109 -17.26 10.34 -7.68
CA THR A 109 -17.34 10.55 -9.12
C THR A 109 -17.86 11.94 -9.45
N ASP A 110 -19.08 12.23 -9.01
CA ASP A 110 -19.69 13.53 -9.27
C ASP A 110 -19.44 14.49 -8.10
N SER A 111 -19.78 14.03 -6.89
CA SER A 111 -19.59 14.84 -5.70
C SER A 111 -18.11 15.14 -5.46
N GLY A 112 -17.28 14.11 -5.59
CA GLY A 112 -15.86 14.27 -5.39
C GLY A 112 -15.52 14.70 -3.97
N PRO A 113 -14.27 15.17 -3.76
CA PRO A 113 -13.80 15.62 -2.45
C PRO A 113 -14.47 16.91 -2.00
N SER A 114 -14.50 17.89 -2.91
CA SER A 114 -15.10 19.19 -2.60
C SER A 114 -16.52 19.26 -3.15
N SER A 115 -17.51 19.24 -2.26
CA SER A 115 -18.90 19.31 -2.65
C SER A 115 -19.50 20.68 -2.34
N GLY A 116 -18.72 21.73 -2.63
CA GLY A 116 -19.19 23.08 -2.38
C GLY A 116 -20.11 23.59 -3.46
#